data_2ZZD
#
_entry.id   2ZZD
#
_cell.length_a   115.012
_cell.length_b   170.756
_cell.length_c   175.176
_cell.angle_alpha   90.00
_cell.angle_beta   90.00
_cell.angle_gamma   90.00
#
_symmetry.space_group_name_H-M   'P 21 21 21'
#
loop_
_entity.id
_entity.type
_entity.pdbx_description
1 polymer 'Thiocyanate hydrolase subunit alpha'
2 polymer 'Thiocyanate hydrolase subunit beta'
3 polymer 'Thiocyanate hydrolase subunit gamma'
4 non-polymer beta-D-fructofuranose
5 non-polymer 'COBALT (III) ION'
6 non-polymer 'L(+)-TARTARIC ACID'
7 non-polymer beta-D-glucopyranose
8 water water
#
loop_
_entity_poly.entity_id
_entity_poly.type
_entity_poly.pdbx_seq_one_letter_code
_entity_poly.pdbx_strand_id
1 'polypeptide(L)'
;MSDSHHKPVWDRTHHAKMATGIGDPQCFKGMAGKSKFNVGDRVRIKDLPDLFYTRTMTYTRGATGTIVRLVYESPAAEDE
AFGNEENVEWFYSIVFAQKDLWPEYSDTFANDTLETEIPERYLEKA
;
A,D,G,J
2 'polypeptide(L)'
;MSSSIREEVHRHLGTVALMQPALHQQTHAPAPTEITHTLFRAYTRVPHDVGGEADVPIEYHEKEEEIWELNTFATCECLA
WRGVWTAEERRRKQNCDVGQTVYLGMPYYGRWLLTAARILVDKQFVTLTELHNKIVEMRERVASGQGLGEYLPPKAK
;
B,E,H,K
3 'polypeptide(L)'
;MSADHDHDHDHDHDHKPAPMVEEVSDFEILEMAVRELAIEKGLFSAEDHRVWKDYVHTLGPLPAARLVAKAWLDPEYKKL
CIEDGVEASKAVGVNWVTSPPTQFGTPSDYCNLRVLADSPTLKHVVVCTL(CSD)S(CSD)YPRPILGQSPEWYRSPNYR
RRLVRWPRQVLAEFGLQLPSEVQIRVADSNQKTRYIVMPVRPEGTDGWTEDQLAEIVTRDCLIGVAVPKPGITVNAKRPV
LKANRPVHHDH
;
C,F,I,L
#
# COMPACT_ATOMS: atom_id res chain seq x y z
N PRO A 8 -17.99 41.42 -9.93
CA PRO A 8 -17.94 40.56 -8.72
C PRO A 8 -16.86 41.14 -7.83
N VAL A 9 -17.26 41.94 -6.86
CA VAL A 9 -16.30 42.59 -5.97
C VAL A 9 -16.32 42.12 -4.52
N TRP A 10 -15.13 42.03 -3.93
CA TRP A 10 -14.97 41.60 -2.54
C TRP A 10 -14.71 42.77 -1.63
N ASP A 11 -15.44 42.83 -0.53
CA ASP A 11 -15.28 43.91 0.44
C ASP A 11 -14.07 43.57 1.30
N ARG A 12 -12.96 44.28 1.11
CA ARG A 12 -11.77 43.98 1.89
C ARG A 12 -11.58 44.88 3.11
N THR A 13 -12.59 45.69 3.44
CA THR A 13 -12.48 46.57 4.61
C THR A 13 -13.44 46.23 5.74
N HIS A 14 -14.44 45.40 5.47
CA HIS A 14 -15.43 45.02 6.47
C HIS A 14 -14.90 44.54 7.83
N HIS A 15 -14.06 43.50 7.81
CA HIS A 15 -13.53 42.94 9.05
C HIS A 15 -12.72 43.96 9.86
N ALA A 16 -11.78 44.64 9.21
CA ALA A 16 -10.95 45.62 9.89
C ALA A 16 -11.77 46.75 10.49
N LYS A 17 -12.77 47.23 9.75
CA LYS A 17 -13.61 48.32 10.23
C LYS A 17 -14.39 47.91 11.48
N MET A 18 -14.82 46.66 11.49
CA MET A 18 -15.59 46.13 12.59
C MET A 18 -14.76 45.75 13.82
N ALA A 19 -13.56 45.21 13.60
CA ALA A 19 -12.72 44.77 14.72
C ALA A 19 -11.59 45.67 15.20
N THR A 20 -11.20 46.68 14.43
CA THR A 20 -10.10 47.54 14.86
C THR A 20 -10.35 48.20 16.23
N GLY A 21 -9.37 48.06 17.11
CA GLY A 21 -9.45 48.65 18.45
C GLY A 21 -10.33 47.85 19.39
N ILE A 22 -10.88 46.75 18.88
CA ILE A 22 -11.79 45.92 19.65
C ILE A 22 -11.32 44.47 19.77
N GLY A 23 -10.96 43.87 18.63
CA GLY A 23 -10.50 42.50 18.65
C GLY A 23 -11.56 41.52 18.15
N ASP A 24 -11.12 40.29 17.91
CA ASP A 24 -11.97 39.19 17.44
C ASP A 24 -11.64 38.12 18.48
N PRO A 25 -12.66 37.47 19.08
CA PRO A 25 -14.12 37.66 18.94
C PRO A 25 -14.83 38.78 19.69
N GLN A 26 -14.10 39.68 20.34
CA GLN A 26 -14.73 40.79 21.06
C GLN A 26 -15.73 41.58 20.21
N CYS A 27 -15.44 41.70 18.92
CA CYS A 27 -16.29 42.47 18.01
C CYS A 27 -17.68 41.87 17.79
N PHE A 28 -17.89 40.63 18.22
CA PHE A 28 -19.18 39.97 18.07
C PHE A 28 -19.96 39.92 19.37
N LYS A 29 -19.41 40.53 20.42
CA LYS A 29 -20.05 40.52 21.71
C LYS A 29 -21.47 41.08 21.68
N GLY A 30 -22.39 40.37 22.32
CA GLY A 30 -23.78 40.79 22.37
C GLY A 30 -24.64 40.38 21.19
N MET A 31 -24.01 39.89 20.12
CA MET A 31 -24.74 39.52 18.92
C MET A 31 -25.46 38.17 18.93
N ALA A 32 -25.16 37.31 19.90
CA ALA A 32 -25.81 36.01 19.97
C ALA A 32 -27.10 36.01 20.80
N GLY A 33 -27.32 37.09 21.54
CA GLY A 33 -28.51 37.17 22.37
C GLY A 33 -28.34 36.30 23.59
N LYS A 34 -29.44 35.77 24.12
CA LYS A 34 -29.39 34.92 25.31
C LYS A 34 -28.82 33.52 25.06
N SER A 35 -27.88 33.11 25.90
CA SER A 35 -27.27 31.78 25.77
C SER A 35 -28.30 30.73 26.15
N LYS A 36 -28.31 29.64 25.39
CA LYS A 36 -29.25 28.54 25.63
C LYS A 36 -28.84 27.65 26.79
N PHE A 37 -27.55 27.63 27.10
CA PHE A 37 -27.04 26.80 28.18
C PHE A 37 -26.23 27.61 29.19
N ASN A 38 -25.98 27.01 30.35
CA ASN A 38 -25.23 27.67 31.42
C ASN A 38 -24.09 26.82 31.95
N VAL A 39 -23.17 27.48 32.64
CA VAL A 39 -22.04 26.79 33.24
C VAL A 39 -22.60 25.71 34.16
N GLY A 40 -22.06 24.51 34.07
CA GLY A 40 -22.56 23.43 34.91
C GLY A 40 -23.49 22.45 34.22
N ASP A 41 -24.10 22.88 33.11
CA ASP A 41 -25.03 22.03 32.37
C ASP A 41 -24.31 20.85 31.70
N ARG A 42 -25.00 19.72 31.65
CA ARG A 42 -24.47 18.53 31.00
C ARG A 42 -25.06 18.57 29.59
N VAL A 43 -24.21 18.48 28.58
CA VAL A 43 -24.70 18.51 27.20
C VAL A 43 -24.11 17.37 26.37
N ARG A 44 -24.88 16.89 25.40
CA ARG A 44 -24.41 15.84 24.51
C ARG A 44 -24.14 16.51 23.17
N ILE A 45 -23.10 16.04 22.48
CA ILE A 45 -22.72 16.62 21.19
C ILE A 45 -23.49 15.98 20.05
N LYS A 46 -24.26 16.79 19.33
CA LYS A 46 -25.04 16.28 18.22
C LYS A 46 -24.14 15.98 17.02
N ASP A 47 -24.41 14.86 16.36
CA ASP A 47 -23.61 14.47 15.20
C ASP A 47 -24.19 15.12 13.95
N LEU A 48 -24.02 16.43 13.84
CA LEU A 48 -24.50 17.18 12.70
C LEU A 48 -23.69 16.83 11.46
N PRO A 49 -24.29 16.95 10.28
CA PRO A 49 -23.56 16.64 9.04
C PRO A 49 -22.27 17.45 9.01
N ASP A 50 -21.19 16.87 8.52
CA ASP A 50 -19.92 17.58 8.47
C ASP A 50 -19.36 17.77 7.07
N LEU A 51 -20.21 17.62 6.07
CA LEU A 51 -19.77 17.77 4.69
C LEU A 51 -19.03 19.09 4.48
N PHE A 52 -17.90 19.02 3.78
CA PHE A 52 -17.07 20.19 3.46
C PHE A 52 -16.29 20.85 4.59
N TYR A 53 -16.91 21.02 5.76
CA TYR A 53 -16.20 21.66 6.88
C TYR A 53 -16.89 21.56 8.23
N THR A 54 -16.07 21.47 9.27
CA THR A 54 -16.53 21.44 10.66
C THR A 54 -15.31 21.61 11.55
N ARG A 55 -15.52 22.16 12.73
CA ARG A 55 -14.45 22.33 13.69
C ARG A 55 -14.88 21.65 14.99
N THR A 56 -15.88 20.78 14.88
CA THR A 56 -16.35 20.00 16.02
C THR A 56 -15.88 18.58 15.69
N MET A 57 -14.73 18.23 16.25
CA MET A 57 -14.09 16.95 16.02
C MET A 57 -14.98 15.72 16.08
N THR A 58 -14.74 14.80 15.16
CA THR A 58 -15.50 13.57 15.11
C THR A 58 -15.41 12.81 16.43
N TYR A 59 -14.26 12.86 17.08
CA TYR A 59 -14.11 12.13 18.34
C TYR A 59 -15.04 12.59 19.46
N THR A 60 -15.68 13.75 19.31
CA THR A 60 -16.61 14.23 20.34
C THR A 60 -18.08 13.91 20.07
N ARG A 61 -18.40 13.54 18.83
CA ARG A 61 -19.79 13.28 18.45
C ARG A 61 -20.47 12.21 19.32
N GLY A 62 -21.64 12.56 19.86
CA GLY A 62 -22.40 11.64 20.67
C GLY A 62 -21.96 11.53 22.12
N ALA A 63 -20.89 12.22 22.46
CA ALA A 63 -20.37 12.17 23.83
C ALA A 63 -21.01 13.26 24.68
N THR A 64 -21.06 13.01 25.99
CA THR A 64 -21.65 13.96 26.92
C THR A 64 -20.55 14.60 27.76
N GLY A 65 -20.66 15.90 27.98
CA GLY A 65 -19.68 16.62 28.77
C GLY A 65 -20.32 17.69 29.63
N THR A 66 -19.49 18.41 30.38
CA THR A 66 -19.97 19.48 31.26
C THR A 66 -19.49 20.84 30.78
N ILE A 67 -20.40 21.81 30.68
CA ILE A 67 -20.02 23.15 30.27
C ILE A 67 -19.30 23.80 31.46
N VAL A 68 -18.10 24.32 31.23
CA VAL A 68 -17.37 24.96 32.33
C VAL A 68 -17.16 26.46 32.12
N ARG A 69 -17.53 26.95 30.93
CA ARG A 69 -17.39 28.37 30.64
C ARG A 69 -18.06 28.77 29.32
N LEU A 70 -18.67 29.95 29.31
CA LEU A 70 -19.25 30.49 28.10
C LEU A 70 -18.08 31.38 27.73
N VAL A 71 -17.31 30.96 26.73
CA VAL A 71 -16.11 31.69 26.36
C VAL A 71 -16.25 32.99 25.58
N TYR A 72 -17.16 33.04 24.61
CA TYR A 72 -17.37 34.24 23.82
C TYR A 72 -18.47 33.98 22.80
N GLU A 73 -18.76 34.99 21.99
CA GLU A 73 -19.77 34.89 20.95
C GLU A 73 -19.03 35.06 19.63
N SER A 74 -19.45 34.31 18.61
CA SER A 74 -18.79 34.41 17.32
C SER A 74 -19.57 33.66 16.24
N PRO A 75 -19.35 34.00 14.96
CA PRO A 75 -20.08 33.26 13.94
C PRO A 75 -19.49 31.86 14.06
N ALA A 76 -20.24 30.83 13.71
CA ALA A 76 -19.71 29.48 13.78
C ALA A 76 -18.65 29.37 12.68
N ALA A 77 -17.62 28.56 12.89
CA ALA A 77 -16.57 28.43 11.89
C ALA A 77 -17.14 27.90 10.57
N GLU A 78 -18.16 27.06 10.69
CA GLU A 78 -18.82 26.48 9.52
C GLU A 78 -19.35 27.58 8.61
N ASP A 79 -19.64 28.74 9.18
CA ASP A 79 -20.14 29.88 8.41
C ASP A 79 -19.02 30.86 8.07
N GLU A 80 -18.19 31.16 9.06
CA GLU A 80 -17.08 32.09 8.88
C GLU A 80 -16.12 31.65 7.78
N ALA A 81 -15.86 30.34 7.69
CA ALA A 81 -14.94 29.80 6.69
C ALA A 81 -15.46 29.91 5.26
N PHE A 82 -16.72 30.32 5.10
CA PHE A 82 -17.30 30.46 3.77
C PHE A 82 -17.78 31.90 3.53
N GLY A 83 -17.29 32.81 4.38
CA GLY A 83 -17.61 34.22 4.24
C GLY A 83 -18.99 34.64 4.72
N ASN A 84 -19.60 33.81 5.56
CA ASN A 84 -20.94 34.09 6.09
C ASN A 84 -20.85 34.45 7.56
N GLU A 85 -20.96 35.74 7.88
CA GLU A 85 -20.87 36.17 9.27
C GLU A 85 -22.13 36.82 9.84
N GLU A 86 -23.24 36.70 9.13
CA GLU A 86 -24.51 37.28 9.57
C GLU A 86 -25.05 36.71 10.88
N ASN A 87 -24.75 35.45 11.16
CA ASN A 87 -25.24 34.84 12.38
C ASN A 87 -24.13 34.61 13.40
N VAL A 88 -24.41 34.96 14.64
CA VAL A 88 -23.45 34.82 15.73
C VAL A 88 -24.07 33.95 16.83
N GLU A 89 -23.27 33.05 17.40
CA GLU A 89 -23.80 32.21 18.48
C GLU A 89 -22.80 32.05 19.62
N TRP A 90 -23.30 31.53 20.74
CA TRP A 90 -22.46 31.33 21.91
C TRP A 90 -21.54 30.13 21.75
N PHE A 91 -20.30 30.28 22.23
CA PHE A 91 -19.33 29.19 22.21
C PHE A 91 -19.14 28.76 23.65
N TYR A 92 -19.02 27.44 23.85
CA TYR A 92 -18.87 26.88 25.18
C TYR A 92 -17.63 26.00 25.34
N SER A 93 -16.98 26.06 26.49
CA SER A 93 -15.84 25.20 26.73
C SER A 93 -16.44 24.04 27.50
N ILE A 94 -16.23 22.84 26.99
CA ILE A 94 -16.79 21.63 27.56
C ILE A 94 -15.73 20.63 28.02
N VAL A 95 -15.95 20.02 29.18
CA VAL A 95 -15.02 19.03 29.70
C VAL A 95 -15.62 17.64 29.62
N PHE A 96 -14.88 16.72 29.00
CA PHE A 96 -15.29 15.34 28.82
C PHE A 96 -14.41 14.42 29.65
N ALA A 97 -14.98 13.35 30.17
CA ALA A 97 -14.18 12.38 30.91
C ALA A 97 -13.57 11.53 29.80
N GLN A 98 -12.26 11.25 29.89
CA GLN A 98 -11.60 10.46 28.86
C GLN A 98 -12.26 9.11 28.64
N LYS A 99 -12.76 8.48 29.70
CA LYS A 99 -13.40 7.19 29.58
C LYS A 99 -14.66 7.25 28.72
N ASP A 100 -15.24 8.43 28.61
CA ASP A 100 -16.45 8.58 27.81
C ASP A 100 -16.14 8.77 26.31
N LEU A 101 -14.88 9.01 26.01
CA LEU A 101 -14.46 9.20 24.62
C LEU A 101 -13.78 7.96 24.08
N TRP A 102 -12.88 7.38 24.88
CA TRP A 102 -12.13 6.21 24.46
C TRP A 102 -12.47 4.97 25.29
N PRO A 103 -13.11 3.98 24.66
CA PRO A 103 -13.51 2.73 25.32
C PRO A 103 -12.42 2.03 26.12
N GLU A 104 -11.19 2.11 25.62
CA GLU A 104 -10.07 1.46 26.28
C GLU A 104 -9.39 2.21 27.43
N TYR A 105 -9.78 3.45 27.67
CA TYR A 105 -9.13 4.23 28.72
C TYR A 105 -9.12 3.45 30.04
N SER A 106 -7.97 3.45 30.70
CA SER A 106 -7.79 2.73 31.94
C SER A 106 -8.45 3.34 33.18
N ASP A 107 -9.07 2.48 33.99
CA ASP A 107 -9.73 2.91 35.23
C ASP A 107 -8.69 3.46 36.19
N THR A 108 -7.43 3.12 35.99
CA THR A 108 -6.35 3.59 36.84
C THR A 108 -6.24 5.11 36.76
N PHE A 109 -6.52 5.64 35.59
CA PHE A 109 -6.46 7.08 35.33
C PHE A 109 -7.90 7.59 35.22
N ALA A 110 -8.69 7.31 36.25
CA ALA A 110 -10.10 7.68 36.30
C ALA A 110 -10.45 9.17 36.31
N ASN A 111 -9.49 10.04 36.59
CA ASN A 111 -9.80 11.47 36.65
C ASN A 111 -9.42 12.28 35.41
N ASP A 112 -8.78 11.63 34.45
CA ASP A 112 -8.35 12.33 33.22
C ASP A 112 -9.51 12.88 32.39
N THR A 113 -9.29 14.04 31.79
CA THR A 113 -10.31 14.71 31.00
C THR A 113 -9.76 15.37 29.72
N LEU A 114 -10.69 15.89 28.92
CA LEU A 114 -10.36 16.60 27.69
C LEU A 114 -11.29 17.80 27.64
N GLU A 115 -10.72 18.97 27.41
CA GLU A 115 -11.53 20.19 27.33
C GLU A 115 -11.36 20.80 25.95
N THR A 116 -12.48 21.21 25.35
CA THR A 116 -12.43 21.81 24.02
C THR A 116 -13.68 22.68 23.83
N GLU A 117 -13.67 23.52 22.79
CA GLU A 117 -14.80 24.42 22.56
C GLU A 117 -15.75 24.01 21.44
N ILE A 118 -17.04 24.22 21.70
CA ILE A 118 -18.07 23.84 20.75
C ILE A 118 -19.18 24.90 20.69
N PRO A 119 -19.57 25.32 19.48
CA PRO A 119 -20.64 26.32 19.37
C PRO A 119 -22.00 25.71 19.72
N GLU A 120 -22.89 26.57 20.20
CA GLU A 120 -24.23 26.17 20.64
C GLU A 120 -25.02 25.21 19.73
N ARG A 121 -24.91 25.36 18.42
CA ARG A 121 -25.65 24.51 17.49
C ARG A 121 -25.43 22.99 17.66
N TYR A 122 -24.28 22.61 18.21
CA TYR A 122 -23.96 21.20 18.41
C TYR A 122 -24.40 20.63 19.75
N LEU A 123 -24.95 21.47 20.62
CA LEU A 123 -25.34 21.04 21.95
C LEU A 123 -26.82 20.78 22.21
N GLU A 124 -27.09 19.72 22.95
CA GLU A 124 -28.45 19.38 23.36
C GLU A 124 -28.29 19.00 24.82
N LYS A 125 -29.23 19.41 25.66
CA LYS A 125 -29.10 19.07 27.08
C LYS A 125 -29.11 17.55 27.18
N ALA A 126 -28.22 17.02 28.01
CA ALA A 126 -28.11 15.57 28.21
C ALA A 126 -29.33 15.01 28.95
N SER B 3 27.61 4.85 16.70
CA SER B 3 27.85 3.44 16.28
C SER B 3 27.28 3.15 14.89
N SER B 4 28.14 2.66 14.01
CA SER B 4 27.71 2.33 12.65
C SER B 4 26.72 1.18 12.70
N ILE B 5 26.94 0.23 13.61
CA ILE B 5 26.05 -0.91 13.73
C ILE B 5 24.67 -0.47 14.23
N ARG B 6 24.63 0.38 15.26
CA ARG B 6 23.34 0.84 15.77
C ARG B 6 22.60 1.61 14.69
N GLU B 7 23.32 2.41 13.91
CA GLU B 7 22.68 3.17 12.85
C GLU B 7 22.07 2.20 11.85
N GLU B 8 22.75 1.08 11.58
CA GLU B 8 22.21 0.11 10.63
C GLU B 8 20.99 -0.58 11.22
N VAL B 9 21.04 -0.84 12.53
CA VAL B 9 19.93 -1.49 13.21
C VAL B 9 18.68 -0.61 13.14
N HIS B 10 18.86 0.69 13.40
CA HIS B 10 17.73 1.58 13.34
C HIS B 10 17.22 1.77 11.91
N ARG B 11 18.11 1.79 10.93
CA ARG B 11 17.66 1.91 9.55
C ARG B 11 16.84 0.68 9.20
N HIS B 12 17.26 -0.48 9.71
CA HIS B 12 16.56 -1.75 9.45
C HIS B 12 15.15 -1.72 10.04
N LEU B 13 15.02 -1.32 11.30
CA LEU B 13 13.72 -1.27 11.94
C LEU B 13 12.76 -0.35 11.18
N GLY B 14 13.31 0.68 10.56
CA GLY B 14 12.49 1.60 9.81
C GLY B 14 12.13 1.05 8.43
N THR B 15 13.08 0.33 7.84
CA THR B 15 12.89 -0.24 6.52
C THR B 15 11.89 -1.40 6.48
N VAL B 16 11.92 -2.28 7.47
CA VAL B 16 10.98 -3.40 7.44
C VAL B 16 9.51 -2.95 7.48
N ALA B 17 9.26 -1.75 7.99
CA ALA B 17 7.89 -1.25 8.05
C ALA B 17 7.31 -1.13 6.64
N LEU B 18 8.18 -0.86 5.66
CA LEU B 18 7.77 -0.73 4.26
C LEU B 18 7.22 -2.05 3.73
N MET B 19 7.70 -3.14 4.31
CA MET B 19 7.30 -4.49 3.87
C MET B 19 6.15 -5.09 4.67
N GLN B 20 5.55 -4.32 5.57
CA GLN B 20 4.43 -4.81 6.37
C GLN B 20 3.34 -5.34 5.43
N PRO B 21 2.97 -6.62 5.57
CA PRO B 21 1.94 -7.18 4.69
C PRO B 21 0.60 -6.48 4.85
N ALA B 22 -0.13 -6.41 3.74
CA ALA B 22 -1.42 -5.77 3.74
C ALA B 22 -2.27 -6.28 2.59
N LEU B 23 -3.58 -6.08 2.70
CA LEU B 23 -4.49 -6.44 1.63
C LEU B 23 -4.69 -5.05 1.05
N HIS B 24 -4.01 -4.83 -0.08
CA HIS B 24 -4.01 -3.54 -0.77
C HIS B 24 -4.99 -3.50 -1.94
N GLN B 25 -6.10 -2.82 -1.72
CA GLN B 25 -7.16 -2.72 -2.71
C GLN B 25 -7.16 -1.37 -3.43
N GLN B 26 -6.63 -1.33 -4.64
CA GLN B 26 -6.62 -0.09 -5.41
C GLN B 26 -8.07 0.26 -5.74
N THR B 27 -8.40 1.55 -5.67
CA THR B 27 -9.75 1.99 -5.97
C THR B 27 -9.71 2.78 -7.27
N HIS B 28 -10.49 2.35 -8.27
CA HIS B 28 -10.54 3.01 -9.56
C HIS B 28 -11.95 3.44 -9.93
N ALA B 29 -12.42 4.52 -9.31
CA ALA B 29 -13.76 5.04 -9.56
C ALA B 29 -14.83 3.95 -9.43
N PRO B 30 -14.97 3.36 -8.24
CA PRO B 30 -15.95 2.30 -8.00
C PRO B 30 -17.38 2.80 -8.23
N ALA B 31 -18.28 1.87 -8.53
CA ALA B 31 -19.68 2.23 -8.75
C ALA B 31 -20.33 2.58 -7.41
N PRO B 32 -21.45 3.32 -7.44
CA PRO B 32 -22.15 3.72 -6.20
C PRO B 32 -22.50 2.53 -5.32
N THR B 33 -22.71 1.37 -5.94
CA THR B 33 -23.08 0.17 -5.19
C THR B 33 -21.93 -0.38 -4.36
N GLU B 34 -20.73 0.16 -4.57
CA GLU B 34 -19.55 -0.28 -3.84
C GLU B 34 -19.21 0.65 -2.68
N ILE B 35 -19.99 1.71 -2.53
CA ILE B 35 -19.77 2.68 -1.47
C ILE B 35 -20.79 2.50 -0.35
N THR B 36 -20.31 2.06 0.81
CA THR B 36 -21.16 1.85 1.99
C THR B 36 -21.25 3.19 2.71
N HIS B 37 -22.11 3.28 3.72
CA HIS B 37 -22.21 4.54 4.44
C HIS B 37 -20.89 4.82 5.13
N THR B 38 -20.28 3.76 5.67
CA THR B 38 -19.02 3.91 6.36
C THR B 38 -17.97 4.51 5.43
N LEU B 39 -17.89 4.03 4.19
CA LEU B 39 -16.93 4.56 3.24
C LEU B 39 -17.31 5.97 2.81
N PHE B 40 -18.61 6.23 2.64
CA PHE B 40 -19.06 7.56 2.25
C PHE B 40 -18.61 8.57 3.30
N ARG B 41 -18.80 8.26 4.58
CA ARG B 41 -18.39 9.16 5.64
C ARG B 41 -16.87 9.34 5.67
N ALA B 42 -16.14 8.27 5.40
CA ALA B 42 -14.68 8.34 5.41
C ALA B 42 -14.13 9.16 4.24
N TYR B 43 -14.72 9.01 3.07
CA TYR B 43 -14.28 9.76 1.90
C TYR B 43 -14.65 11.23 1.94
N THR B 44 -15.81 11.55 2.52
CA THR B 44 -16.27 12.93 2.60
C THR B 44 -15.86 13.63 3.89
N ARG B 45 -14.99 12.96 4.65
CA ARG B 45 -14.46 13.48 5.90
C ARG B 45 -13.75 14.80 5.62
N VAL B 46 -13.53 15.59 6.67
CA VAL B 46 -12.77 16.83 6.57
C VAL B 46 -11.39 16.32 6.99
N PRO B 47 -10.39 16.35 6.08
CA PRO B 47 -9.03 15.87 6.34
C PRO B 47 -8.31 16.27 7.63
N HIS B 48 -8.53 17.50 8.10
CA HIS B 48 -7.84 17.97 9.29
C HIS B 48 -8.27 17.33 10.61
N ASP B 49 -9.41 16.65 10.60
CA ASP B 49 -9.98 16.03 11.79
C ASP B 49 -9.34 14.65 12.07
N VAL B 50 -8.15 14.66 12.67
CA VAL B 50 -7.42 13.43 12.94
C VAL B 50 -7.34 12.98 14.40
N GLY B 51 -7.85 13.78 15.32
CA GLY B 51 -7.78 13.41 16.72
C GLY B 51 -8.37 12.04 17.03
N GLY B 52 -7.59 11.20 17.70
CA GLY B 52 -8.09 9.88 18.05
C GLY B 52 -7.66 8.76 17.12
N GLU B 53 -7.10 9.11 15.96
CA GLU B 53 -6.62 8.11 15.01
C GLU B 53 -5.38 7.43 15.59
N ALA B 54 -5.27 6.13 15.38
CA ALA B 54 -4.11 5.41 15.87
C ALA B 54 -2.87 5.80 15.10
N ASP B 55 -1.74 5.91 15.80
CA ASP B 55 -0.47 6.25 15.16
C ASP B 55 0.62 5.67 16.07
N VAL B 56 1.84 5.60 15.55
CA VAL B 56 2.95 5.03 16.29
C VAL B 56 3.75 6.09 17.06
N PRO B 57 4.68 5.65 17.94
CA PRO B 57 5.45 6.66 18.66
C PRO B 57 6.56 7.10 17.71
N ILE B 58 6.82 8.41 17.63
CA ILE B 58 7.93 8.86 16.80
C ILE B 58 8.80 9.73 17.68
N GLU B 59 10.10 9.75 17.39
CA GLU B 59 11.00 10.58 18.16
C GLU B 59 10.80 11.99 17.62
N TYR B 60 10.02 12.79 18.34
CA TYR B 60 9.73 14.16 17.91
C TYR B 60 10.96 15.00 17.70
N HIS B 61 10.96 15.78 16.61
CA HIS B 61 12.08 16.65 16.31
C HIS B 61 11.64 18.10 16.15
N GLU B 62 12.60 19.00 16.29
CA GLU B 62 12.37 20.42 16.10
C GLU B 62 12.82 20.56 14.64
N LYS B 63 12.44 21.64 13.98
CA LYS B 63 12.89 21.85 12.61
C LYS B 63 13.20 23.33 12.43
N GLU B 64 14.34 23.61 11.79
CA GLU B 64 14.73 24.98 11.52
C GLU B 64 13.74 25.56 10.52
N GLU B 65 13.45 26.84 10.65
CA GLU B 65 12.52 27.50 9.75
C GLU B 65 13.21 27.91 8.46
N GLU B 66 12.56 27.62 7.33
CA GLU B 66 13.08 28.01 6.02
C GLU B 66 12.71 29.47 5.84
N ILE B 67 13.53 30.20 5.10
CA ILE B 67 13.20 31.60 4.85
C ILE B 67 11.85 31.66 4.14
N TRP B 68 11.61 30.73 3.22
CA TRP B 68 10.35 30.76 2.49
C TRP B 68 9.15 30.48 3.37
N GLU B 69 9.36 29.75 4.47
CA GLU B 69 8.26 29.45 5.37
C GLU B 69 7.89 30.72 6.15
N LEU B 70 8.90 31.48 6.56
CA LEU B 70 8.65 32.71 7.28
C LEU B 70 7.94 33.70 6.36
N ASN B 71 8.37 33.75 5.11
CA ASN B 71 7.76 34.65 4.13
C ASN B 71 6.32 34.24 3.83
N THR B 72 6.07 32.94 3.77
CA THR B 72 4.73 32.43 3.51
C THR B 72 3.78 32.77 4.66
N PHE B 73 4.26 32.59 5.88
CA PHE B 73 3.44 32.88 7.06
C PHE B 73 3.05 34.36 7.05
N ALA B 74 4.02 35.23 6.80
CA ALA B 74 3.75 36.66 6.77
C ALA B 74 2.75 37.01 5.68
N THR B 75 2.91 36.38 4.51
CA THR B 75 2.01 36.63 3.40
C THR B 75 0.58 36.25 3.76
N CYS B 76 0.40 35.10 4.40
CA CYS B 76 -0.92 34.65 4.78
C CYS B 76 -1.58 35.58 5.80
N GLU B 77 -0.82 36.04 6.79
CA GLU B 77 -1.39 36.94 7.78
C GLU B 77 -1.66 38.32 7.18
N CYS B 78 -0.80 38.76 6.26
CA CYS B 78 -1.00 40.06 5.63
C CYS B 78 -2.24 40.05 4.74
N LEU B 79 -2.49 38.92 4.06
CA LEU B 79 -3.67 38.82 3.22
C LEU B 79 -4.92 38.92 4.09
N ALA B 80 -4.85 38.35 5.29
CA ALA B 80 -5.97 38.40 6.22
C ALA B 80 -6.12 39.81 6.80
N TRP B 81 -4.99 40.38 7.21
CA TRP B 81 -4.95 41.72 7.78
C TRP B 81 -5.66 42.69 6.83
N ARG B 82 -5.35 42.56 5.54
CA ARG B 82 -5.93 43.45 4.54
C ARG B 82 -7.25 43.00 3.91
N GLY B 83 -7.93 42.06 4.56
CA GLY B 83 -9.25 41.62 4.09
C GLY B 83 -9.44 40.69 2.91
N VAL B 84 -8.38 40.06 2.41
CA VAL B 84 -8.54 39.13 1.29
C VAL B 84 -9.29 37.89 1.79
N TRP B 85 -9.07 37.54 3.05
CA TRP B 85 -9.73 36.40 3.69
C TRP B 85 -9.60 36.50 5.20
N THR B 86 -10.38 35.68 5.91
CA THR B 86 -10.28 35.62 7.36
C THR B 86 -9.48 34.35 7.57
N ALA B 87 -8.93 34.15 8.76
CA ALA B 87 -8.14 32.96 9.00
C ALA B 87 -8.97 31.69 8.88
N GLU B 88 -10.26 31.78 9.18
CA GLU B 88 -11.10 30.59 9.07
C GLU B 88 -11.26 30.18 7.62
N GLU B 89 -11.36 31.16 6.72
CA GLU B 89 -11.48 30.83 5.31
C GLU B 89 -10.16 30.14 4.91
N ARG B 90 -9.04 30.64 5.42
CA ARG B 90 -7.75 30.02 5.10
C ARG B 90 -7.70 28.57 5.58
N ARG B 91 -8.07 28.33 6.84
CA ARG B 91 -8.04 26.97 7.39
C ARG B 91 -8.85 25.99 6.56
N ARG B 92 -10.07 26.39 6.21
CA ARG B 92 -10.94 25.54 5.42
C ARG B 92 -10.30 25.18 4.07
N LYS B 93 -9.73 26.18 3.40
CA LYS B 93 -9.10 25.94 2.10
C LYS B 93 -7.79 25.16 2.23
N GLN B 94 -7.01 25.51 3.24
CA GLN B 94 -5.69 24.95 3.49
C GLN B 94 -5.61 23.55 4.11
N ASN B 95 -6.43 23.32 5.13
CA ASN B 95 -6.42 22.06 5.86
C ASN B 95 -7.51 21.08 5.48
N CYS B 96 -8.43 21.50 4.62
CA CYS B 96 -9.52 20.61 4.22
C CYS B 96 -9.71 20.50 2.71
N ASP B 97 -9.90 21.63 2.03
CA ASP B 97 -10.10 21.61 0.59
C ASP B 97 -8.97 20.95 -0.21
N VAL B 98 -7.75 20.96 0.32
CA VAL B 98 -6.63 20.36 -0.41
C VAL B 98 -6.80 18.86 -0.64
N GLY B 99 -7.65 18.23 0.17
CA GLY B 99 -7.90 16.81 0.01
C GLY B 99 -6.91 15.93 0.75
N GLN B 100 -7.33 14.70 1.04
CA GLN B 100 -6.55 13.72 1.78
C GLN B 100 -5.09 13.52 1.36
N THR B 101 -4.86 13.27 0.07
CA THR B 101 -3.50 13.01 -0.41
C THR B 101 -2.52 14.15 -0.18
N VAL B 102 -2.86 15.34 -0.66
CA VAL B 102 -1.97 16.49 -0.48
C VAL B 102 -1.87 16.85 1.00
N TYR B 103 -2.97 16.68 1.73
CA TYR B 103 -2.98 17.01 3.15
C TYR B 103 -1.86 16.30 3.94
N LEU B 104 -1.59 15.04 3.62
CA LEU B 104 -0.54 14.31 4.35
C LEU B 104 0.72 14.04 3.53
N GLY B 105 0.65 14.22 2.22
CA GLY B 105 1.80 13.98 1.37
C GLY B 105 2.74 15.16 1.24
N MET B 106 2.18 16.37 1.35
CA MET B 106 2.98 17.58 1.23
C MET B 106 3.31 18.18 2.60
N PRO B 107 4.28 19.11 2.64
CA PRO B 107 4.67 19.72 3.92
C PRO B 107 3.65 20.73 4.42
N TYR B 108 3.66 20.91 5.75
CA TYR B 108 2.81 21.85 6.45
C TYR B 108 2.77 23.22 5.73
N TYR B 109 3.92 23.88 5.64
CA TYR B 109 3.96 25.17 4.99
C TYR B 109 3.77 25.11 3.48
N GLY B 110 3.92 23.92 2.91
CA GLY B 110 3.70 23.77 1.49
C GLY B 110 2.21 24.01 1.23
N ARG B 111 1.38 23.53 2.15
CA ARG B 111 -0.06 23.70 2.04
C ARG B 111 -0.44 25.16 2.30
N TRP B 112 0.22 25.81 3.25
CA TRP B 112 -0.04 27.21 3.53
C TRP B 112 0.21 28.03 2.26
N LEU B 113 1.35 27.77 1.63
CA LEU B 113 1.73 28.50 0.42
C LEU B 113 0.83 28.23 -0.78
N LEU B 114 0.52 26.96 -1.03
CA LEU B 114 -0.36 26.61 -2.13
C LEU B 114 -1.70 27.29 -1.96
N THR B 115 -2.16 27.36 -0.72
CA THR B 115 -3.44 27.96 -0.43
C THR B 115 -3.43 29.48 -0.56
N ALA B 116 -2.26 30.10 -0.33
CA ALA B 116 -2.17 31.54 -0.50
C ALA B 116 -2.31 31.82 -2.00
N ALA B 117 -1.69 30.98 -2.81
CA ALA B 117 -1.78 31.13 -4.27
C ALA B 117 -3.23 30.91 -4.68
N ARG B 118 -3.84 29.92 -4.04
CA ARG B 118 -5.22 29.55 -4.32
C ARG B 118 -6.24 30.67 -4.07
N ILE B 119 -6.13 31.38 -2.94
CA ILE B 119 -7.10 32.45 -2.67
C ILE B 119 -6.98 33.57 -3.70
N LEU B 120 -5.77 33.82 -4.20
CA LEU B 120 -5.59 34.88 -5.20
C LEU B 120 -6.38 34.54 -6.46
N VAL B 121 -6.37 33.26 -6.83
CA VAL B 121 -7.07 32.82 -8.03
C VAL B 121 -8.57 32.65 -7.81
N ASP B 122 -8.96 32.03 -6.70
CA ASP B 122 -10.38 31.81 -6.45
C ASP B 122 -11.18 33.11 -6.29
N LYS B 123 -10.57 34.15 -5.73
CA LYS B 123 -11.27 35.41 -5.56
C LYS B 123 -11.01 36.36 -6.73
N GLN B 124 -10.41 35.81 -7.78
CA GLN B 124 -10.10 36.54 -9.02
C GLN B 124 -9.25 37.79 -8.91
N PHE B 125 -8.35 37.81 -7.92
CA PHE B 125 -7.46 38.95 -7.77
C PHE B 125 -6.36 38.82 -8.83
N VAL B 126 -6.12 37.58 -9.25
CA VAL B 126 -5.17 37.28 -10.33
C VAL B 126 -5.83 36.15 -11.12
N THR B 127 -5.55 36.08 -12.42
CA THR B 127 -6.10 34.99 -13.22
C THR B 127 -5.12 33.84 -13.05
N LEU B 128 -5.55 32.62 -13.34
CA LEU B 128 -4.64 31.50 -13.22
C LEU B 128 -3.49 31.72 -14.21
N THR B 129 -3.82 32.34 -15.33
CA THR B 129 -2.84 32.63 -16.36
C THR B 129 -1.73 33.52 -15.80
N GLU B 130 -2.11 34.53 -15.01
CA GLU B 130 -1.11 35.42 -14.42
C GLU B 130 -0.20 34.65 -13.46
N LEU B 131 -0.76 33.70 -12.73
CA LEU B 131 0.02 32.90 -11.80
C LEU B 131 0.98 32.01 -12.58
N HIS B 132 0.45 31.32 -13.60
CA HIS B 132 1.29 30.46 -14.42
C HIS B 132 2.43 31.27 -15.05
N ASN B 133 2.09 32.43 -15.60
CA ASN B 133 3.10 33.30 -16.23
C ASN B 133 4.16 33.76 -15.23
N LYS B 134 3.72 34.09 -14.01
CA LYS B 134 4.64 34.55 -12.98
C LYS B 134 5.63 33.44 -12.61
N ILE B 135 5.14 32.20 -12.56
CA ILE B 135 6.01 31.07 -12.24
C ILE B 135 7.05 30.88 -13.35
N VAL B 136 6.62 31.01 -14.61
CA VAL B 136 7.54 30.88 -15.73
C VAL B 136 8.62 31.97 -15.62
N GLU B 137 8.20 33.18 -15.36
CA GLU B 137 9.13 34.31 -15.24
C GLU B 137 10.11 34.11 -14.11
N MET B 138 9.63 33.61 -12.97
CA MET B 138 10.49 33.38 -11.82
C MET B 138 11.57 32.34 -12.09
N ARG B 139 11.21 31.27 -12.78
CA ARG B 139 12.16 30.21 -13.11
C ARG B 139 13.21 30.75 -14.08
N GLU B 140 12.80 31.62 -14.99
CA GLU B 140 13.74 32.21 -15.95
C GLU B 140 14.67 33.17 -15.23
N ARG B 141 14.14 33.86 -14.23
CA ARG B 141 14.94 34.82 -13.47
C ARG B 141 16.08 34.06 -12.80
N VAL B 142 15.75 32.94 -12.17
CA VAL B 142 16.73 32.11 -11.49
C VAL B 142 17.78 31.56 -12.45
N ALA B 143 17.31 30.98 -13.55
CA ALA B 143 18.19 30.40 -14.55
C ALA B 143 19.14 31.39 -15.23
N SER B 144 18.73 32.66 -15.32
CA SER B 144 19.54 33.69 -15.97
C SER B 144 20.66 34.28 -15.13
N GLY B 145 20.62 34.06 -13.82
CA GLY B 145 21.64 34.60 -12.94
C GLY B 145 21.25 35.95 -12.37
N GLN B 146 19.99 36.33 -12.58
CA GLN B 146 19.43 37.59 -12.13
C GLN B 146 19.17 37.62 -10.61
N GLY B 147 19.16 36.45 -9.99
CA GLY B 147 18.91 36.36 -8.57
C GLY B 147 17.44 36.17 -8.22
N LEU B 148 17.17 35.74 -6.99
CA LEU B 148 15.81 35.53 -6.54
C LEU B 148 15.63 36.00 -5.10
N GLY B 149 15.24 37.26 -4.94
CA GLY B 149 15.05 37.81 -3.61
C GLY B 149 16.18 37.42 -2.67
N GLU B 150 15.81 37.08 -1.44
CA GLU B 150 16.80 36.70 -0.44
C GLU B 150 17.23 35.24 -0.54
N TYR B 151 16.69 34.51 -1.51
CA TYR B 151 17.03 33.10 -1.67
C TYR B 151 18.29 32.87 -2.48
N LEU B 152 18.53 33.73 -3.47
CA LEU B 152 19.69 33.58 -4.33
C LEU B 152 20.17 34.94 -4.81
N PRO B 153 21.43 35.31 -4.50
CA PRO B 153 21.91 36.60 -4.97
C PRO B 153 22.23 36.59 -6.46
N PRO B 154 22.18 37.76 -7.12
CA PRO B 154 22.49 37.75 -8.55
C PRO B 154 23.87 37.15 -8.67
N LYS B 155 24.15 36.40 -9.72
CA LYS B 155 25.47 35.81 -9.81
C LYS B 155 26.49 36.87 -10.23
N GLU C 23 20.11 24.83 -4.50
CA GLU C 23 19.30 25.23 -5.70
C GLU C 23 17.95 25.72 -5.17
N VAL C 24 17.36 26.75 -5.77
CA VAL C 24 16.08 27.19 -5.26
C VAL C 24 15.03 26.13 -5.55
N SER C 25 14.16 25.90 -4.58
CA SER C 25 13.12 24.88 -4.67
C SER C 25 11.84 25.40 -5.30
N ASP C 26 10.94 24.48 -5.57
CA ASP C 26 9.64 24.83 -6.14
C ASP C 26 8.88 25.72 -5.16
N PHE C 27 9.14 25.52 -3.87
CA PHE C 27 8.48 26.31 -2.84
C PHE C 27 8.96 27.76 -2.85
N GLU C 28 10.27 27.95 -3.03
CA GLU C 28 10.81 29.31 -3.04
C GLU C 28 10.33 30.07 -4.28
N ILE C 29 10.24 29.38 -5.41
CA ILE C 29 9.76 29.98 -6.64
C ILE C 29 8.31 30.43 -6.45
N LEU C 30 7.48 29.55 -5.90
CA LEU C 30 6.08 29.88 -5.69
C LEU C 30 5.88 30.95 -4.62
N GLU C 31 6.73 30.96 -3.58
CA GLU C 31 6.59 31.96 -2.54
C GLU C 31 6.76 33.35 -3.17
N MET C 32 7.82 33.51 -3.95
CA MET C 32 8.10 34.78 -4.62
C MET C 32 6.98 35.17 -5.58
N ALA C 33 6.48 34.19 -6.32
CA ALA C 33 5.41 34.46 -7.27
C ALA C 33 4.16 34.99 -6.57
N VAL C 34 3.78 34.32 -5.48
CA VAL C 34 2.60 34.72 -4.72
C VAL C 34 2.77 36.11 -4.08
N ARG C 35 3.92 36.34 -3.44
CA ARG C 35 4.17 37.62 -2.80
C ARG C 35 4.19 38.76 -3.81
N GLU C 36 4.88 38.56 -4.93
CA GLU C 36 4.95 39.60 -5.94
C GLU C 36 3.57 39.91 -6.53
N LEU C 37 2.78 38.88 -6.82
CA LEU C 37 1.45 39.11 -7.36
C LEU C 37 0.56 39.83 -6.37
N ALA C 38 0.62 39.42 -5.10
CA ALA C 38 -0.21 40.06 -4.08
C ALA C 38 0.11 41.55 -3.95
N ILE C 39 1.40 41.89 -3.99
CA ILE C 39 1.80 43.28 -3.87
C ILE C 39 1.45 44.07 -5.14
N GLU C 40 1.66 43.45 -6.29
CA GLU C 40 1.34 44.10 -7.56
C GLU C 40 -0.16 44.41 -7.69
N LYS C 41 -0.99 43.54 -7.13
CA LYS C 41 -2.44 43.72 -7.19
C LYS C 41 -2.98 44.58 -6.04
N GLY C 42 -2.07 45.07 -5.20
CA GLY C 42 -2.46 45.91 -4.07
C GLY C 42 -3.21 45.24 -2.94
N LEU C 43 -3.02 43.93 -2.77
CA LEU C 43 -3.71 43.20 -1.70
C LEU C 43 -3.10 43.57 -0.36
N PHE C 44 -1.77 43.66 -0.31
CA PHE C 44 -1.06 44.12 0.87
C PHE C 44 0.21 44.78 0.33
N SER C 45 0.82 45.65 1.12
CA SER C 45 2.01 46.36 0.67
C SER C 45 3.31 45.66 1.05
N ALA C 46 4.39 46.08 0.40
CA ALA C 46 5.70 45.51 0.70
C ALA C 46 6.00 45.88 2.15
N GLU C 47 5.57 47.06 2.56
CA GLU C 47 5.78 47.52 3.93
C GLU C 47 5.03 46.59 4.89
N ASP C 48 3.79 46.25 4.55
CA ASP C 48 2.98 45.37 5.38
C ASP C 48 3.73 44.06 5.66
N HIS C 49 4.28 43.47 4.61
CA HIS C 49 5.01 42.20 4.75
C HIS C 49 6.23 42.35 5.66
N ARG C 50 6.98 43.43 5.50
CA ARG C 50 8.16 43.69 6.34
C ARG C 50 7.74 43.84 7.79
N VAL C 51 6.70 44.64 7.98
CA VAL C 51 6.15 44.91 9.30
C VAL C 51 5.71 43.62 9.97
N TRP C 52 5.08 42.72 9.22
CA TRP C 52 4.64 41.48 9.84
C TRP C 52 5.83 40.60 10.22
N LYS C 53 6.81 40.51 9.32
CA LYS C 53 7.99 39.71 9.62
C LYS C 53 8.71 40.27 10.84
N ASP C 54 8.78 41.59 10.94
CA ASP C 54 9.43 42.23 12.09
C ASP C 54 8.68 41.86 13.36
N TYR C 55 7.36 41.90 13.30
CA TYR C 55 6.53 41.55 14.45
C TYR C 55 6.79 40.12 14.90
N VAL C 56 6.76 39.19 13.95
CA VAL C 56 7.00 37.79 14.27
C VAL C 56 8.38 37.61 14.89
N HIS C 57 9.36 38.34 14.39
CA HIS C 57 10.71 38.25 14.91
C HIS C 57 10.79 38.64 16.39
N THR C 58 9.87 39.50 16.85
CA THR C 58 9.87 39.93 18.26
C THR C 58 9.20 38.92 19.19
N LEU C 59 8.51 37.94 18.61
CA LEU C 59 7.80 36.97 19.43
C LEU C 59 8.69 35.89 20.02
N GLY C 60 8.24 35.34 21.14
CA GLY C 60 8.99 34.31 21.82
C GLY C 60 8.28 33.90 23.08
N PRO C 61 8.85 32.97 23.86
CA PRO C 61 8.23 32.49 25.10
C PRO C 61 8.47 33.31 26.36
N LEU C 62 9.34 34.31 26.29
CA LEU C 62 9.64 35.11 27.50
C LEU C 62 8.45 35.79 28.20
N PRO C 63 7.52 36.40 27.44
CA PRO C 63 6.38 37.05 28.12
C PRO C 63 5.49 36.05 28.86
N ALA C 64 5.23 34.90 28.24
CA ALA C 64 4.40 33.88 28.87
C ALA C 64 5.07 33.35 30.14
N ALA C 65 6.38 33.19 30.10
CA ALA C 65 7.12 32.70 31.25
C ALA C 65 7.05 33.74 32.38
N ARG C 66 7.09 35.01 32.02
CA ARG C 66 7.01 36.06 33.03
C ARG C 66 5.62 36.09 33.65
N LEU C 67 4.59 35.79 32.86
CA LEU C 67 3.23 35.77 33.37
C LEU C 67 3.11 34.69 34.44
N VAL C 68 3.70 33.52 34.16
CA VAL C 68 3.65 32.42 35.11
C VAL C 68 4.41 32.79 36.39
N ALA C 69 5.60 33.35 36.25
CA ALA C 69 6.39 33.73 37.42
C ALA C 69 5.64 34.77 38.25
N LYS C 70 5.05 35.76 37.58
CA LYS C 70 4.30 36.79 38.29
C LYS C 70 3.10 36.20 39.02
N ALA C 71 2.45 35.22 38.40
CA ALA C 71 1.31 34.57 39.02
C ALA C 71 1.74 33.80 40.27
N TRP C 72 2.88 33.12 40.18
CA TRP C 72 3.38 32.37 41.33
C TRP C 72 3.67 33.32 42.48
N LEU C 73 4.12 34.53 42.16
CA LEU C 73 4.47 35.51 43.18
C LEU C 73 3.37 36.46 43.63
N ASP C 74 2.20 36.39 42.99
CA ASP C 74 1.10 37.27 43.34
C ASP C 74 -0.24 36.54 43.16
N PRO C 75 -0.83 36.06 44.26
CA PRO C 75 -2.11 35.33 44.24
C PRO C 75 -3.25 36.06 43.54
N GLU C 76 -3.29 37.38 43.69
CA GLU C 76 -4.37 38.13 43.04
C GLU C 76 -4.17 38.13 41.52
N TYR C 77 -2.92 38.25 41.07
CA TYR C 77 -2.64 38.23 39.64
C TYR C 77 -2.93 36.83 39.11
N LYS C 78 -2.64 35.81 39.91
CA LYS C 78 -2.89 34.44 39.48
C LYS C 78 -4.39 34.26 39.24
N LYS C 79 -5.22 34.83 40.11
CA LYS C 79 -6.66 34.72 39.92
C LYS C 79 -7.05 35.38 38.61
N LEU C 80 -6.44 36.53 38.32
CA LEU C 80 -6.75 37.25 37.08
C LEU C 80 -6.35 36.42 35.86
N CYS C 81 -5.18 35.80 35.92
CA CYS C 81 -4.70 34.97 34.82
C CYS C 81 -5.72 33.88 34.50
N ILE C 82 -6.20 33.22 35.55
CA ILE C 82 -7.16 32.14 35.41
C ILE C 82 -8.52 32.57 34.90
N GLU C 83 -8.98 33.74 35.29
CA GLU C 83 -10.30 34.22 34.87
C GLU C 83 -10.34 35.03 33.58
N ASP C 84 -9.28 35.78 33.33
CA ASP C 84 -9.23 36.66 32.17
C ASP C 84 -7.80 36.75 31.64
N GLY C 85 -7.39 35.74 30.86
CA GLY C 85 -6.03 35.74 30.33
C GLY C 85 -5.67 36.95 29.48
N VAL C 86 -6.64 37.44 28.72
CA VAL C 86 -6.42 38.59 27.88
C VAL C 86 -5.98 39.81 28.70
N GLU C 87 -6.68 40.07 29.80
CA GLU C 87 -6.35 41.20 30.66
C GLU C 87 -5.00 40.97 31.36
N ALA C 88 -4.78 39.75 31.83
CA ALA C 88 -3.54 39.40 32.52
C ALA C 88 -2.33 39.56 31.60
N SER C 89 -2.49 39.22 30.33
CA SER C 89 -1.41 39.32 29.36
C SER C 89 -0.82 40.72 29.24
N LYS C 90 -1.64 41.74 29.47
CA LYS C 90 -1.17 43.11 29.36
C LYS C 90 -0.03 43.41 30.34
N ALA C 91 -0.05 42.72 31.48
CA ALA C 91 0.99 42.92 32.49
C ALA C 91 2.37 42.48 32.05
N VAL C 92 2.45 41.68 30.98
CA VAL C 92 3.75 41.24 30.49
C VAL C 92 4.06 41.85 29.13
N GLY C 93 3.37 42.96 28.83
CA GLY C 93 3.61 43.68 27.58
C GLY C 93 2.98 43.14 26.32
N VAL C 94 2.11 42.14 26.45
CA VAL C 94 1.47 41.57 25.27
C VAL C 94 -0.02 41.86 25.30
N ASN C 95 -0.44 42.85 24.51
CA ASN C 95 -1.85 43.20 24.41
C ASN C 95 -2.33 42.46 23.17
N TRP C 96 -3.19 41.47 23.36
CA TRP C 96 -3.66 40.67 22.24
C TRP C 96 -4.38 41.44 21.15
N VAL C 97 -4.94 42.60 21.49
CA VAL C 97 -5.64 43.40 20.49
C VAL C 97 -4.70 44.39 19.81
N THR C 98 -3.92 45.13 20.60
CA THR C 98 -3.05 46.15 20.05
C THR C 98 -1.58 45.89 19.80
N SER C 99 -1.02 44.79 20.31
CA SER C 99 0.40 44.52 20.06
C SER C 99 0.64 44.14 18.59
N PRO C 100 -0.27 43.35 17.99
CA PRO C 100 -0.08 42.97 16.58
C PRO C 100 -0.31 44.18 15.67
N PRO C 101 0.29 44.17 14.47
CA PRO C 101 0.15 45.28 13.50
C PRO C 101 -1.29 45.65 13.09
N THR C 102 -2.20 44.68 13.14
CA THR C 102 -3.60 44.87 12.73
C THR C 102 -4.43 45.81 13.60
N GLN C 103 -4.12 45.82 14.89
CA GLN C 103 -4.86 46.61 15.86
C GLN C 103 -6.21 45.94 16.14
N PHE C 104 -6.32 44.68 15.73
CA PHE C 104 -7.51 43.88 16.01
C PHE C 104 -7.09 42.45 16.31
N GLY C 105 -5.83 42.30 16.74
CA GLY C 105 -5.28 41.00 17.07
C GLY C 105 -4.77 40.32 15.81
N THR C 106 -3.95 39.29 15.94
CA THR C 106 -3.48 38.63 14.73
C THR C 106 -4.69 37.93 14.12
N PRO C 107 -4.74 37.85 12.78
CA PRO C 107 -5.87 37.21 12.13
C PRO C 107 -6.04 35.74 12.52
N SER C 108 -4.92 35.05 12.72
CA SER C 108 -4.96 33.63 13.06
C SER C 108 -4.94 33.21 14.52
N ASP C 109 -4.49 34.08 15.43
CA ASP C 109 -4.45 33.72 16.84
C ASP C 109 -5.60 34.30 17.65
N TYR C 110 -6.28 35.29 17.07
CA TYR C 110 -7.43 35.94 17.70
C TYR C 110 -7.10 36.61 19.03
N CYS C 111 -8.15 36.96 19.78
CA CYS C 111 -7.95 37.66 21.05
C CYS C 111 -8.63 37.05 22.27
N ASN C 112 -8.44 35.74 22.49
CA ASN C 112 -9.04 35.10 23.65
C ASN C 112 -8.09 34.08 24.27
N LEU C 113 -7.05 34.59 24.93
CA LEU C 113 -6.09 33.74 25.59
C LEU C 113 -6.68 33.26 26.91
N ARG C 114 -6.51 31.97 27.20
CA ARG C 114 -6.97 31.43 28.47
C ARG C 114 -5.74 30.78 29.09
N VAL C 115 -5.55 31.00 30.39
CA VAL C 115 -4.42 30.43 31.09
C VAL C 115 -4.95 29.27 31.93
N LEU C 116 -4.38 28.09 31.72
CA LEU C 116 -4.80 26.89 32.44
C LEU C 116 -3.90 26.65 33.65
N ALA C 117 -4.48 26.71 34.84
CA ALA C 117 -3.71 26.55 36.06
C ALA C 117 -3.60 25.13 36.59
N ASP C 118 -2.38 24.58 36.57
CA ASP C 118 -2.15 23.25 37.11
C ASP C 118 -2.28 23.39 38.62
N SER C 119 -2.43 22.26 39.32
CA SER C 119 -2.54 22.25 40.77
C SER C 119 -2.06 20.88 41.20
N PRO C 120 -2.02 20.61 42.52
CA PRO C 120 -1.56 19.29 42.94
C PRO C 120 -2.48 18.16 42.46
N THR C 121 -3.64 18.51 41.91
CA THR C 121 -4.58 17.50 41.43
C THR C 121 -4.96 17.67 39.96
N LEU C 122 -4.29 18.58 39.27
CA LEU C 122 -4.61 18.85 37.87
C LEU C 122 -3.38 19.31 37.07
N LYS C 123 -3.16 18.68 35.92
CA LYS C 123 -2.03 19.03 35.07
C LYS C 123 -2.51 19.08 33.61
N HIS C 124 -2.31 20.22 32.95
CA HIS C 124 -2.75 20.42 31.57
C HIS C 124 -1.68 20.28 30.51
N VAL C 125 -2.11 19.92 29.30
CA VAL C 125 -1.23 19.84 28.15
C VAL C 125 -2.11 20.25 26.97
N VAL C 126 -1.53 21.02 26.04
CA VAL C 126 -2.28 21.56 24.91
C VAL C 126 -1.93 21.03 23.53
N VAL C 127 -2.92 21.05 22.65
CA VAL C 127 -2.77 20.61 21.26
C VAL C 127 -3.88 21.25 20.42
N CYS C 128 -3.70 21.23 19.11
CA CYS C 128 -4.71 21.72 18.18
C CYS C 128 -4.83 20.53 17.24
N THR C 129 -5.78 19.63 17.51
CA THR C 129 -5.90 18.45 16.67
C THR C 129 -6.24 18.78 15.23
N LEU C 130 -6.93 19.90 15.00
CA LEU C 130 -7.31 20.28 13.66
C LEU C 130 -6.19 20.91 12.85
N SER C 132 -2.68 23.56 14.21
CA SER C 132 -1.49 23.92 14.97
C SER C 132 -1.72 25.16 15.82
N TYR C 134 -1.92 27.96 18.18
CA TYR C 134 -0.96 28.22 19.24
C TYR C 134 -1.03 29.69 19.65
N PRO C 135 -0.76 30.00 20.93
CA PRO C 135 -0.81 31.40 21.41
C PRO C 135 0.41 32.20 20.99
N ARG C 136 0.60 32.36 19.68
CA ARG C 136 1.76 33.06 19.15
C ARG C 136 2.11 34.44 19.74
N PRO C 137 1.12 35.33 19.95
CA PRO C 137 1.47 36.64 20.50
C PRO C 137 2.26 36.62 21.81
N ILE C 138 1.96 35.66 22.67
CA ILE C 138 2.64 35.59 23.96
C ILE C 138 3.66 34.46 24.08
N LEU C 139 3.65 33.54 23.12
CA LEU C 139 4.55 32.38 23.18
C LEU C 139 5.53 32.16 22.00
N GLY C 140 5.28 32.82 20.87
CA GLY C 140 6.17 32.64 19.72
C GLY C 140 5.61 31.62 18.74
N GLN C 141 6.44 31.10 17.83
CA GLN C 141 5.98 30.11 16.86
C GLN C 141 5.91 28.71 17.45
N SER C 142 5.02 27.90 16.90
CA SER C 142 4.83 26.53 17.35
C SER C 142 5.99 25.62 16.96
N PRO C 143 6.26 24.58 17.77
CA PRO C 143 7.33 23.63 17.51
C PRO C 143 6.91 22.77 16.32
N GLU C 144 7.89 22.24 15.58
CA GLU C 144 7.59 21.40 14.44
C GLU C 144 6.74 20.19 14.88
N TRP C 145 7.11 19.56 15.98
CA TRP C 145 6.36 18.38 16.44
C TRP C 145 4.93 18.68 16.86
N TYR C 146 4.68 19.89 17.33
CA TYR C 146 3.34 20.31 17.75
C TYR C 146 2.39 20.31 16.54
N ARG C 147 2.94 20.58 15.37
CA ARG C 147 2.16 20.62 14.13
C ARG C 147 1.99 19.25 13.49
N SER C 148 2.71 18.25 13.99
CA SER C 148 2.67 16.94 13.38
C SER C 148 1.38 16.16 13.50
N PRO C 149 1.00 15.46 12.43
CA PRO C 149 -0.23 14.67 12.45
C PRO C 149 -0.14 13.69 13.63
N ASN C 150 1.07 13.21 13.91
CA ASN C 150 1.29 12.25 14.99
C ASN C 150 0.85 12.79 16.35
N TYR C 151 1.35 13.95 16.73
CA TYR C 151 1.01 14.57 18.01
C TYR C 151 -0.49 14.89 18.05
N ARG C 152 -1.01 15.38 16.94
CA ARG C 152 -2.41 15.75 16.82
C ARG C 152 -3.37 14.55 16.89
N ARG C 153 -2.89 13.39 16.46
CA ARG C 153 -3.70 12.17 16.52
C ARG C 153 -3.69 11.56 17.92
N ARG C 154 -2.49 11.44 18.48
CA ARG C 154 -2.27 10.78 19.77
C ARG C 154 -2.51 11.47 21.11
N LEU C 155 -2.09 12.72 21.28
CA LEU C 155 -2.24 13.37 22.58
C LEU C 155 -3.63 13.33 23.22
N VAL C 156 -4.68 13.59 22.46
CA VAL C 156 -6.02 13.58 23.05
C VAL C 156 -6.50 12.22 23.52
N ARG C 157 -5.93 11.15 22.99
CA ARG C 157 -6.36 9.80 23.35
C ARG C 157 -5.41 9.02 24.26
N TRP C 158 -4.11 9.24 24.10
CA TRP C 158 -3.11 8.55 24.91
C TRP C 158 -2.17 9.57 25.54
N PRO C 159 -2.71 10.58 26.25
CA PRO C 159 -1.86 11.60 26.86
C PRO C 159 -0.79 11.10 27.84
N ARG C 160 -1.13 10.12 28.66
CA ARG C 160 -0.18 9.58 29.63
C ARG C 160 1.02 8.98 28.91
N GLN C 161 0.75 8.28 27.81
CA GLN C 161 1.79 7.65 27.03
C GLN C 161 2.63 8.68 26.27
N VAL C 162 1.97 9.65 25.64
CA VAL C 162 2.72 10.68 24.92
C VAL C 162 3.56 11.49 25.89
N LEU C 163 2.99 11.88 27.03
CA LEU C 163 3.75 12.65 28.00
C LEU C 163 4.94 11.85 28.53
N ALA C 164 4.76 10.55 28.71
CA ALA C 164 5.85 9.71 29.20
C ALA C 164 7.00 9.72 28.19
N GLU C 165 6.66 9.74 26.90
CA GLU C 165 7.67 9.78 25.85
C GLU C 165 8.48 11.08 25.98
N PHE C 166 7.81 12.14 26.42
CA PHE C 166 8.45 13.44 26.61
C PHE C 166 9.23 13.48 27.92
N GLY C 167 9.09 12.42 28.72
CA GLY C 167 9.79 12.35 29.99
C GLY C 167 8.99 12.89 31.16
N LEU C 168 7.68 12.99 31.00
CA LEU C 168 6.80 13.50 32.06
C LEU C 168 5.76 12.49 32.53
N GLN C 169 5.72 12.27 33.83
CA GLN C 169 4.78 11.33 34.41
C GLN C 169 4.12 11.95 35.63
N LEU C 170 2.83 11.71 35.79
CA LEU C 170 2.14 12.26 36.92
C LEU C 170 1.43 11.18 37.70
N PRO C 171 1.15 11.42 39.00
CA PRO C 171 0.46 10.39 39.79
C PRO C 171 -0.81 9.96 39.04
N SER C 172 -1.19 8.70 39.18
CA SER C 172 -2.37 8.21 38.48
C SER C 172 -3.66 8.89 38.93
N GLU C 173 -3.69 9.38 40.16
CA GLU C 173 -4.89 10.04 40.69
C GLU C 173 -5.03 11.49 40.22
N VAL C 174 -3.93 12.08 39.77
CA VAL C 174 -3.95 13.46 39.29
C VAL C 174 -4.71 13.52 37.97
N GLN C 175 -5.53 14.56 37.80
CA GLN C 175 -6.29 14.72 36.57
C GLN C 175 -5.43 15.34 35.48
N ILE C 176 -5.14 14.58 34.44
CA ILE C 176 -4.40 15.17 33.34
C ILE C 176 -5.51 15.63 32.42
N ARG C 177 -5.49 16.91 32.06
CA ARG C 177 -6.50 17.46 31.17
C ARG C 177 -5.85 17.91 29.88
N VAL C 178 -6.31 17.37 28.77
CA VAL C 178 -5.80 17.76 27.46
C VAL C 178 -6.74 18.83 26.96
N ALA C 179 -6.18 19.96 26.52
CA ALA C 179 -6.99 21.05 25.99
C ALA C 179 -6.78 21.08 24.48
N ASP C 180 -7.86 20.95 23.73
CA ASP C 180 -7.80 20.97 22.27
C ASP C 180 -8.25 22.35 21.80
N SER C 181 -7.29 23.14 21.30
CA SER C 181 -7.51 24.51 20.82
C SER C 181 -8.15 24.50 19.44
N ASN C 182 -9.43 24.14 19.36
CA ASN C 182 -10.12 24.05 18.08
C ASN C 182 -10.90 25.27 17.59
N GLN C 183 -11.17 26.23 18.45
CA GLN C 183 -11.91 27.41 18.01
C GLN C 183 -11.05 28.66 18.16
N LYS C 184 -11.59 29.76 18.71
CA LYS C 184 -10.79 30.97 18.81
C LYS C 184 -9.96 31.17 20.08
N THR C 185 -10.05 30.24 21.02
CA THR C 185 -9.28 30.33 22.25
C THR C 185 -7.89 29.71 22.08
N ARG C 186 -6.89 30.37 22.66
CA ARG C 186 -5.52 29.85 22.63
C ARG C 186 -5.17 29.70 24.12
N TYR C 187 -4.34 28.72 24.45
CA TYR C 187 -3.99 28.45 25.84
C TYR C 187 -2.50 28.46 26.16
N ILE C 188 -2.18 28.76 27.42
CA ILE C 188 -0.82 28.60 27.91
C ILE C 188 -1.04 27.92 29.24
N VAL C 189 -0.14 27.03 29.59
CA VAL C 189 -0.24 26.28 30.83
C VAL C 189 0.56 26.97 31.92
N MET C 190 -0.05 27.13 33.09
CA MET C 190 0.65 27.73 34.23
C MET C 190 0.95 26.52 35.11
N PRO C 191 2.19 26.00 35.05
CA PRO C 191 2.54 24.84 35.87
C PRO C 191 2.60 25.20 37.35
N VAL C 192 2.60 24.20 38.22
CA VAL C 192 2.71 24.48 39.64
C VAL C 192 4.16 24.85 39.88
N ARG C 193 4.40 25.71 40.87
CA ARG C 193 5.74 26.15 41.19
C ARG C 193 6.48 24.97 41.83
N PRO C 194 7.66 24.61 41.29
CA PRO C 194 8.40 23.49 41.85
C PRO C 194 9.15 23.79 43.16
N GLU C 195 9.43 22.72 43.90
CA GLU C 195 10.16 22.83 45.16
C GLU C 195 11.57 23.26 44.79
N GLY C 196 12.30 23.79 45.77
CA GLY C 196 13.66 24.21 45.50
C GLY C 196 13.79 25.61 44.94
N THR C 197 12.73 26.40 45.05
CA THR C 197 12.77 27.78 44.55
C THR C 197 12.42 28.80 45.62
N ASP C 198 12.62 28.43 46.89
CA ASP C 198 12.32 29.34 48.00
C ASP C 198 13.03 30.67 47.84
N GLY C 199 12.27 31.76 47.93
CA GLY C 199 12.85 33.09 47.83
C GLY C 199 13.35 33.53 46.47
N TRP C 200 13.12 32.73 45.42
CA TRP C 200 13.57 33.09 44.08
C TRP C 200 12.89 34.36 43.57
N THR C 201 13.61 35.16 42.79
CA THR C 201 13.08 36.39 42.23
C THR C 201 12.21 36.05 41.03
N GLU C 202 11.49 37.04 40.52
CA GLU C 202 10.64 36.82 39.35
C GLU C 202 11.50 36.34 38.18
N ASP C 203 12.67 36.97 38.00
CA ASP C 203 13.58 36.60 36.92
C ASP C 203 14.03 35.15 37.02
N GLN C 204 14.39 34.72 38.22
CA GLN C 204 14.84 33.35 38.44
C GLN C 204 13.75 32.34 38.15
N LEU C 205 12.53 32.65 38.58
CA LEU C 205 11.41 31.76 38.37
C LEU C 205 11.02 31.69 36.90
N ALA C 206 10.99 32.84 36.23
CA ALA C 206 10.63 32.88 34.81
C ALA C 206 11.62 32.08 33.98
N GLU C 207 12.88 32.09 34.40
CA GLU C 207 13.92 31.39 33.67
C GLU C 207 13.71 29.89 33.51
N ILE C 208 13.04 29.25 34.46
CA ILE C 208 12.82 27.80 34.35
C ILE C 208 11.47 27.43 33.71
N VAL C 209 10.69 28.44 33.31
CA VAL C 209 9.42 28.17 32.64
C VAL C 209 9.70 28.25 31.15
N THR C 210 10.05 27.11 30.57
CA THR C 210 10.38 27.01 29.16
C THR C 210 9.15 26.90 28.29
N ARG C 211 9.36 26.97 26.98
CA ARG C 211 8.28 26.85 26.01
C ARG C 211 7.53 25.55 26.24
N ASP C 212 8.28 24.46 26.43
CA ASP C 212 7.67 23.16 26.65
C ASP C 212 6.80 23.12 27.90
N CYS C 213 7.15 23.90 28.92
CA CYS C 213 6.36 23.94 30.15
C CYS C 213 5.04 24.66 29.87
N LEU C 214 5.10 25.65 29.00
CA LEU C 214 3.93 26.44 28.65
C LEU C 214 2.98 25.67 27.72
N ILE C 215 3.48 24.63 27.05
CA ILE C 215 2.65 23.80 26.19
C ILE C 215 2.09 22.67 27.07
N GLY C 216 2.89 22.26 28.04
CA GLY C 216 2.46 21.21 28.95
C GLY C 216 3.14 19.87 28.83
N VAL C 217 4.13 19.76 27.94
CA VAL C 217 4.83 18.48 27.77
C VAL C 217 6.01 18.34 28.73
N ALA C 218 6.24 19.37 29.54
CA ALA C 218 7.32 19.37 30.52
C ALA C 218 6.89 20.22 31.72
N VAL C 219 7.54 20.03 32.86
CA VAL C 219 7.25 20.84 34.04
C VAL C 219 8.54 21.55 34.40
N PRO C 220 8.43 22.73 35.00
CA PRO C 220 9.61 23.52 35.40
C PRO C 220 10.43 22.83 36.49
N LYS C 221 11.75 22.95 36.35
CA LYS C 221 12.68 22.34 37.30
C LYS C 221 13.85 23.28 37.55
N PRO C 222 14.23 23.48 38.83
CA PRO C 222 15.36 24.37 39.12
C PRO C 222 16.58 23.87 38.35
N GLY C 223 17.32 24.78 37.74
CA GLY C 223 18.52 24.38 37.01
C GLY C 223 18.30 24.08 35.53
N ILE C 224 17.06 23.89 35.12
CA ILE C 224 16.76 23.61 33.73
C ILE C 224 16.15 24.87 33.12
N THR C 225 16.89 25.48 32.19
CA THR C 225 16.45 26.74 31.57
C THR C 225 16.28 26.68 30.06
N VAL C 226 16.33 25.48 29.50
CA VAL C 226 16.15 25.28 28.06
C VAL C 226 15.29 24.04 27.84
N ASN C 227 14.57 23.99 26.72
CA ASN C 227 13.75 22.82 26.43
C ASN C 227 14.66 21.61 26.36
N ALA C 228 14.11 20.44 26.64
CA ALA C 228 14.89 19.21 26.59
C ALA C 228 15.45 19.07 25.17
N LYS C 229 16.70 18.63 25.07
CA LYS C 229 17.31 18.47 23.77
C LYS C 229 16.66 17.34 22.99
N ARG C 230 16.41 17.59 21.71
CA ARG C 230 15.84 16.58 20.83
C ARG C 230 16.40 16.85 19.44
N PRO C 231 16.28 15.87 18.52
CA PRO C 231 16.81 16.06 17.17
C PRO C 231 16.31 17.33 16.50
N VAL C 232 17.18 17.99 15.75
CA VAL C 232 16.82 19.21 15.05
C VAL C 232 17.01 18.96 13.56
N LEU C 233 15.92 19.00 12.81
CA LEU C 233 15.98 18.80 11.38
C LEU C 233 16.37 20.13 10.75
N LYS C 234 17.45 20.12 9.99
CA LYS C 234 17.92 21.35 9.36
C LYS C 234 17.15 21.74 8.12
N ALA C 235 17.05 23.05 7.90
CA ALA C 235 16.34 23.57 6.74
C ALA C 235 17.34 23.63 5.59
N ASN C 236 16.83 23.67 4.38
CA ASN C 236 17.68 23.74 3.20
C ASN C 236 18.27 25.14 3.14
N ARG C 237 17.45 26.14 3.46
CA ARG C 237 17.90 27.52 3.45
C ARG C 237 17.30 28.30 4.60
N PRO C 238 17.90 28.21 5.79
CA PRO C 238 17.40 28.94 6.94
C PRO C 238 17.88 30.38 6.83
N VAL C 239 17.44 31.22 7.75
CA VAL C 239 17.83 32.62 7.75
C VAL C 239 19.34 32.82 7.72
N LYS D 7 16.42 -43.57 0.71
CA LYS D 7 16.03 -42.25 1.27
C LYS D 7 16.66 -42.05 2.64
N PRO D 8 16.79 -40.80 3.09
CA PRO D 8 17.39 -40.60 4.41
C PRO D 8 16.51 -41.14 5.53
N VAL D 9 17.15 -41.57 6.61
CA VAL D 9 16.46 -42.08 7.78
C VAL D 9 16.65 -41.08 8.90
N TRP D 10 15.56 -40.77 9.59
CA TRP D 10 15.59 -39.82 10.68
C TRP D 10 15.57 -40.54 12.00
N ASP D 11 16.52 -40.22 12.87
CA ASP D 11 16.59 -40.85 14.18
C ASP D 11 15.57 -40.19 15.11
N ARG D 12 14.45 -40.84 15.34
CA ARG D 12 13.40 -40.30 16.19
C ARG D 12 13.52 -40.66 17.66
N THR D 13 14.59 -41.35 18.04
CA THR D 13 14.76 -41.74 19.44
C THR D 13 15.90 -41.02 20.16
N HIS D 14 16.79 -40.38 19.40
CA HIS D 14 17.93 -39.69 19.98
C HIS D 14 17.65 -38.71 21.11
N HIS D 15 16.79 -37.72 20.85
CA HIS D 15 16.49 -36.70 21.84
C HIS D 15 15.93 -37.28 23.15
N ALA D 16 14.91 -38.13 23.04
CA ALA D 16 14.30 -38.73 24.22
C ALA D 16 15.28 -39.58 25.01
N LYS D 17 16.11 -40.34 24.31
CA LYS D 17 17.09 -41.19 24.99
C LYS D 17 18.09 -40.34 25.77
N MET D 18 18.43 -39.19 25.20
CA MET D 18 19.39 -38.28 25.81
C MET D 18 18.83 -37.43 26.93
N ALA D 19 17.58 -36.99 26.79
CA ALA D 19 16.97 -36.10 27.78
C ALA D 19 16.06 -36.69 28.84
N THR D 20 15.51 -37.88 28.61
CA THR D 20 14.61 -38.45 29.61
C THR D 20 15.23 -38.56 31.00
N GLY D 21 14.50 -38.07 32.00
CA GLY D 21 14.97 -38.11 33.38
C GLY D 21 16.04 -37.08 33.71
N ILE D 22 16.35 -36.23 32.75
CA ILE D 22 17.39 -35.21 32.91
C ILE D 22 16.86 -33.82 32.53
N GLY D 23 16.24 -33.73 31.36
CA GLY D 23 15.71 -32.46 30.92
C GLY D 23 16.58 -31.75 29.90
N ASP D 24 16.02 -30.71 29.30
CA ASP D 24 16.69 -29.89 28.30
C ASP D 24 16.55 -28.47 28.86
N PRO D 25 17.66 -27.70 28.95
CA PRO D 25 19.04 -28.01 28.55
C PRO D 25 19.95 -28.77 29.53
N GLN D 26 19.39 -29.33 30.61
CA GLN D 26 20.23 -30.06 31.56
C GLN D 26 21.09 -31.14 30.89
N CYS D 27 20.54 -31.79 29.87
CA CYS D 27 21.25 -32.86 29.17
C CYS D 27 22.52 -32.43 28.46
N PHE D 28 22.72 -31.13 28.30
CA PHE D 28 23.91 -30.62 27.62
C PHE D 28 24.95 -30.10 28.62
N LYS D 29 24.63 -30.20 29.91
CA LYS D 29 25.54 -29.71 30.93
C LYS D 29 26.95 -30.26 30.81
N GLY D 30 27.92 -29.36 30.92
CA GLY D 30 29.32 -29.74 30.84
C GLY D 30 29.90 -29.93 29.46
N MET D 31 29.07 -29.85 28.43
CA MET D 31 29.53 -30.06 27.07
C MET D 31 30.17 -28.84 26.40
N ALA D 32 30.06 -27.67 27.03
CA ALA D 32 30.63 -26.45 26.45
C ALA D 32 32.07 -26.16 26.90
N GLY D 33 32.53 -26.84 27.94
CA GLY D 33 33.86 -26.60 28.44
C GLY D 33 33.87 -25.32 29.25
N LYS D 34 35.04 -24.69 29.37
CA LYS D 34 35.15 -23.44 30.14
C LYS D 34 34.49 -22.26 29.43
N SER D 35 33.70 -21.49 30.18
CA SER D 35 33.04 -20.33 29.61
C SER D 35 34.07 -19.25 29.30
N LYS D 36 33.84 -18.53 28.21
CA LYS D 36 34.76 -17.47 27.78
C LYS D 36 34.56 -16.21 28.60
N PHE D 37 33.35 -16.03 29.13
CA PHE D 37 33.04 -14.85 29.93
C PHE D 37 32.47 -15.21 31.30
N ASN D 38 32.44 -14.22 32.19
CA ASN D 38 31.92 -14.44 33.54
C ASN D 38 30.96 -13.35 33.99
N VAL D 39 30.20 -13.66 35.03
CA VAL D 39 29.24 -12.70 35.58
C VAL D 39 29.96 -11.39 35.87
N GLY D 40 29.35 -10.28 35.46
CA GLY D 40 29.97 -8.99 35.69
C GLY D 40 30.68 -8.41 34.47
N ASP D 41 31.07 -9.27 33.53
CA ASP D 41 31.74 -8.83 32.32
C ASP D 41 30.85 -7.99 31.43
N ARG D 42 31.44 -6.97 30.82
CA ARG D 42 30.72 -6.09 29.89
C ARG D 42 31.01 -6.67 28.51
N VAL D 43 29.97 -6.92 27.74
CA VAL D 43 30.15 -7.49 26.40
C VAL D 43 29.34 -6.74 25.36
N ARG D 44 29.85 -6.73 24.14
CA ARG D 44 29.17 -6.08 23.02
C ARG D 44 28.63 -7.20 22.14
N ILE D 45 27.45 -6.98 21.57
CA ILE D 45 26.82 -7.99 20.73
C ILE D 45 27.28 -7.87 19.28
N LYS D 46 27.94 -8.92 18.78
CA LYS D 46 28.43 -8.92 17.41
C LYS D 46 27.27 -9.03 16.43
N ASP D 47 27.34 -8.27 15.35
CA ASP D 47 26.28 -8.32 14.35
C ASP D 47 26.56 -9.43 13.34
N LEU D 48 26.41 -10.67 13.79
CA LEU D 48 26.65 -11.82 12.94
C LEU D 48 25.54 -11.95 11.89
N PRO D 49 25.85 -12.56 10.74
CA PRO D 49 24.85 -12.73 9.68
C PRO D 49 23.61 -13.41 10.24
N ASP D 50 22.43 -12.98 9.83
CA ASP D 50 21.21 -13.59 10.34
C ASP D 50 20.46 -14.38 9.28
N LEU D 51 21.12 -14.64 8.15
CA LEU D 51 20.52 -15.38 7.05
C LEU D 51 19.88 -16.68 7.53
N PHE D 52 18.63 -16.88 7.12
CA PHE D 52 17.83 -18.06 7.45
C PHE D 52 17.35 -18.21 8.89
N TYR D 53 18.19 -17.91 9.87
CA TYR D 53 17.76 -18.02 11.25
C TYR D 53 18.70 -17.40 12.29
N THR D 54 18.09 -16.86 13.33
CA THR D 54 18.81 -16.28 14.45
C THR D 54 17.82 -16.07 15.57
N ARG D 55 18.32 -16.14 16.80
CA ARG D 55 17.49 -15.90 17.96
C ARG D 55 18.11 -14.77 18.77
N THR D 56 19.05 -14.05 18.14
CA THR D 56 19.66 -12.89 18.79
C THR D 56 19.06 -11.70 18.04
N MET D 57 18.03 -11.12 18.65
CA MET D 57 17.27 -10.02 18.09
C MET D 57 18.11 -8.90 17.49
N THR D 58 17.65 -8.38 16.35
CA THR D 58 18.32 -7.30 15.67
C THR D 58 18.48 -6.08 16.58
N TYR D 59 17.49 -5.81 17.42
CA TYR D 59 17.57 -4.65 18.29
C TYR D 59 18.74 -4.66 19.27
N THR D 60 19.39 -5.82 19.44
CA THR D 60 20.54 -5.91 20.36
C THR D 60 21.89 -5.76 19.67
N ARG D 61 21.93 -5.88 18.35
CA ARG D 61 23.20 -5.83 17.63
C ARG D 61 24.01 -4.56 17.84
N GLY D 62 25.27 -4.74 18.22
CA GLY D 62 26.16 -3.60 18.43
C GLY D 62 26.03 -2.92 19.78
N ALA D 63 25.08 -3.38 20.59
CA ALA D 63 24.89 -2.78 21.91
C ALA D 63 25.77 -3.47 22.94
N THR D 64 26.06 -2.77 24.03
CA THR D 64 26.88 -3.33 25.10
C THR D 64 26.02 -3.52 26.34
N GLY D 65 26.20 -4.66 27.01
CA GLY D 65 25.44 -4.95 28.20
C GLY D 65 26.31 -5.63 29.23
N THR D 66 25.70 -5.98 30.36
CA THR D 66 26.42 -6.63 31.44
C THR D 66 25.91 -8.06 31.64
N ILE D 67 26.83 -9.02 31.72
CA ILE D 67 26.44 -10.41 31.94
C ILE D 67 26.02 -10.52 33.41
N VAL D 68 24.81 -11.01 33.67
CA VAL D 68 24.38 -11.15 35.06
C VAL D 68 24.21 -12.62 35.48
N ARG D 69 24.34 -13.54 34.53
CA ARG D 69 24.20 -14.95 34.84
C ARG D 69 24.61 -15.87 33.68
N LEU D 70 25.25 -16.98 34.01
CA LEU D 70 25.61 -17.98 33.01
C LEU D 70 24.45 -18.92 33.27
N VAL D 71 23.45 -18.87 32.39
CA VAL D 71 22.24 -19.66 32.58
C VAL D 71 22.27 -21.16 32.35
N TYR D 72 22.99 -21.61 31.32
CA TYR D 72 23.09 -23.05 31.02
C TYR D 72 23.94 -23.23 29.77
N GLU D 73 24.13 -24.48 29.38
CA GLU D 73 24.90 -24.82 28.19
C GLU D 73 23.93 -25.48 27.22
N SER D 74 24.07 -25.19 25.93
CA SER D 74 23.18 -25.76 24.95
C SER D 74 23.66 -25.51 23.53
N PRO D 75 23.18 -26.30 22.55
CA PRO D 75 23.63 -26.03 21.18
C PRO D 75 22.98 -24.68 20.88
N ALA D 76 23.58 -23.89 20.00
CA ALA D 76 22.98 -22.61 19.67
C ALA D 76 21.73 -22.92 18.86
N ALA D 77 20.71 -22.07 18.97
CA ALA D 77 19.48 -22.29 18.22
C ALA D 77 19.77 -22.33 16.73
N GLU D 78 20.77 -21.56 16.32
CA GLU D 78 21.16 -21.50 14.91
C GLU D 78 21.57 -22.88 14.39
N ASP D 79 21.98 -23.76 15.29
CA ASP D 79 22.37 -25.12 14.91
C ASP D 79 21.25 -26.11 15.24
N GLU D 80 20.70 -26.00 16.43
CA GLU D 80 19.63 -26.90 16.86
C GLU D 80 18.44 -26.88 15.90
N ALA D 81 18.10 -25.70 15.39
CA ALA D 81 16.97 -25.56 14.47
C ALA D 81 17.16 -26.24 13.12
N PHE D 82 18.39 -26.68 12.83
CA PHE D 82 18.66 -27.37 11.57
C PHE D 82 19.13 -28.80 11.83
N GLY D 83 18.88 -29.27 13.04
CA GLY D 83 19.23 -30.63 13.42
C GLY D 83 20.69 -30.89 13.74
N ASN D 84 21.44 -29.81 14.00
CA ASN D 84 22.87 -29.92 14.31
C ASN D 84 23.09 -29.65 15.79
N GLU D 85 23.34 -30.71 16.57
CA GLU D 85 23.55 -30.57 18.01
C GLU D 85 24.94 -31.00 18.49
N GLU D 86 25.87 -31.21 17.56
CA GLU D 86 27.23 -31.64 17.90
C GLU D 86 28.00 -30.64 18.76
N ASN D 87 27.72 -29.36 18.59
CA ASN D 87 28.41 -28.33 19.35
C ASN D 87 27.52 -27.69 20.39
N VAL D 88 28.08 -27.52 21.59
CA VAL D 88 27.37 -26.93 22.70
C VAL D 88 28.15 -25.73 23.22
N GLU D 89 27.44 -24.65 23.54
CA GLU D 89 28.11 -23.46 24.06
C GLU D 89 27.37 -22.83 25.22
N TRP D 90 28.06 -21.95 25.94
CA TRP D 90 27.48 -21.27 27.08
C TRP D 90 26.51 -20.19 26.67
N PHE D 91 25.40 -20.09 27.40
CA PHE D 91 24.40 -19.06 27.16
C PHE D 91 24.49 -18.10 28.34
N TYR D 92 24.36 -16.81 28.06
CA TYR D 92 24.47 -15.78 29.08
C TYR D 92 23.24 -14.87 29.14
N SER D 93 22.83 -14.49 30.35
CA SER D 93 21.70 -13.56 30.48
C SER D 93 22.40 -12.21 30.59
N ILE D 94 22.02 -11.29 29.71
CA ILE D 94 22.64 -9.98 29.65
C ILE D 94 21.67 -8.84 29.89
N VAL D 95 22.10 -7.84 30.66
CA VAL D 95 21.24 -6.69 30.96
C VAL D 95 21.75 -5.46 30.20
N PHE D 96 20.84 -4.84 29.44
CA PHE D 96 21.15 -3.64 28.65
C PHE D 96 20.41 -2.46 29.25
N ALA D 97 21.03 -1.29 29.22
CA ALA D 97 20.36 -0.07 29.69
C ALA D 97 19.47 0.31 28.52
N GLN D 98 18.21 0.64 28.77
CA GLN D 98 17.30 0.99 27.69
C GLN D 98 17.81 2.12 26.82
N LYS D 99 18.50 3.09 27.42
CA LYS D 99 19.02 4.22 26.66
C LYS D 99 20.07 3.80 25.64
N ASP D 100 20.69 2.63 25.85
CA ASP D 100 21.70 2.16 24.90
C ASP D 100 21.09 1.40 23.73
N LEU D 101 19.79 1.14 23.82
CA LEU D 101 19.09 0.44 22.75
C LEU D 101 18.25 1.40 21.92
N TRP D 102 17.54 2.28 22.61
CA TRP D 102 16.64 3.21 21.95
C TRP D 102 17.09 4.67 22.14
N PRO D 103 17.50 5.33 21.05
CA PRO D 103 17.97 6.72 21.09
C PRO D 103 17.02 7.69 21.79
N GLU D 104 15.72 7.47 21.61
CA GLU D 104 14.71 8.34 22.19
C GLU D 104 14.36 8.10 23.66
N TYR D 105 14.88 7.04 24.26
CA TYR D 105 14.54 6.74 25.65
C TYR D 105 14.79 7.96 26.55
N SER D 106 13.80 8.28 27.38
CA SER D 106 13.88 9.43 28.26
C SER D 106 14.80 9.31 29.47
N ASP D 107 15.56 10.38 29.72
CA ASP D 107 16.48 10.41 30.85
C ASP D 107 15.68 10.33 32.15
N THR D 108 14.38 10.63 32.07
CA THR D 108 13.52 10.59 33.26
C THR D 108 13.44 9.17 33.80
N PHE D 109 13.53 8.20 32.89
CA PHE D 109 13.47 6.79 33.24
C PHE D 109 14.87 6.23 33.07
N ALA D 110 15.82 6.89 33.74
CA ALA D 110 17.23 6.56 33.69
C ALA D 110 17.66 5.16 34.11
N ASN D 111 16.85 4.49 34.94
CA ASN D 111 17.23 3.16 35.40
C ASN D 111 16.63 1.95 34.68
N ASP D 112 15.79 2.19 33.69
CA ASP D 112 15.16 1.10 32.95
C ASP D 112 16.13 0.23 32.17
N THR D 113 15.86 -1.07 32.14
CA THR D 113 16.72 -2.05 31.47
C THR D 113 15.95 -3.12 30.70
N LEU D 114 16.69 -3.92 29.95
CA LEU D 114 16.16 -5.03 29.18
C LEU D 114 17.12 -6.19 29.40
N GLU D 115 16.58 -7.33 29.79
CA GLU D 115 17.41 -8.52 30.03
C GLU D 115 17.00 -9.61 29.05
N THR D 116 17.97 -10.25 28.42
CA THR D 116 17.69 -11.31 27.47
C THR D 116 18.89 -12.25 27.39
N GLU D 117 18.71 -13.41 26.76
CA GLU D 117 19.79 -14.40 26.67
C GLU D 117 20.47 -14.49 25.32
N ILE D 118 21.79 -14.60 25.34
CA ILE D 118 22.58 -14.66 24.12
C ILE D 118 23.71 -15.68 24.24
N PRO D 119 23.85 -16.56 23.24
CA PRO D 119 24.92 -17.56 23.28
C PRO D 119 26.29 -16.92 23.06
N GLU D 120 27.32 -17.55 23.58
CA GLU D 120 28.69 -17.05 23.52
C GLU D 120 29.21 -16.56 22.16
N ARG D 121 28.81 -17.22 21.07
CA ARG D 121 29.29 -16.83 19.74
C ARG D 121 29.03 -15.36 19.37
N TYR D 122 28.02 -14.75 19.97
CA TYR D 122 27.70 -13.35 19.68
C TYR D 122 28.41 -12.33 20.57
N LEU D 123 29.14 -12.81 21.56
CA LEU D 123 29.79 -11.91 22.50
C LEU D 123 31.26 -11.61 22.32
N GLU D 124 31.60 -10.34 22.55
CA GLU D 124 32.98 -9.90 22.48
C GLU D 124 33.18 -8.94 23.65
N LYS D 125 34.37 -8.98 24.25
CA LYS D 125 34.71 -8.12 25.37
C LYS D 125 34.42 -6.68 24.93
N ALA D 126 33.71 -5.91 25.77
CA ALA D 126 33.40 -4.54 25.40
C ALA D 126 34.63 -3.63 25.44
N SER E 4 -25.20 2.99 17.38
CA SER E 4 -25.05 4.23 18.21
C SER E 4 -24.04 5.18 17.56
N ILE E 5 -24.07 6.44 17.97
CA ILE E 5 -23.18 7.44 17.43
C ILE E 5 -21.72 7.11 17.75
N ARG E 6 -21.44 6.74 19.00
CA ARG E 6 -20.06 6.40 19.36
C ARG E 6 -19.54 5.23 18.54
N GLU E 7 -20.39 4.25 18.27
CA GLU E 7 -19.97 3.10 17.48
C GLU E 7 -19.58 3.56 16.07
N GLU E 8 -20.34 4.49 15.53
CA GLU E 8 -20.05 5.01 14.19
C GLU E 8 -18.75 5.81 14.23
N VAL E 9 -18.54 6.54 15.32
CA VAL E 9 -17.33 7.34 15.48
C VAL E 9 -16.10 6.44 15.47
N HIS E 10 -16.15 5.36 16.24
CA HIS E 10 -15.01 4.46 16.30
C HIS E 10 -14.79 3.69 15.01
N ARG E 11 -15.88 3.40 14.28
CA ARG E 11 -15.75 2.69 13.01
C ARG E 11 -15.06 3.63 12.03
N HIS E 12 -15.39 4.91 12.12
CA HIS E 12 -14.82 5.94 11.26
C HIS E 12 -13.33 6.08 11.52
N LEU E 13 -12.95 6.20 12.79
CA LEU E 13 -11.54 6.34 13.13
C LEU E 13 -10.72 5.17 12.61
N GLY E 14 -11.33 3.99 12.57
CA GLY E 14 -10.62 2.82 12.06
C GLY E 14 -10.59 2.79 10.54
N THR E 15 -11.68 3.24 9.93
CA THR E 15 -11.79 3.26 8.49
C THR E 15 -10.86 4.23 7.77
N VAL E 16 -10.69 5.43 8.31
CA VAL E 16 -9.83 6.41 7.67
C VAL E 16 -8.37 5.95 7.60
N ALA E 17 -7.99 5.00 8.44
CA ALA E 17 -6.62 4.51 8.43
C ALA E 17 -6.35 3.81 7.09
N LEU E 18 -7.39 3.24 6.50
CA LEU E 18 -7.29 2.55 5.22
C LEU E 18 -6.91 3.53 4.12
N MET E 19 -7.27 4.80 4.32
CA MET E 19 -7.02 5.84 3.33
C MET E 19 -5.75 6.66 3.56
N GLN E 20 -4.96 6.27 4.56
CA GLN E 20 -3.71 6.97 4.84
C GLN E 20 -2.86 7.03 3.58
N PRO E 21 -2.52 8.24 3.10
CA PRO E 21 -1.71 8.39 1.89
C PRO E 21 -0.33 7.74 2.03
N ALA E 22 0.17 7.21 0.92
CA ALA E 22 1.47 6.58 0.90
C ALA E 22 2.04 6.57 -0.50
N LEU E 23 3.34 6.39 -0.59
CA LEU E 23 4.01 6.28 -1.87
C LEU E 23 4.14 4.76 -1.91
N HIS E 24 3.22 4.15 -2.66
CA HIS E 24 3.13 2.70 -2.78
C HIS E 24 3.86 2.18 -4.01
N GLN E 25 5.04 1.61 -3.78
CA GLN E 25 5.87 1.09 -4.85
C GLN E 25 5.81 -0.43 -4.98
N GLN E 26 5.02 -0.91 -5.93
CA GLN E 26 4.92 -2.35 -6.14
C GLN E 26 6.27 -2.85 -6.61
N THR E 27 6.65 -4.05 -6.16
CA THR E 27 7.93 -4.63 -6.54
C THR E 27 7.67 -5.87 -7.39
N HIS E 28 8.21 -5.87 -8.60
CA HIS E 28 8.03 -6.99 -9.52
C HIS E 28 9.38 -7.54 -9.97
N ALA E 29 10.03 -8.29 -9.08
CA ALA E 29 11.34 -8.90 -9.35
C ALA E 29 12.35 -7.89 -9.88
N PRO E 30 12.69 -6.89 -9.06
CA PRO E 30 13.65 -5.83 -9.44
C PRO E 30 15.01 -6.44 -9.75
N ALA E 31 15.79 -5.73 -10.57
CA ALA E 31 17.12 -6.18 -10.93
C ALA E 31 18.04 -6.03 -9.71
N PRO E 32 19.16 -6.75 -9.69
CA PRO E 32 20.10 -6.67 -8.56
C PRO E 32 20.56 -5.25 -8.27
N THR E 33 20.66 -4.43 -9.32
CA THR E 33 21.10 -3.05 -9.18
C THR E 33 20.09 -2.17 -8.43
N GLU E 34 18.90 -2.71 -8.16
CA GLU E 34 17.87 -1.96 -7.44
C GLU E 34 17.79 -2.39 -5.98
N ILE E 35 18.66 -3.33 -5.60
CA ILE E 35 18.69 -3.81 -4.23
C ILE E 35 19.90 -3.23 -3.50
N THR E 36 19.64 -2.37 -2.52
CA THR E 36 20.68 -1.76 -1.71
C THR E 36 21.00 -2.73 -0.59
N HIS E 37 22.07 -2.49 0.17
CA HIS E 37 22.37 -3.38 1.28
C HIS E 37 21.21 -3.30 2.27
N THR E 38 20.68 -2.10 2.47
CA THR E 38 19.58 -1.90 3.39
C THR E 38 18.39 -2.78 3.02
N LEU E 39 18.04 -2.80 1.73
CA LEU E 39 16.93 -3.63 1.29
C LEU E 39 17.27 -5.11 1.38
N PHE E 40 18.52 -5.46 1.07
CA PHE E 40 18.95 -6.85 1.12
C PHE E 40 18.75 -7.37 2.54
N ARG E 41 19.20 -6.60 3.54
CA ARG E 41 19.06 -7.02 4.93
C ARG E 41 17.59 -7.12 5.32
N ALA E 42 16.77 -6.18 4.85
CA ALA E 42 15.34 -6.19 5.17
C ALA E 42 14.60 -7.37 4.56
N TYR E 43 14.96 -7.75 3.33
CA TYR E 43 14.30 -8.87 2.67
C TYR E 43 14.75 -10.22 3.21
N THR E 44 16.02 -10.30 3.62
CA THR E 44 16.54 -11.57 4.11
C THR E 44 16.50 -11.77 5.63
N ARG E 45 15.95 -10.80 6.37
CA ARG E 45 15.89 -10.97 7.81
C ARG E 45 14.87 -12.06 8.12
N VAL E 46 14.89 -12.59 9.34
CA VAL E 46 13.91 -13.61 9.72
C VAL E 46 12.72 -12.84 10.26
N PRO E 47 11.53 -13.06 9.67
CA PRO E 47 10.31 -12.36 10.08
C PRO E 47 9.87 -12.36 11.54
N HIS E 48 10.28 -13.35 12.33
CA HIS E 48 9.85 -13.37 13.73
C HIS E 48 10.53 -12.32 14.60
N ASP E 49 11.58 -11.69 14.06
CA ASP E 49 12.35 -10.68 14.80
C ASP E 49 11.72 -9.30 14.66
N VAL E 50 10.67 -9.04 15.43
CA VAL E 50 9.95 -7.76 15.36
C VAL E 50 10.17 -6.78 16.52
N GLY E 51 10.89 -7.19 17.55
CA GLY E 51 11.12 -6.29 18.68
C GLY E 51 11.70 -4.94 18.29
N GLY E 52 11.06 -3.86 18.73
CA GLY E 52 11.56 -2.52 18.42
C GLY E 52 10.89 -1.84 17.25
N GLU E 53 10.12 -2.59 16.47
CA GLU E 53 9.39 -2.01 15.34
C GLU E 53 8.27 -1.14 15.87
N ALA E 54 8.06 0.00 15.23
CA ALA E 54 6.99 0.90 15.65
C ALA E 54 5.64 0.27 15.35
N ASP E 55 4.69 0.46 16.26
CA ASP E 55 3.33 -0.04 16.08
C ASP E 55 2.43 0.88 16.89
N VAL E 56 1.14 0.80 16.65
CA VAL E 56 0.17 1.64 17.34
C VAL E 56 -0.40 1.00 18.60
N PRO E 57 -1.17 1.78 19.39
CA PRO E 57 -1.73 1.19 20.59
C PRO E 57 -2.99 0.44 20.14
N ILE E 58 -3.20 -0.78 20.63
CA ILE E 58 -4.41 -1.50 20.30
C ILE E 58 -5.02 -1.94 21.60
N GLU E 59 -6.34 -2.02 21.65
CA GLU E 59 -7.01 -2.46 22.86
C GLU E 59 -6.88 -3.98 22.88
N TYR E 60 -5.94 -4.48 23.67
CA TYR E 60 -5.68 -5.92 23.75
C TYR E 60 -6.89 -6.75 24.14
N HIS E 61 -7.04 -7.89 23.48
CA HIS E 61 -8.15 -8.79 23.76
C HIS E 61 -7.69 -10.21 24.06
N GLU E 62 -8.55 -10.96 24.76
CA GLU E 62 -8.29 -12.35 25.06
C GLU E 62 -9.00 -13.00 23.89
N LYS E 63 -8.69 -14.26 23.58
CA LYS E 63 -9.38 -14.93 22.52
C LYS E 63 -9.73 -16.34 22.97
N GLU E 64 -10.98 -16.71 22.71
CA GLU E 64 -11.47 -18.03 23.06
C GLU E 64 -10.74 -19.02 22.16
N GLU E 65 -10.37 -20.17 22.71
CA GLU E 65 -9.63 -21.18 21.97
C GLU E 65 -10.51 -22.03 21.03
N GLU E 66 -10.05 -22.23 19.79
CA GLU E 66 -10.76 -23.06 18.83
C GLU E 66 -10.38 -24.49 19.16
N ILE E 67 -11.29 -25.43 18.94
CA ILE E 67 -10.97 -26.82 19.20
C ILE E 67 -9.77 -27.22 18.34
N TRP E 68 -9.74 -26.76 17.09
CA TRP E 68 -8.63 -27.14 16.22
C TRP E 68 -7.30 -26.56 16.68
N GLU E 69 -7.32 -25.46 17.40
CA GLU E 69 -6.08 -24.86 17.89
C GLU E 69 -5.53 -25.75 19.01
N LEU E 70 -6.42 -26.24 19.86
CA LEU E 70 -5.99 -27.10 20.96
C LEU E 70 -5.39 -28.39 20.39
N ASN E 71 -6.02 -28.91 19.33
CA ASN E 71 -5.52 -30.14 18.71
C ASN E 71 -4.20 -29.90 18.00
N THR E 72 -4.06 -28.74 17.37
CA THR E 72 -2.83 -28.41 16.66
C THR E 72 -1.67 -28.31 17.64
N PHE E 73 -1.90 -27.63 18.77
CA PHE E 73 -0.85 -27.50 19.76
C PHE E 73 -0.42 -28.88 20.27
N ALA E 74 -1.38 -29.74 20.56
CA ALA E 74 -1.07 -31.08 21.04
C ALA E 74 -0.30 -31.87 19.98
N THR E 75 -0.70 -31.72 18.72
CA THR E 75 -0.03 -32.42 17.63
C THR E 75 1.43 -31.99 17.53
N CYS E 76 1.69 -30.70 17.60
CA CYS E 76 3.05 -30.20 17.50
C CYS E 76 3.93 -30.69 18.65
N GLU E 77 3.40 -30.70 19.87
CA GLU E 77 4.19 -31.18 21.01
C GLU E 77 4.37 -32.71 20.94
N CYS E 78 3.36 -33.42 20.44
CA CYS E 78 3.49 -34.88 20.33
C CYS E 78 4.52 -35.25 19.28
N LEU E 79 4.56 -34.49 18.18
CA LEU E 79 5.53 -34.76 17.13
C LEU E 79 6.94 -34.56 17.70
N ALA E 80 7.09 -33.60 18.61
CA ALA E 80 8.39 -33.35 19.22
C ALA E 80 8.70 -34.43 20.26
N TRP E 81 7.71 -34.74 21.08
CA TRP E 81 7.85 -35.76 22.11
C TRP E 81 8.36 -37.06 21.46
N ARG E 82 7.81 -37.39 20.30
CA ARG E 82 8.20 -38.61 19.61
C ARG E 82 9.35 -38.50 18.60
N GLY E 83 10.13 -37.42 18.69
CA GLY E 83 11.30 -37.24 17.84
C GLY E 83 11.21 -36.86 16.36
N VAL E 84 10.06 -36.39 15.90
CA VAL E 84 9.95 -35.97 14.50
C VAL E 84 10.72 -34.66 14.32
N TRP E 85 10.76 -33.85 15.38
CA TRP E 85 11.48 -32.58 15.40
C TRP E 85 11.67 -32.09 16.82
N THR E 86 12.53 -31.09 16.99
CA THR E 86 12.75 -30.47 18.29
C THR E 86 11.96 -29.18 18.14
N ALA E 87 11.67 -28.51 19.25
CA ALA E 87 10.90 -27.28 19.19
C ALA E 87 11.63 -26.21 18.39
N GLU E 88 12.97 -26.23 18.44
CA GLU E 88 13.71 -25.23 17.70
C GLU E 88 13.54 -25.42 16.20
N GLU E 89 13.50 -26.65 15.75
CA GLU E 89 13.29 -26.90 14.33
C GLU E 89 11.89 -26.38 13.98
N ARG E 90 10.92 -26.59 14.88
CA ARG E 90 9.57 -26.10 14.62
C ARG E 90 9.54 -24.58 14.50
N ARG E 91 10.14 -23.87 15.45
CA ARG E 91 10.15 -22.41 15.43
C ARG E 91 10.74 -21.86 14.14
N ARG E 92 11.89 -22.40 13.75
CA ARG E 92 12.55 -21.94 12.53
C ARG E 92 11.63 -22.11 11.32
N LYS E 93 10.97 -23.26 11.23
CA LYS E 93 10.07 -23.52 10.11
C LYS E 93 8.77 -22.73 10.18
N GLN E 94 8.23 -22.62 11.39
CA GLN E 94 6.96 -21.96 11.65
C GLN E 94 6.96 -20.43 11.72
N ASN E 95 7.97 -19.86 12.36
CA ASN E 95 8.02 -18.40 12.52
C ASN E 95 8.97 -17.70 11.57
N CYS E 96 9.73 -18.46 10.79
CA CYS E 96 10.69 -17.86 9.87
C CYS E 96 10.54 -18.31 8.43
N ASP E 97 10.66 -19.62 8.20
CA ASP E 97 10.56 -20.17 6.84
C ASP E 97 9.26 -19.82 6.12
N VAL E 98 8.18 -19.56 6.86
CA VAL E 98 6.90 -19.25 6.21
C VAL E 98 6.94 -17.96 5.40
N GLY E 99 7.90 -17.09 5.67
CA GLY E 99 8.01 -15.85 4.91
C GLY E 99 7.16 -14.72 5.46
N GLN E 100 7.59 -13.49 5.17
CA GLN E 100 6.94 -12.27 5.64
C GLN E 100 5.43 -12.18 5.46
N THR E 101 4.93 -12.47 4.25
CA THR E 101 3.50 -12.37 4.00
C THR E 101 2.64 -13.29 4.85
N VAL E 102 2.92 -14.59 4.80
CA VAL E 102 2.14 -15.54 5.60
C VAL E 102 2.36 -15.30 7.09
N TYR E 103 3.57 -14.88 7.45
CA TYR E 103 3.88 -14.64 8.86
C TYR E 103 2.91 -13.67 9.52
N LEU E 104 2.50 -12.61 8.82
CA LEU E 104 1.58 -11.65 9.41
C LEU E 104 0.17 -11.67 8.82
N GLY E 105 0.00 -12.32 7.67
CA GLY E 105 -1.31 -12.39 7.04
C GLY E 105 -2.20 -13.50 7.58
N MET E 106 -1.59 -14.58 8.04
CA MET E 106 -2.33 -15.72 8.57
C MET E 106 -2.35 -15.70 10.10
N PRO E 107 -3.23 -16.52 10.71
CA PRO E 107 -3.32 -16.57 12.17
C PRO E 107 -2.19 -17.35 12.80
N TYR E 108 -1.93 -17.01 14.06
CA TYR E 108 -0.90 -17.64 14.88
C TYR E 108 -0.94 -19.17 14.74
N TYR E 109 -2.05 -19.78 15.13
CA TYR E 109 -2.15 -21.23 15.04
C TYR E 109 -2.27 -21.75 13.61
N GLY E 110 -2.59 -20.87 12.67
CA GLY E 110 -2.65 -21.28 11.29
C GLY E 110 -1.25 -21.66 10.85
N ARG E 111 -0.27 -20.90 11.33
CA ARG E 111 1.13 -21.16 11.00
C ARG E 111 1.62 -22.41 11.73
N TRP E 112 1.19 -22.61 12.97
CA TRP E 112 1.57 -23.82 13.71
C TRP E 112 1.11 -25.03 12.92
N LEU E 113 -0.15 -24.99 12.48
CA LEU E 113 -0.75 -26.10 11.74
C LEU E 113 -0.10 -26.34 10.38
N LEU E 114 0.09 -25.29 9.59
CA LEU E 114 0.71 -25.45 8.28
C LEU E 114 2.09 -26.06 8.44
N THR E 115 2.78 -25.69 9.51
CA THR E 115 4.13 -26.18 9.73
C THR E 115 4.15 -27.63 10.20
N ALA E 116 3.09 -28.07 10.89
CA ALA E 116 3.05 -29.46 11.33
C ALA E 116 2.91 -30.31 10.07
N ALA E 117 2.12 -29.81 9.11
CA ALA E 117 1.91 -30.51 7.86
C ALA E 117 3.24 -30.52 7.10
N ARG E 118 3.91 -29.37 7.14
CA ARG E 118 5.18 -29.18 6.48
C ARG E 118 6.27 -30.16 6.94
N ILE E 119 6.41 -30.38 8.24
CA ILE E 119 7.46 -31.28 8.70
C ILE E 119 7.21 -32.72 8.23
N LEU E 120 5.95 -33.12 8.10
CA LEU E 120 5.65 -34.48 7.64
C LEU E 120 6.17 -34.67 6.22
N VAL E 121 5.99 -33.65 5.40
CA VAL E 121 6.43 -33.71 4.00
C VAL E 121 7.92 -33.49 3.83
N ASP E 122 8.49 -32.51 4.52
CA ASP E 122 9.92 -32.24 4.39
C ASP E 122 10.81 -33.39 4.87
N LYS E 123 10.39 -34.10 5.91
CA LYS E 123 11.19 -35.22 6.41
C LYS E 123 10.73 -36.55 5.79
N GLN E 124 9.90 -36.43 4.75
CA GLN E 124 9.40 -37.57 4.00
C GLN E 124 8.64 -38.65 4.76
N PHE E 125 7.97 -38.28 5.84
CA PHE E 125 7.17 -39.26 6.58
C PHE E 125 5.90 -39.52 5.79
N VAL E 126 5.52 -38.54 4.96
CA VAL E 126 4.37 -38.67 4.05
C VAL E 126 4.81 -37.93 2.78
N THR E 127 4.28 -38.34 1.64
CA THR E 127 4.61 -37.66 0.39
C THR E 127 3.61 -36.52 0.29
N LEU E 128 3.89 -35.53 -0.55
CA LEU E 128 2.95 -34.43 -0.70
C LEU E 128 1.65 -34.99 -1.28
N THR E 129 1.78 -36.03 -2.10
CA THR E 129 0.63 -36.65 -2.72
C THR E 129 -0.28 -37.24 -1.65
N GLU E 130 0.31 -37.87 -0.64
CA GLU E 130 -0.47 -38.45 0.44
C GLU E 130 -1.19 -37.34 1.21
N LEU E 131 -0.53 -36.20 1.37
CA LEU E 131 -1.15 -35.09 2.09
C LEU E 131 -2.30 -34.53 1.26
N HIS E 132 -2.05 -34.29 -0.04
CA HIS E 132 -3.10 -33.78 -0.91
C HIS E 132 -4.28 -34.75 -0.92
N ASN E 133 -3.99 -36.04 -1.04
CA ASN E 133 -5.05 -37.05 -1.06
C ASN E 133 -5.84 -37.05 0.25
N LYS E 134 -5.15 -36.88 1.37
CA LYS E 134 -5.82 -36.86 2.67
C LYS E 134 -6.74 -35.65 2.79
N ILE E 135 -6.34 -34.51 2.24
CA ILE E 135 -7.18 -33.32 2.29
C ILE E 135 -8.45 -33.58 1.49
N VAL E 136 -8.30 -34.22 0.32
CA VAL E 136 -9.46 -34.54 -0.51
C VAL E 136 -10.37 -35.47 0.29
N GLU E 137 -9.77 -36.43 0.99
CA GLU E 137 -10.54 -37.38 1.80
C GLU E 137 -11.35 -36.70 2.90
N MET E 138 -10.75 -35.76 3.61
CA MET E 138 -11.46 -35.06 4.69
C MET E 138 -12.65 -34.29 4.13
N ARG E 139 -12.43 -33.60 3.01
CA ARG E 139 -13.50 -32.83 2.38
C ARG E 139 -14.65 -33.75 1.96
N GLU E 140 -14.32 -34.90 1.38
CA GLU E 140 -15.35 -35.85 0.95
C GLU E 140 -16.09 -36.44 2.14
N ARG E 141 -15.39 -36.65 3.25
CA ARG E 141 -16.01 -37.20 4.45
C ARG E 141 -17.08 -36.20 4.91
N VAL E 142 -16.75 -34.92 4.84
CA VAL E 142 -17.68 -33.87 5.25
C VAL E 142 -18.85 -33.75 4.28
N ALA E 143 -18.56 -33.77 2.99
CA ALA E 143 -19.59 -33.67 1.97
C ALA E 143 -20.57 -34.85 1.98
N SER E 144 -20.09 -36.03 2.35
CA SER E 144 -20.95 -37.21 2.35
C SER E 144 -21.72 -37.41 3.66
N GLY E 145 -21.65 -36.43 4.56
CA GLY E 145 -22.36 -36.53 5.83
C GLY E 145 -21.78 -37.47 6.86
N GLN E 146 -20.52 -37.86 6.68
CA GLN E 146 -19.87 -38.78 7.60
C GLN E 146 -19.23 -38.09 8.81
N GLY E 147 -19.35 -36.76 8.87
CA GLY E 147 -18.79 -36.02 9.98
C GLY E 147 -17.29 -35.83 9.87
N LEU E 148 -16.72 -35.09 10.81
CA LEU E 148 -15.30 -34.81 10.81
C LEU E 148 -14.83 -34.67 12.27
N GLY E 149 -14.37 -35.77 12.84
CA GLY E 149 -13.92 -35.76 14.22
C GLY E 149 -14.91 -35.07 15.13
N GLU E 150 -14.39 -34.26 16.05
CA GLU E 150 -15.24 -33.54 16.99
C GLU E 150 -15.73 -32.20 16.43
N TYR E 151 -15.39 -31.90 15.19
CA TYR E 151 -15.81 -30.64 14.56
C TYR E 151 -17.21 -30.73 13.98
N LEU E 152 -17.59 -31.92 13.54
CA LEU E 152 -18.89 -32.11 12.93
C LEU E 152 -19.38 -33.53 13.10
N PRO E 153 -20.57 -33.71 13.69
CA PRO E 153 -21.00 -35.10 13.83
C PRO E 153 -21.60 -35.62 12.52
N PRO E 154 -21.66 -36.95 12.36
CA PRO E 154 -22.23 -37.47 11.12
C PRO E 154 -23.66 -36.95 11.00
N GLU F 23 -19.31 -25.32 6.53
CA GLU F 23 -19.49 -25.34 8.01
C GLU F 23 -18.28 -25.92 8.82
N VAL F 24 -17.21 -26.31 8.13
CA VAL F 24 -15.98 -26.71 8.83
C VAL F 24 -14.99 -25.88 8.04
N SER F 25 -14.02 -25.32 8.73
CA SER F 25 -13.05 -24.45 8.07
C SER F 25 -11.88 -25.19 7.46
N ASP F 26 -11.12 -24.49 6.63
CA ASP F 26 -9.94 -25.07 5.99
C ASP F 26 -8.96 -25.51 7.08
N PHE F 27 -8.95 -24.81 8.20
CA PHE F 27 -8.05 -25.15 9.30
C PHE F 27 -8.47 -26.48 9.95
N GLU F 28 -9.76 -26.69 10.10
CA GLU F 28 -10.24 -27.93 10.71
C GLU F 28 -9.99 -29.11 9.77
N ILE F 29 -10.16 -28.90 8.47
CA ILE F 29 -9.92 -29.94 7.48
C ILE F 29 -8.44 -30.35 7.52
N LEU F 30 -7.55 -29.36 7.56
CA LEU F 30 -6.12 -29.64 7.60
C LEU F 30 -5.66 -30.25 8.92
N GLU F 31 -6.26 -29.81 10.04
CA GLU F 31 -5.87 -30.36 11.35
C GLU F 31 -6.15 -31.86 11.36
N MET F 32 -7.32 -32.23 10.87
CA MET F 32 -7.71 -33.64 10.82
C MET F 32 -6.79 -34.45 9.91
N ALA F 33 -6.45 -33.87 8.76
CA ALA F 33 -5.58 -34.54 7.81
C ALA F 33 -4.20 -34.80 8.42
N VAL F 34 -3.64 -33.77 9.06
CA VAL F 34 -2.32 -33.90 9.66
C VAL F 34 -2.31 -34.90 10.81
N ARG F 35 -3.31 -34.84 11.68
CA ARG F 35 -3.37 -35.77 12.80
C ARG F 35 -3.56 -37.22 12.36
N GLU F 36 -4.47 -37.47 11.42
CA GLU F 36 -4.68 -38.83 10.94
C GLU F 36 -3.44 -39.39 10.26
N LEU F 37 -2.79 -38.57 9.42
CA LEU F 37 -1.57 -38.97 8.72
C LEU F 37 -0.48 -39.29 9.73
N ALA F 38 -0.30 -38.42 10.72
CA ALA F 38 0.74 -38.65 11.74
C ALA F 38 0.52 -39.98 12.47
N ILE F 39 -0.74 -40.28 12.80
CA ILE F 39 -1.05 -41.51 13.50
C ILE F 39 -0.90 -42.72 12.58
N GLU F 40 -1.34 -42.59 11.33
CA GLU F 40 -1.23 -43.68 10.36
C GLU F 40 0.22 -44.09 10.15
N LYS F 41 1.12 -43.10 10.14
CA LYS F 41 2.54 -43.35 9.93
C LYS F 41 3.30 -43.73 11.20
N GLY F 42 2.58 -43.84 12.31
CA GLY F 42 3.21 -44.22 13.56
C GLY F 42 4.12 -43.18 14.20
N LEU F 43 3.90 -41.91 13.88
CA LEU F 43 4.73 -40.84 14.44
C LEU F 43 4.34 -40.62 15.90
N PHE F 44 3.04 -40.61 16.18
CA PHE F 44 2.54 -40.54 17.55
C PHE F 44 1.20 -41.26 17.51
N SER F 45 0.69 -41.66 18.68
CA SER F 45 -0.56 -42.40 18.73
C SER F 45 -1.72 -41.53 19.17
N ALA F 46 -2.93 -42.04 19.01
CA ALA F 46 -4.11 -41.31 19.42
C ALA F 46 -4.04 -41.11 20.94
N GLU F 47 -3.50 -42.09 21.66
CA GLU F 47 -3.40 -41.97 23.10
C GLU F 47 -2.41 -40.85 23.45
N ASP F 48 -1.30 -40.76 22.72
CA ASP F 48 -0.31 -39.70 22.98
C ASP F 48 -1.01 -38.35 22.89
N HIS F 49 -1.77 -38.16 21.82
CA HIS F 49 -2.49 -36.91 21.59
C HIS F 49 -3.48 -36.61 22.71
N ARG F 50 -4.23 -37.63 23.15
CA ARG F 50 -5.20 -37.43 24.22
C ARG F 50 -4.48 -37.09 25.52
N VAL F 51 -3.38 -37.79 25.77
CA VAL F 51 -2.58 -37.55 26.97
C VAL F 51 -2.05 -36.11 27.00
N TRP F 52 -1.62 -35.61 25.84
CA TRP F 52 -1.09 -34.25 25.82
C TRP F 52 -2.20 -33.22 26.04
N LYS F 53 -3.34 -33.42 25.38
CA LYS F 53 -4.43 -32.48 25.55
C LYS F 53 -4.87 -32.42 27.01
N ASP F 54 -4.96 -33.58 27.65
CA ASP F 54 -5.36 -33.64 29.05
C ASP F 54 -4.34 -32.91 29.93
N TYR F 55 -3.05 -33.13 29.66
CA TYR F 55 -2.00 -32.48 30.44
C TYR F 55 -2.16 -30.96 30.35
N VAL F 56 -2.29 -30.45 29.12
CA VAL F 56 -2.44 -29.01 28.94
C VAL F 56 -3.70 -28.50 29.65
N HIS F 57 -4.77 -29.29 29.58
CA HIS F 57 -6.02 -28.90 30.20
C HIS F 57 -5.87 -28.73 31.73
N THR F 58 -4.90 -29.42 32.34
CA THR F 58 -4.71 -29.29 33.79
C THR F 58 -3.89 -28.07 34.17
N LEU F 59 -3.17 -27.50 33.21
CA LEU F 59 -2.32 -26.35 33.50
C LEU F 59 -3.08 -25.08 33.85
N GLY F 60 -2.45 -24.27 34.70
CA GLY F 60 -3.05 -23.01 35.14
C GLY F 60 -2.05 -22.21 35.96
N PRO F 61 -2.38 -20.97 36.33
CA PRO F 61 -1.51 -20.09 37.12
C PRO F 61 -1.44 -20.37 38.62
N LEU F 62 -2.32 -21.23 39.13
CA LEU F 62 -2.35 -21.54 40.55
C LEU F 62 -1.00 -21.91 41.18
N PRO F 63 -0.25 -22.84 40.58
CA PRO F 63 1.04 -23.16 41.21
C PRO F 63 2.02 -21.99 41.28
N ALA F 64 2.06 -21.16 40.25
CA ALA F 64 2.94 -20.01 40.22
C ALA F 64 2.53 -19.01 41.29
N ALA F 65 1.22 -18.80 41.43
CA ALA F 65 0.70 -17.87 42.42
C ALA F 65 1.06 -18.34 43.82
N ARG F 66 0.99 -19.66 44.01
CA ARG F 66 1.33 -20.23 45.30
C ARG F 66 2.83 -20.09 45.56
N LEU F 67 3.65 -20.18 44.52
CA LEU F 67 5.09 -20.04 44.68
C LEU F 67 5.41 -18.63 45.18
N VAL F 68 4.73 -17.64 44.62
CA VAL F 68 4.94 -16.26 45.02
C VAL F 68 4.52 -16.05 46.48
N ALA F 69 3.34 -16.56 46.85
CA ALA F 69 2.86 -16.41 48.21
C ALA F 69 3.81 -17.07 49.20
N LYS F 70 4.35 -18.23 48.85
CA LYS F 70 5.28 -18.92 49.74
C LYS F 70 6.54 -18.11 49.94
N ALA F 71 7.00 -17.49 48.85
CA ALA F 71 8.20 -16.67 48.89
C ALA F 71 8.00 -15.46 49.79
N TRP F 72 6.80 -14.88 49.76
CA TRP F 72 6.51 -13.71 50.60
C TRP F 72 6.57 -14.07 52.07
N LEU F 73 6.21 -15.31 52.38
CA LEU F 73 6.18 -15.78 53.77
C LEU F 73 7.44 -16.49 54.26
N ASP F 74 8.34 -16.82 53.34
CA ASP F 74 9.56 -17.55 53.71
C ASP F 74 10.81 -17.04 52.99
N PRO F 75 11.65 -16.25 53.68
CA PRO F 75 12.89 -15.69 53.13
C PRO F 75 13.82 -16.69 52.46
N GLU F 76 13.96 -17.87 53.06
CA GLU F 76 14.85 -18.87 52.48
C GLU F 76 14.28 -19.40 51.17
N TYR F 77 12.97 -19.61 51.11
CA TYR F 77 12.37 -20.11 49.88
C TYR F 77 12.48 -19.01 48.82
N LYS F 78 12.28 -17.75 49.22
CA LYS F 78 12.39 -16.66 48.25
C LYS F 78 13.77 -16.66 47.62
N LYS F 79 14.80 -16.87 48.43
CA LYS F 79 16.17 -16.90 47.91
C LYS F 79 16.31 -18.03 46.90
N LEU F 80 15.68 -19.16 47.18
CA LEU F 80 15.76 -20.31 46.28
C LEU F 80 15.06 -19.98 44.97
N CYS F 81 13.92 -19.29 45.06
CA CYS F 81 13.16 -18.91 43.87
C CYS F 81 14.03 -18.06 42.95
N ILE F 82 14.70 -17.07 43.54
CA ILE F 82 15.56 -16.16 42.79
C ILE F 82 16.80 -16.83 42.18
N GLU F 83 17.37 -17.80 42.89
CA GLU F 83 18.57 -18.47 42.43
C GLU F 83 18.36 -19.71 41.56
N ASP F 84 17.29 -20.44 41.83
CA ASP F 84 17.03 -21.70 41.13
C ASP F 84 15.53 -21.95 41.01
N GLY F 85 14.91 -21.31 40.02
CA GLY F 85 13.47 -21.46 39.82
C GLY F 85 13.00 -22.89 39.62
N VAL F 86 13.83 -23.68 38.94
CA VAL F 86 13.48 -25.08 38.67
C VAL F 86 13.33 -25.85 39.99
N GLU F 87 14.25 -25.65 40.91
CA GLU F 87 14.18 -26.34 42.20
C GLU F 87 13.00 -25.80 43.03
N ALA F 88 12.79 -24.49 42.98
CA ALA F 88 11.70 -23.87 43.73
C ALA F 88 10.33 -24.34 43.27
N SER F 89 10.17 -24.54 41.97
CA SER F 89 8.91 -24.97 41.39
C SER F 89 8.42 -26.30 41.97
N LYS F 90 9.35 -27.15 42.36
CA LYS F 90 9.02 -28.46 42.93
C LYS F 90 8.17 -28.34 44.20
N ALA F 91 8.41 -27.29 44.98
CA ALA F 91 7.66 -27.08 46.21
C ALA F 91 6.19 -26.79 45.98
N VAL F 92 5.81 -26.43 44.76
CA VAL F 92 4.41 -26.19 44.48
C VAL F 92 3.85 -27.25 43.54
N GLY F 93 4.55 -28.38 43.48
CA GLY F 93 4.11 -29.51 42.68
C GLY F 93 4.37 -29.54 41.18
N VAL F 94 5.10 -28.58 40.65
CA VAL F 94 5.39 -28.57 39.22
C VAL F 94 6.85 -28.86 39.03
N ASN F 95 7.16 -30.08 38.57
CA ASN F 95 8.54 -30.47 38.32
C ASN F 95 8.71 -30.30 36.81
N TRP F 96 9.55 -29.34 36.43
CA TRP F 96 9.75 -29.06 35.01
C TRP F 96 10.27 -30.21 34.16
N VAL F 97 10.91 -31.18 34.78
CA VAL F 97 11.42 -32.33 34.04
C VAL F 97 10.41 -33.49 34.02
N THR F 98 9.89 -33.84 35.19
CA THR F 98 8.98 -34.97 35.33
C THR F 98 7.47 -34.77 35.27
N SER F 99 6.97 -33.55 35.42
CA SER F 99 5.52 -33.35 35.37
C SER F 99 4.95 -33.51 33.95
N PRO F 100 5.69 -33.07 32.91
CA PRO F 100 5.18 -33.22 31.54
C PRO F 100 5.21 -34.68 31.09
N PRO F 101 4.31 -35.09 30.20
CA PRO F 101 4.23 -36.46 29.69
C PRO F 101 5.54 -37.06 29.17
N THR F 102 6.45 -36.22 28.69
CA THR F 102 7.73 -36.66 28.13
C THR F 102 8.74 -37.17 29.17
N GLN F 103 8.68 -36.57 30.35
CA GLN F 103 9.60 -36.83 31.44
C GLN F 103 10.97 -36.26 31.09
N PHE F 104 10.98 -35.27 30.20
CA PHE F 104 12.20 -34.55 29.83
C PHE F 104 11.83 -33.09 29.59
N GLY F 105 10.73 -32.69 30.23
CA GLY F 105 10.22 -31.34 30.12
C GLY F 105 9.40 -31.23 28.84
N THR F 106 8.55 -30.22 28.73
CA THR F 106 7.78 -30.09 27.49
C THR F 106 8.81 -29.75 26.41
N PRO F 107 8.56 -30.21 25.18
CA PRO F 107 9.50 -29.93 24.09
C PRO F 107 9.68 -28.44 23.84
N SER F 108 8.60 -27.67 24.00
CA SER F 108 8.65 -26.24 23.73
C SER F 108 8.93 -25.27 24.88
N ASP F 109 8.74 -25.69 26.13
CA ASP F 109 8.98 -24.78 27.26
C ASP F 109 10.29 -25.06 27.99
N TYR F 110 10.89 -26.21 27.71
CA TYR F 110 12.17 -26.60 28.31
C TYR F 110 12.16 -26.70 29.83
N CYS F 111 13.35 -26.77 30.43
CA CYS F 111 13.46 -26.92 31.88
C CYS F 111 14.35 -25.89 32.59
N ASN F 112 14.16 -24.61 32.29
CA ASN F 112 14.96 -23.59 32.95
C ASN F 112 14.12 -22.39 33.33
N LEU F 113 13.28 -22.58 34.34
CA LEU F 113 12.43 -21.51 34.84
C LEU F 113 13.26 -20.59 35.71
N ARG F 114 13.09 -19.28 35.51
CA ARG F 114 13.78 -18.31 36.32
C ARG F 114 12.67 -17.43 36.90
N VAL F 115 12.79 -17.11 38.18
CA VAL F 115 11.81 -16.26 38.85
C VAL F 115 12.44 -14.90 39.01
N LEU F 116 11.76 -13.86 38.52
CA LEU F 116 12.27 -12.49 38.59
C LEU F 116 11.60 -11.77 39.76
N ALA F 117 12.40 -11.43 40.76
CA ALA F 117 11.87 -10.76 41.96
C ALA F 117 11.83 -9.24 41.92
N ASP F 118 10.62 -8.70 41.94
CA ASP F 118 10.43 -7.25 41.97
C ASP F 118 10.89 -6.80 43.35
N SER F 119 11.13 -5.50 43.50
CA SER F 119 11.55 -4.94 44.77
C SER F 119 11.10 -3.48 44.75
N PRO F 120 11.38 -2.72 45.83
CA PRO F 120 10.95 -1.32 45.82
C PRO F 120 11.64 -0.49 44.74
N THR F 121 12.70 -1.04 44.14
CA THR F 121 13.45 -0.32 43.11
C THR F 121 13.52 -1.08 41.79
N LEU F 122 12.76 -2.17 41.67
CA LEU F 122 12.80 -2.98 40.46
C LEU F 122 11.46 -3.65 40.16
N LYS F 123 10.99 -3.52 38.92
CA LYS F 123 9.73 -4.13 38.54
C LYS F 123 9.89 -4.77 37.15
N HIS F 124 9.58 -6.06 37.05
CA HIS F 124 9.72 -6.82 35.81
C HIS F 124 8.45 -7.05 35.01
N VAL F 125 8.62 -7.20 33.70
CA VAL F 125 7.52 -7.54 32.81
C VAL F 125 8.15 -8.40 31.72
N VAL F 126 7.42 -9.43 31.31
CA VAL F 126 7.92 -10.41 30.35
C VAL F 126 7.25 -10.46 28.98
N VAL F 127 8.02 -10.86 27.97
CA VAL F 127 7.55 -10.98 26.60
C VAL F 127 8.49 -11.92 25.85
N CYS F 128 8.04 -12.42 24.71
CA CYS F 128 8.87 -13.26 23.84
C CYS F 128 8.74 -12.53 22.52
N THR F 129 9.67 -11.63 22.23
CA THR F 129 9.56 -10.88 20.98
C THR F 129 9.61 -11.76 19.73
N LEU F 130 10.30 -12.89 19.80
CA LEU F 130 10.41 -13.76 18.64
C LEU F 130 9.17 -14.62 18.40
N SER F 132 6.16 -16.44 21.38
CA SER F 132 5.17 -16.44 22.45
C SER F 132 5.63 -17.25 23.65
N TYR F 134 6.45 -18.88 26.83
CA TYR F 134 5.74 -18.66 28.09
C TYR F 134 5.99 -19.87 29.01
N PRO F 135 6.00 -19.65 30.34
CA PRO F 135 6.23 -20.75 31.29
C PRO F 135 4.98 -21.62 31.46
N ARG F 136 4.55 -22.24 30.37
CA ARG F 136 3.34 -23.07 30.38
C ARG F 136 3.20 -24.09 31.53
N PRO F 137 4.26 -24.86 31.84
CA PRO F 137 4.12 -25.85 32.93
C PRO F 137 3.62 -25.32 34.27
N ILE F 138 4.01 -24.10 34.62
CA ILE F 138 3.60 -23.53 35.91
C ILE F 138 2.57 -22.42 35.77
N LEU F 139 2.27 -21.99 34.54
CA LEU F 139 1.34 -20.89 34.33
C LEU F 139 0.14 -21.12 33.38
N GLY F 140 0.20 -22.14 32.53
CA GLY F 140 -0.90 -22.38 31.60
C GLY F 140 -0.60 -21.83 30.22
N GLN F 141 -1.60 -21.75 29.34
CA GLN F 141 -1.39 -21.21 27.99
C GLN F 141 -1.29 -19.70 28.02
N SER F 142 -0.60 -19.16 27.01
CA SER F 142 -0.39 -17.72 26.89
C SER F 142 -1.65 -16.98 26.45
N PRO F 143 -1.82 -15.72 26.88
CA PRO F 143 -2.98 -14.91 26.50
C PRO F 143 -2.84 -14.59 25.02
N GLU F 144 -3.95 -14.32 24.36
CA GLU F 144 -3.92 -14.00 22.94
C GLU F 144 -3.05 -12.77 22.67
N TRP F 145 -3.19 -11.74 23.51
CA TRP F 145 -2.43 -10.51 23.34
C TRP F 145 -0.93 -10.66 23.54
N TYR F 146 -0.54 -11.60 24.38
CA TYR F 146 0.87 -11.86 24.66
C TYR F 146 1.55 -12.35 23.38
N ARG F 147 0.75 -13.03 22.56
CA ARG F 147 1.21 -13.61 21.31
C ARG F 147 1.17 -12.61 20.12
N SER F 148 0.52 -11.46 20.31
CA SER F 148 0.39 -10.47 19.25
C SER F 148 1.66 -9.77 18.78
N PRO F 149 1.77 -9.52 17.47
CA PRO F 149 2.94 -8.83 16.93
C PRO F 149 3.05 -7.47 17.62
N ASN F 150 1.90 -6.89 17.96
CA ASN F 150 1.87 -5.58 18.60
C ASN F 150 2.61 -5.55 19.94
N TYR F 151 2.27 -6.48 20.82
CA TYR F 151 2.89 -6.57 22.14
C TYR F 151 4.38 -6.89 21.99
N ARG F 152 4.67 -7.78 21.04
CA ARG F 152 6.05 -8.20 20.80
C ARG F 152 6.92 -7.11 20.18
N ARG F 153 6.30 -6.16 19.49
CA ARG F 153 7.05 -5.06 18.91
C ARG F 153 7.30 -3.95 19.93
N ARG F 154 6.24 -3.58 20.64
CA ARG F 154 6.26 -2.47 21.58
C ARG F 154 6.80 -2.59 23.00
N LEU F 155 6.50 -3.67 23.70
CA LEU F 155 6.95 -3.77 25.10
C LEU F 155 8.43 -3.53 25.37
N VAL F 156 9.32 -4.13 24.56
CA VAL F 156 10.75 -3.96 24.79
C VAL F 156 11.25 -2.52 24.61
N ARG F 157 10.53 -1.72 23.82
CA ARG F 157 10.95 -0.35 23.55
C ARG F 157 10.19 0.75 24.28
N TRP F 158 8.89 0.55 24.50
CA TRP F 158 8.06 1.52 25.18
C TRP F 158 7.33 0.82 26.33
N PRO F 159 8.07 0.15 27.22
CA PRO F 159 7.42 -0.55 28.34
C PRO F 159 6.53 0.29 29.24
N ARG F 160 6.95 1.50 29.60
CA ARG F 160 6.12 2.31 30.47
C ARG F 160 4.83 2.75 29.79
N GLN F 161 4.88 2.96 28.48
CA GLN F 161 3.69 3.36 27.75
C GLN F 161 2.74 2.17 27.63
N VAL F 162 3.29 0.98 27.34
CA VAL F 162 2.46 -0.21 27.22
C VAL F 162 1.86 -0.57 28.57
N LEU F 163 2.66 -0.52 29.64
CA LEU F 163 2.15 -0.83 30.97
C LEU F 163 1.06 0.16 31.37
N ALA F 164 1.23 1.42 31.01
CA ALA F 164 0.23 2.43 31.34
C ALA F 164 -1.10 2.09 30.67
N GLU F 165 -1.02 1.55 29.46
CA GLU F 165 -2.23 1.16 28.74
C GLU F 165 -2.93 0.05 29.53
N PHE F 166 -2.13 -0.82 30.15
CA PHE F 166 -2.63 -1.92 30.96
C PHE F 166 -3.10 -1.41 32.33
N GLY F 167 -2.85 -0.13 32.60
CA GLY F 167 -3.27 0.45 33.88
C GLY F 167 -2.23 0.37 34.98
N LEU F 168 -0.96 0.16 34.62
CA LEU F 168 0.11 0.06 35.60
C LEU F 168 1.17 1.13 35.40
N GLN F 169 1.50 1.83 36.48
CA GLN F 169 2.50 2.89 36.43
C GLN F 169 3.40 2.78 37.64
N LEU F 170 4.69 3.00 37.41
CA LEU F 170 5.63 2.91 38.49
C LEU F 170 6.44 4.19 38.62
N PRO F 171 7.02 4.47 39.81
CA PRO F 171 7.80 5.69 39.95
C PRO F 171 8.86 5.77 38.85
N SER F 172 9.18 6.98 38.41
CA SER F 172 10.17 7.14 37.35
C SER F 172 11.55 6.65 37.72
N GLU F 173 11.88 6.68 39.00
CA GLU F 173 13.19 6.24 39.45
C GLU F 173 13.30 4.73 39.59
N VAL F 174 12.16 4.05 39.60
CA VAL F 174 12.14 2.60 39.72
C VAL F 174 12.61 1.97 38.40
N GLN F 175 13.45 0.95 38.49
CA GLN F 175 13.95 0.28 37.31
C GLN F 175 12.92 -0.68 36.75
N ILE F 176 12.37 -0.37 35.57
CA ILE F 176 11.44 -1.29 34.94
C ILE F 176 12.37 -2.15 34.09
N ARG F 177 12.30 -3.47 34.26
CA ARG F 177 13.13 -4.36 33.46
C ARG F 177 12.25 -5.26 32.62
N VAL F 178 12.45 -5.21 31.30
CA VAL F 178 11.69 -6.06 30.40
C VAL F 178 12.57 -7.28 30.16
N ALA F 179 11.99 -8.47 30.32
CA ALA F 179 12.72 -9.70 30.09
C ALA F 179 12.19 -10.30 28.79
N ASP F 180 13.09 -10.49 27.82
CA ASP F 180 12.71 -11.06 26.53
C ASP F 180 13.11 -12.53 26.55
N SER F 181 12.11 -13.42 26.63
CA SER F 181 12.32 -14.88 26.70
C SER F 181 12.65 -15.47 25.33
N ASN F 182 13.84 -15.19 24.82
CA ASN F 182 14.23 -15.66 23.49
C ASN F 182 14.94 -17.01 23.37
N GLN F 183 15.53 -17.52 24.45
CA GLN F 183 16.19 -18.81 24.33
C GLN F 183 15.44 -19.89 25.13
N LYS F 184 16.13 -20.69 25.93
CA LYS F 184 15.44 -21.76 26.66
C LYS F 184 14.91 -21.43 28.06
N THR F 185 15.14 -20.20 28.52
CA THR F 185 14.64 -19.80 29.84
C THR F 185 13.21 -19.25 29.74
N ARG F 186 12.39 -19.58 30.73
CA ARG F 186 11.03 -19.08 30.80
C ARG F 186 11.00 -18.34 32.14
N TYR F 187 10.19 -17.29 32.24
CA TYR F 187 10.11 -16.48 33.45
C TYR F 187 8.72 -16.31 34.04
N ILE F 188 8.69 -16.10 35.36
CA ILE F 188 7.46 -15.71 36.04
C ILE F 188 7.94 -14.58 36.93
N VAL F 189 7.08 -13.59 37.12
CA VAL F 189 7.43 -12.44 37.93
C VAL F 189 6.91 -12.59 39.36
N MET F 190 7.78 -12.34 40.33
CA MET F 190 7.39 -12.39 41.73
C MET F 190 7.21 -10.94 42.13
N PRO F 191 5.98 -10.43 42.11
CA PRO F 191 5.71 -9.04 42.49
C PRO F 191 5.97 -8.78 43.97
N VAL F 192 6.12 -7.52 44.35
CA VAL F 192 6.34 -7.23 45.76
C VAL F 192 4.98 -7.42 46.44
N ARG F 193 5.01 -7.84 47.70
CA ARG F 193 3.79 -8.05 48.46
C ARG F 193 3.16 -6.69 48.71
N PRO F 194 1.87 -6.53 48.36
CA PRO F 194 1.21 -5.24 48.58
C PRO F 194 0.78 -4.94 50.01
N GLU F 195 0.49 -3.67 50.25
CA GLU F 195 0.04 -3.19 51.55
C GLU F 195 -1.37 -3.73 51.73
N GLY F 196 -1.82 -3.76 52.99
CA GLY F 196 -3.16 -4.25 53.25
C GLY F 196 -3.32 -5.76 53.32
N THR F 197 -2.21 -6.46 53.49
CA THR F 197 -2.26 -7.92 53.57
C THR F 197 -1.63 -8.43 54.86
N ASP F 198 -1.51 -7.56 55.85
CA ASP F 198 -0.91 -7.96 57.12
C ASP F 198 -1.63 -9.16 57.73
N GLY F 199 -0.86 -10.17 58.13
CA GLY F 199 -1.45 -11.35 58.73
C GLY F 199 -2.17 -12.30 57.80
N TRP F 200 -2.18 -12.00 56.51
CA TRP F 200 -2.84 -12.86 55.53
C TRP F 200 -2.18 -14.23 55.48
N THR F 201 -2.96 -15.25 55.14
CA THR F 201 -2.44 -16.61 55.02
C THR F 201 -1.89 -16.79 53.62
N GLU F 202 -1.17 -17.89 53.42
CA GLU F 202 -0.59 -18.18 52.12
C GLU F 202 -1.69 -18.26 51.05
N ASP F 203 -2.83 -18.85 51.40
CA ASP F 203 -3.94 -18.96 50.45
C ASP F 203 -4.50 -17.60 50.08
N GLN F 204 -4.63 -16.73 51.08
CA GLN F 204 -5.16 -15.39 50.83
C GLN F 204 -4.22 -14.62 49.93
N LEU F 205 -2.92 -14.78 50.16
CA LEU F 205 -1.93 -14.08 49.35
C LEU F 205 -1.89 -14.62 47.92
N ALA F 206 -1.94 -15.93 47.75
CA ALA F 206 -1.91 -16.53 46.43
C ALA F 206 -3.12 -16.12 45.59
N GLU F 207 -4.24 -15.89 46.25
CA GLU F 207 -5.47 -15.51 45.56
C GLU F 207 -5.36 -14.21 44.77
N ILE F 208 -4.52 -13.29 45.21
CA ILE F 208 -4.40 -12.02 44.49
C ILE F 208 -3.25 -11.97 43.48
N VAL F 209 -2.51 -13.07 43.35
CA VAL F 209 -1.43 -13.12 42.37
C VAL F 209 -2.02 -13.77 41.11
N THR F 210 -2.55 -12.93 40.23
CA THR F 210 -3.18 -13.37 38.98
C THR F 210 -2.17 -13.66 37.88
N ARG F 211 -2.66 -14.24 36.78
CA ARG F 211 -1.83 -14.55 35.63
C ARG F 211 -1.14 -13.26 35.19
N ASP F 212 -1.89 -12.18 35.10
CA ASP F 212 -1.35 -10.90 34.67
C ASP F 212 -0.21 -10.43 35.57
N CYS F 213 -0.30 -10.71 36.88
CA CYS F 213 0.76 -10.31 37.81
C CYS F 213 2.03 -11.13 37.56
N LEU F 214 1.84 -12.38 37.15
CA LEU F 214 2.95 -13.28 36.89
C LEU F 214 3.64 -12.97 35.56
N ILE F 215 2.95 -12.25 34.69
CA ILE F 215 3.52 -11.86 33.40
C ILE F 215 4.19 -10.51 33.64
N GLY F 216 3.58 -9.70 34.50
CA GLY F 216 4.13 -8.42 34.84
C GLY F 216 3.35 -7.20 34.37
N VAL F 217 2.20 -7.41 33.75
CA VAL F 217 1.41 -6.27 33.27
C VAL F 217 0.44 -5.72 34.32
N ALA F 218 0.44 -6.34 35.49
CA ALA F 218 -0.41 -5.91 36.60
C ALA F 218 0.32 -6.23 37.89
N VAL F 219 -0.08 -5.60 38.99
CA VAL F 219 0.52 -5.91 40.28
C VAL F 219 -0.62 -6.37 41.17
N PRO F 220 -0.33 -7.23 42.14
CA PRO F 220 -1.38 -7.74 43.04
C PRO F 220 -2.00 -6.67 43.94
N LYS F 221 -3.31 -6.76 44.12
CA LYS F 221 -4.06 -5.81 44.95
C LYS F 221 -5.09 -6.54 45.80
N PRO F 222 -5.18 -6.20 47.09
CA PRO F 222 -6.16 -6.88 47.95
C PRO F 222 -7.54 -6.69 47.31
N GLY F 223 -8.34 -7.75 47.28
CA GLY F 223 -9.67 -7.63 46.70
C GLY F 223 -9.77 -7.93 45.22
N ILE F 224 -8.64 -7.97 44.53
CA ILE F 224 -8.64 -8.28 43.10
C ILE F 224 -8.11 -9.70 42.95
N THR F 225 -8.98 -10.61 42.53
CA THR F 225 -8.60 -12.02 42.39
C THR F 225 -8.71 -12.57 40.97
N VAL F 226 -8.98 -11.71 40.00
CA VAL F 226 -9.07 -12.14 38.60
C VAL F 226 -8.42 -11.07 37.73
N ASN F 227 -7.98 -11.46 36.54
CA ASN F 227 -7.35 -10.52 35.62
C ASN F 227 -8.33 -9.42 35.27
N ALA F 228 -7.81 -8.24 34.98
CA ALA F 228 -8.65 -7.12 34.59
C ALA F 228 -9.47 -7.54 33.38
N LYS F 229 -10.74 -7.17 33.38
CA LYS F 229 -11.63 -7.51 32.29
C LYS F 229 -11.22 -6.79 31.01
N ARG F 230 -11.20 -7.52 29.91
CA ARG F 230 -10.89 -6.93 28.61
C ARG F 230 -11.72 -7.66 27.56
N PRO F 231 -11.89 -7.06 26.37
CA PRO F 231 -12.67 -7.70 25.31
C PRO F 231 -12.25 -9.15 25.09
N VAL F 232 -13.22 -10.01 24.82
CA VAL F 232 -12.91 -11.41 24.54
C VAL F 232 -13.43 -11.73 23.15
N LEU F 233 -12.51 -12.05 22.25
CA LEU F 233 -12.88 -12.40 20.88
C LEU F 233 -13.33 -13.85 20.89
N LYS F 234 -14.55 -14.10 20.40
CA LYS F 234 -15.09 -15.44 20.39
C LYS F 234 -14.55 -16.30 19.26
N ALA F 235 -14.48 -17.60 19.51
CA ALA F 235 -14.01 -18.56 18.52
C ALA F 235 -15.19 -19.02 17.68
N ASN F 236 -14.89 -19.55 16.50
CA ASN F 236 -15.94 -20.04 15.61
C ASN F 236 -16.49 -21.35 16.18
N ARG F 237 -15.58 -22.20 16.64
CA ARG F 237 -15.97 -23.48 17.21
C ARG F 237 -15.11 -23.83 18.44
N PRO F 238 -15.50 -23.29 19.61
CA PRO F 238 -14.76 -23.55 20.84
C PRO F 238 -15.22 -24.90 21.41
N VAL F 239 -14.59 -25.35 22.48
CA VAL F 239 -14.96 -26.61 23.12
C VAL F 239 -16.40 -26.51 23.60
N HIS F 240 -17.18 -27.58 23.48
CA HIS F 240 -18.57 -27.52 23.91
C HIS F 240 -18.70 -27.91 25.38
N LYS G 7 22.33 -37.18 11.35
CA LYS G 7 22.28 -38.63 10.99
C LYS G 7 21.90 -38.93 9.54
N PRO G 8 20.90 -38.20 9.01
CA PRO G 8 20.52 -38.52 7.63
C PRO G 8 21.66 -38.48 6.63
N VAL G 9 21.65 -39.47 5.73
CA VAL G 9 22.64 -39.57 4.67
C VAL G 9 21.88 -39.42 3.36
N TRP G 10 22.34 -38.51 2.52
CA TRP G 10 21.70 -38.29 1.23
C TRP G 10 22.47 -39.02 0.14
N ASP G 11 21.72 -39.75 -0.68
CA ASP G 11 22.32 -40.49 -1.78
C ASP G 11 22.56 -39.55 -2.96
N ARG G 12 23.80 -39.15 -3.16
CA ARG G 12 24.13 -38.22 -4.24
C ARG G 12 24.45 -38.86 -5.59
N THR G 13 24.36 -40.19 -5.68
CA THR G 13 24.67 -40.86 -6.95
C THR G 13 23.48 -41.50 -7.66
N HIS G 14 22.36 -41.64 -6.96
CA HIS G 14 21.18 -42.27 -7.55
C HIS G 14 20.73 -41.77 -8.91
N HIS G 15 20.48 -40.47 -9.02
CA HIS G 15 20.01 -39.89 -10.28
C HIS G 15 20.99 -40.09 -11.43
N ALA G 16 22.26 -39.79 -11.20
CA ALA G 16 23.27 -39.94 -12.25
C ALA G 16 23.40 -41.38 -12.72
N LYS G 17 23.38 -42.32 -11.79
CA LYS G 17 23.51 -43.73 -12.16
C LYS G 17 22.35 -44.20 -13.02
N MET G 18 21.16 -43.70 -12.73
CA MET G 18 19.97 -44.07 -13.45
C MET G 18 19.78 -43.36 -14.80
N ALA G 19 20.20 -42.11 -14.89
CA ALA G 19 20.02 -41.34 -16.13
C ALA G 19 21.21 -41.20 -17.08
N THR G 20 22.42 -41.47 -16.61
CA THR G 20 23.58 -41.33 -17.48
C THR G 20 23.47 -42.14 -18.77
N GLY G 21 23.71 -41.48 -19.90
CA GLY G 21 23.65 -42.13 -21.20
C GLY G 21 22.24 -42.35 -21.72
N ILE G 22 21.26 -41.97 -20.90
CA ILE G 22 19.85 -42.16 -21.25
C ILE G 22 19.05 -40.86 -21.26
N GLY G 23 19.20 -40.07 -20.20
CA GLY G 23 18.49 -38.81 -20.13
C GLY G 23 17.29 -38.85 -19.22
N ASP G 24 16.73 -37.66 -18.98
CA ASP G 24 15.56 -37.46 -18.13
C ASP G 24 14.63 -36.64 -19.03
N PRO G 25 13.36 -37.05 -19.18
CA PRO G 25 12.67 -38.20 -18.60
C PRO G 25 12.82 -39.58 -19.25
N GLN G 26 13.74 -39.75 -20.19
CA GLN G 26 13.90 -41.06 -20.83
C GLN G 26 14.12 -42.19 -19.82
N CYS G 27 14.83 -41.89 -18.74
CA CYS G 27 15.13 -42.89 -17.72
C CYS G 27 13.92 -43.48 -16.99
N PHE G 28 12.75 -42.83 -17.13
CA PHE G 28 11.54 -43.31 -16.48
C PHE G 28 10.61 -44.03 -17.45
N LYS G 29 11.04 -44.14 -18.70
CA LYS G 29 10.23 -44.79 -19.72
C LYS G 29 9.77 -46.19 -19.30
N GLY G 30 8.50 -46.48 -19.55
CA GLY G 30 7.94 -47.78 -19.22
C GLY G 30 7.54 -48.00 -17.77
N MET G 31 7.88 -47.07 -16.89
CA MET G 31 7.55 -47.22 -15.49
C MET G 31 6.14 -46.82 -15.07
N ALA G 32 5.39 -46.18 -15.96
CA ALA G 32 4.03 -45.75 -15.64
C ALA G 32 2.96 -46.80 -15.96
N GLY G 33 3.32 -47.79 -16.77
CA GLY G 33 2.37 -48.82 -17.15
C GLY G 33 1.51 -48.29 -18.29
N LYS G 34 0.28 -48.79 -18.39
CA LYS G 34 -0.62 -48.36 -19.46
C LYS G 34 -1.25 -47.00 -19.18
N SER G 35 -1.25 -46.13 -20.18
CA SER G 35 -1.82 -44.79 -20.03
C SER G 35 -3.33 -44.87 -19.91
N LYS G 36 -3.89 -44.04 -19.04
CA LYS G 36 -5.32 -43.99 -18.79
C LYS G 36 -6.08 -43.28 -19.90
N PHE G 37 -5.41 -42.37 -20.60
CA PHE G 37 -6.03 -41.61 -21.67
C PHE G 37 -5.26 -41.72 -23.00
N ASN G 38 -5.91 -41.34 -24.09
CA ASN G 38 -5.30 -41.41 -25.42
C ASN G 38 -5.38 -40.06 -26.14
N VAL G 39 -4.57 -39.91 -27.19
CA VAL G 39 -4.58 -38.69 -27.99
C VAL G 39 -6.00 -38.53 -28.53
N GLY G 40 -6.54 -37.32 -28.45
CA GLY G 40 -7.87 -37.08 -28.94
C GLY G 40 -8.93 -36.99 -27.85
N ASP G 41 -8.65 -37.57 -26.69
CA ASP G 41 -9.57 -37.56 -25.56
C ASP G 41 -9.77 -36.16 -24.98
N ARG G 42 -11.00 -35.89 -24.56
CA ARG G 42 -11.34 -34.62 -23.95
C ARG G 42 -11.25 -34.87 -22.45
N VAL G 43 -10.50 -34.04 -21.74
CA VAL G 43 -10.34 -34.22 -20.30
C VAL G 43 -10.53 -32.91 -19.55
N ARG G 44 -11.03 -33.00 -18.32
CA ARG G 44 -11.21 -31.81 -17.51
C ARG G 44 -10.13 -31.87 -16.43
N ILE G 45 -9.61 -30.72 -16.06
CA ILE G 45 -8.56 -30.65 -15.05
C ILE G 45 -9.15 -30.61 -13.64
N LYS G 46 -8.83 -31.63 -12.84
CA LYS G 46 -9.32 -31.71 -11.47
C LYS G 46 -8.63 -30.67 -10.61
N ASP G 47 -9.39 -30.06 -9.71
CA ASP G 47 -8.84 -29.04 -8.81
C ASP G 47 -8.32 -29.71 -7.54
N LEU G 48 -7.21 -30.43 -7.67
CA LEU G 48 -6.61 -31.12 -6.54
C LEU G 48 -5.97 -30.11 -5.60
N PRO G 49 -5.88 -30.45 -4.31
CA PRO G 49 -5.27 -29.53 -3.34
C PRO G 49 -3.88 -29.13 -3.84
N ASP G 50 -3.49 -27.88 -3.64
CA ASP G 50 -2.19 -27.43 -4.12
C ASP G 50 -1.25 -26.95 -3.02
N LEU G 51 -1.55 -27.33 -1.78
CA LEU G 51 -0.74 -26.92 -0.64
C LEU G 51 0.75 -27.25 -0.87
N PHE G 52 1.60 -26.28 -0.57
CA PHE G 52 3.06 -26.40 -0.69
C PHE G 52 3.66 -26.45 -2.09
N TYR G 53 3.03 -27.18 -3.02
CA TYR G 53 3.58 -27.25 -4.38
C TYR G 53 2.66 -27.88 -5.43
N THR G 54 2.77 -27.37 -6.66
CA THR G 54 2.04 -27.88 -7.80
C THR G 54 2.60 -27.24 -9.06
N ARG G 55 2.51 -27.95 -10.18
CA ARG G 55 2.96 -27.41 -11.45
C ARG G 55 1.80 -27.44 -12.42
N THR G 56 0.59 -27.59 -11.87
CA THR G 56 -0.62 -27.56 -12.69
C THR G 56 -1.24 -26.21 -12.33
N MET G 57 -0.98 -25.23 -13.18
CA MET G 57 -1.44 -23.86 -12.99
C MET G 57 -2.89 -23.70 -12.59
N THR G 58 -3.12 -22.77 -11.66
CA THR G 58 -4.46 -22.47 -11.19
C THR G 58 -5.37 -22.09 -12.35
N TYR G 59 -4.84 -21.37 -13.34
CA TYR G 59 -5.67 -20.96 -14.45
C TYR G 59 -6.29 -22.10 -15.27
N THR G 60 -5.78 -23.33 -15.09
CA THR G 60 -6.32 -24.49 -15.83
C THR G 60 -7.38 -25.28 -15.06
N ARG G 61 -7.45 -25.09 -13.75
CA ARG G 61 -8.39 -25.85 -12.92
C ARG G 61 -9.86 -25.78 -13.36
N GLY G 62 -10.46 -26.95 -13.55
CA GLY G 62 -11.86 -27.02 -13.94
C GLY G 62 -12.12 -26.82 -15.42
N ALA G 63 -11.07 -26.57 -16.19
CA ALA G 63 -11.21 -26.36 -17.63
C ALA G 63 -11.11 -27.69 -18.38
N THR G 64 -11.69 -27.73 -19.57
CA THR G 64 -11.65 -28.93 -20.40
C THR G 64 -10.82 -28.66 -21.64
N GLY G 65 -9.97 -29.63 -21.99
CA GLY G 65 -9.14 -29.48 -23.17
C GLY G 65 -9.01 -30.80 -23.90
N THR G 66 -8.22 -30.81 -24.96
CA THR G 66 -8.01 -32.01 -25.76
C THR G 66 -6.58 -32.50 -25.65
N ILE G 67 -6.40 -33.79 -25.42
CA ILE G 67 -5.06 -34.35 -25.33
C ILE G 67 -4.52 -34.43 -26.76
N VAL G 68 -3.35 -33.86 -27.02
CA VAL G 68 -2.80 -33.91 -28.36
C VAL G 68 -1.52 -34.74 -28.46
N ARG G 69 -0.98 -35.17 -27.31
CA ARG G 69 0.24 -35.97 -27.30
C ARG G 69 0.53 -36.56 -25.92
N LEU G 70 1.02 -37.80 -25.91
CA LEU G 70 1.44 -38.45 -24.67
C LEU G 70 2.93 -38.16 -24.79
N VAL G 71 3.40 -37.16 -24.03
CA VAL G 71 4.78 -36.73 -24.12
C VAL G 71 5.88 -37.60 -23.54
N TYR G 72 5.66 -38.15 -22.35
CA TYR G 72 6.67 -38.99 -21.69
C TYR G 72 6.13 -39.46 -20.36
N GLU G 73 6.93 -40.25 -19.65
CA GLU G 73 6.56 -40.76 -18.33
C GLU G 73 7.54 -40.15 -17.34
N SER G 74 7.06 -39.80 -16.15
CA SER G 74 7.95 -39.20 -15.15
C SER G 74 7.27 -39.09 -13.79
N PRO G 75 8.07 -38.94 -12.72
CA PRO G 75 7.38 -38.82 -11.43
C PRO G 75 6.69 -37.46 -11.54
N ALA G 76 5.59 -37.27 -10.83
CA ALA G 76 4.92 -35.98 -10.86
C ALA G 76 5.84 -35.01 -10.14
N ALA G 77 5.84 -33.74 -10.55
CA ALA G 77 6.71 -32.76 -9.90
C ALA G 77 6.37 -32.64 -8.42
N GLU G 78 5.09 -32.84 -8.10
CA GLU G 78 4.63 -32.76 -6.72
C GLU G 78 5.39 -33.76 -5.84
N ASP G 79 5.90 -34.83 -6.46
CA ASP G 79 6.64 -35.84 -5.72
C ASP G 79 8.15 -35.65 -5.91
N GLU G 80 8.57 -35.42 -7.15
CA GLU G 80 9.98 -35.25 -7.46
C GLU G 80 10.59 -34.09 -6.67
N ALA G 81 9.83 -33.00 -6.53
CA ALA G 81 10.30 -31.82 -5.81
C ALA G 81 10.54 -32.05 -4.31
N PHE G 82 10.10 -33.20 -3.80
CA PHE G 82 10.30 -33.50 -2.39
C PHE G 82 11.14 -34.77 -2.23
N GLY G 83 11.81 -35.13 -3.32
CA GLY G 83 12.68 -36.30 -3.32
C GLY G 83 12.00 -37.65 -3.38
N ASN G 84 10.75 -37.68 -3.81
CA ASN G 84 9.99 -38.93 -3.89
C ASN G 84 9.80 -39.32 -5.35
N GLU G 85 10.60 -40.26 -5.84
CA GLU G 85 10.52 -40.69 -7.24
C GLU G 85 10.03 -42.14 -7.44
N GLU G 86 9.48 -42.73 -6.39
CA GLU G 86 8.99 -44.12 -6.46
C GLU G 86 7.87 -44.34 -7.45
N ASN G 87 7.02 -43.32 -7.64
CA ASN G 87 5.91 -43.44 -8.55
C ASN G 87 6.10 -42.63 -9.82
N VAL G 88 5.79 -43.25 -10.95
CA VAL G 88 5.93 -42.63 -12.26
C VAL G 88 4.57 -42.65 -12.97
N GLU G 89 4.23 -41.54 -13.62
CA GLU G 89 2.96 -41.50 -14.35
C GLU G 89 3.09 -40.82 -15.70
N TRP G 90 2.07 -41.00 -16.52
CA TRP G 90 2.06 -40.41 -17.86
C TRP G 90 1.79 -38.92 -17.83
N PHE G 91 2.48 -38.19 -18.71
CA PHE G 91 2.29 -36.76 -18.84
C PHE G 91 1.63 -36.54 -20.20
N TYR G 92 0.70 -35.60 -20.24
CA TYR G 92 -0.05 -35.31 -21.46
C TYR G 92 0.02 -33.83 -21.87
N SER G 93 0.11 -33.59 -23.18
CA SER G 93 0.11 -32.21 -23.65
C SER G 93 -1.35 -31.98 -24.01
N ILE G 94 -1.92 -30.93 -23.42
CA ILE G 94 -3.33 -30.63 -23.61
C ILE G 94 -3.55 -29.24 -24.22
N VAL G 95 -4.49 -29.17 -25.16
CA VAL G 95 -4.82 -27.91 -25.82
C VAL G 95 -6.16 -27.39 -25.35
N PHE G 96 -6.18 -26.15 -24.85
CA PHE G 96 -7.40 -25.51 -24.37
C PHE G 96 -7.78 -24.37 -25.30
N ALA G 97 -9.08 -24.13 -25.45
CA ALA G 97 -9.55 -23.02 -26.27
C ALA G 97 -9.43 -21.82 -25.32
N GLN G 98 -8.86 -20.71 -25.80
CA GLN G 98 -8.70 -19.55 -24.93
C GLN G 98 -10.00 -19.08 -24.30
N LYS G 99 -11.10 -19.15 -25.06
CA LYS G 99 -12.40 -18.72 -24.54
C LYS G 99 -12.83 -19.54 -23.33
N ASP G 100 -12.31 -20.76 -23.20
CA ASP G 100 -12.67 -21.62 -22.08
C ASP G 100 -11.87 -21.31 -20.82
N LEU G 101 -10.84 -20.49 -20.97
CA LEU G 101 -10.00 -20.12 -19.84
C LEU G 101 -10.31 -18.71 -19.36
N TRP G 102 -10.46 -17.80 -20.32
CA TRP G 102 -10.70 -16.40 -20.02
C TRP G 102 -12.07 -15.93 -20.52
N PRO G 103 -13.01 -15.64 -19.60
CA PRO G 103 -14.37 -15.19 -19.91
C PRO G 103 -14.45 -14.03 -20.90
N GLU G 104 -13.49 -13.11 -20.82
CA GLU G 104 -13.48 -11.94 -21.68
C GLU G 104 -12.88 -12.13 -23.07
N TYR G 105 -12.31 -13.29 -23.35
CA TYR G 105 -11.69 -13.51 -24.65
C TYR G 105 -12.67 -13.19 -25.78
N SER G 106 -12.20 -12.39 -26.75
CA SER G 106 -13.02 -11.98 -27.88
C SER G 106 -13.35 -13.05 -28.90
N ASP G 107 -14.60 -13.05 -29.36
CA ASP G 107 -15.05 -14.01 -30.37
C ASP G 107 -14.32 -13.78 -31.68
N THR G 108 -13.77 -12.57 -31.82
CA THR G 108 -13.03 -12.22 -33.03
C THR G 108 -11.82 -13.14 -33.20
N PHE G 109 -11.23 -13.56 -32.09
CA PHE G 109 -10.08 -14.45 -32.09
C PHE G 109 -10.52 -15.82 -31.60
N ALA G 110 -11.56 -16.34 -32.25
CA ALA G 110 -12.16 -17.62 -31.91
C ALA G 110 -11.29 -18.89 -32.01
N ASN G 111 -10.18 -18.83 -32.74
CA ASN G 111 -9.35 -20.04 -32.88
C ASN G 111 -8.12 -20.11 -31.97
N ASP G 112 -7.89 -19.06 -31.18
CA ASP G 112 -6.73 -19.05 -30.29
C ASP G 112 -6.79 -20.15 -29.23
N THR G 113 -5.62 -20.69 -28.90
CA THR G 113 -5.50 -21.77 -27.92
C THR G 113 -4.29 -21.63 -27.00
N LEU G 114 -4.23 -22.52 -26.02
CA LEU G 114 -3.14 -22.58 -25.07
C LEU G 114 -2.81 -24.06 -24.89
N GLU G 115 -1.54 -24.40 -25.02
CA GLU G 115 -1.11 -25.79 -24.86
C GLU G 115 -0.14 -25.88 -23.70
N THR G 116 -0.34 -26.87 -22.83
CA THR G 116 0.55 -27.06 -21.69
C THR G 116 0.50 -28.52 -21.25
N GLU G 117 1.42 -28.93 -20.38
CA GLU G 117 1.46 -30.33 -19.96
C GLU G 117 0.95 -30.60 -18.56
N ILE G 118 0.24 -31.71 -18.42
CA ILE G 118 -0.35 -32.08 -17.14
C ILE G 118 -0.24 -33.58 -16.87
N PRO G 119 0.21 -33.95 -15.66
CA PRO G 119 0.32 -35.39 -15.36
C PRO G 119 -1.06 -36.03 -15.18
N GLU G 120 -1.13 -37.31 -15.46
CA GLU G 120 -2.37 -38.08 -15.39
C GLU G 120 -3.28 -37.87 -14.16
N ARG G 121 -2.68 -37.71 -12.99
CA ARG G 121 -3.46 -37.53 -11.76
C ARG G 121 -4.48 -36.38 -11.78
N TYR G 122 -4.23 -35.36 -12.59
CA TYR G 122 -5.13 -34.21 -12.68
C TYR G 122 -6.23 -34.34 -13.71
N LEU G 123 -6.20 -35.42 -14.48
CA LEU G 123 -7.16 -35.60 -15.55
C LEU G 123 -8.34 -36.53 -15.29
N GLU G 124 -9.49 -36.13 -15.80
CA GLU G 124 -10.68 -36.94 -15.70
C GLU G 124 -11.40 -36.80 -17.03
N LYS G 125 -11.99 -37.91 -17.47
CA LYS G 125 -12.72 -37.90 -18.73
C LYS G 125 -13.76 -36.77 -18.65
N ALA G 126 -13.85 -35.97 -19.70
CA ALA G 126 -14.80 -34.85 -19.75
C ALA G 126 -16.25 -35.29 -19.94
N SER H 2 11.02 18.43 -26.31
CA SER H 2 12.42 18.41 -25.83
C SER H 2 12.71 17.09 -25.12
N SER H 3 13.92 16.57 -25.29
CA SER H 3 14.24 15.30 -24.64
C SER H 3 14.15 15.44 -23.13
N SER H 4 14.60 16.57 -22.58
CA SER H 4 14.55 16.75 -21.15
C SER H 4 13.09 16.85 -20.68
N ILE H 5 12.25 17.53 -21.46
CA ILE H 5 10.85 17.65 -21.09
C ILE H 5 10.16 16.28 -21.18
N ARG H 6 10.42 15.53 -22.25
CA ARG H 6 9.80 14.21 -22.38
C ARG H 6 10.24 13.31 -21.23
N GLU H 7 11.50 13.42 -20.83
CA GLU H 7 11.99 12.59 -19.73
C GLU H 7 11.25 12.92 -18.44
N GLU H 8 10.96 14.20 -18.22
CA GLU H 8 10.23 14.60 -17.03
C GLU H 8 8.78 14.12 -17.12
N VAL H 9 8.22 14.13 -18.33
CA VAL H 9 6.86 13.67 -18.55
C VAL H 9 6.74 12.19 -18.18
N HIS H 10 7.68 11.39 -18.67
CA HIS H 10 7.64 9.96 -18.39
C HIS H 10 7.94 9.66 -16.92
N ARG H 11 8.81 10.45 -16.30
CA ARG H 11 9.09 10.25 -14.88
C ARG H 11 7.80 10.53 -14.11
N HIS H 12 7.06 11.55 -14.56
CA HIS H 12 5.80 11.93 -13.93
C HIS H 12 4.76 10.81 -14.03
N LEU H 13 4.58 10.28 -15.23
CA LEU H 13 3.61 9.21 -15.41
C LEU H 13 3.92 8.01 -14.52
N GLY H 14 5.20 7.78 -14.24
CA GLY H 14 5.56 6.66 -13.39
C GLY H 14 5.39 6.99 -11.93
N THR H 15 5.67 8.23 -11.57
CA THR H 15 5.58 8.68 -10.18
C THR H 15 4.15 8.76 -9.65
N VAL H 16 3.21 9.22 -10.47
CA VAL H 16 1.83 9.31 -9.97
C VAL H 16 1.27 7.94 -9.63
N ALA H 17 1.83 6.87 -10.21
CA ALA H 17 1.35 5.53 -9.92
C ALA H 17 1.53 5.23 -8.43
N LEU H 18 2.56 5.83 -7.83
CA LEU H 18 2.85 5.65 -6.41
C LEU H 18 1.73 6.20 -5.55
N MET H 19 1.02 7.20 -6.08
CA MET H 19 -0.05 7.87 -5.36
C MET H 19 -1.45 7.34 -5.64
N GLN H 20 -1.55 6.26 -6.41
CA GLN H 20 -2.84 5.68 -6.73
C GLN H 20 -3.59 5.35 -5.43
N PRO H 21 -4.79 5.94 -5.25
CA PRO H 21 -5.55 5.67 -4.03
C PRO H 21 -5.91 4.20 -3.85
N ALA H 22 -5.96 3.78 -2.60
CA ALA H 22 -6.30 2.41 -2.26
C ALA H 22 -6.81 2.32 -0.84
N LEU H 23 -7.49 1.22 -0.55
CA LEU H 23 -7.97 0.95 0.79
C LEU H 23 -6.89 -0.05 1.21
N HIS H 24 -5.95 0.45 2.00
CA HIS H 24 -4.79 -0.33 2.46
C HIS H 24 -5.02 -0.91 3.85
N GLN H 25 -5.28 -2.21 3.89
CA GLN H 25 -5.54 -2.89 5.14
C GLN H 25 -4.35 -3.70 5.62
N GLN H 26 -3.62 -3.17 6.59
CA GLN H 26 -2.47 -3.88 7.15
C GLN H 26 -2.99 -5.13 7.86
N THR H 27 -2.25 -6.22 7.76
CA THR H 27 -2.65 -7.46 8.42
C THR H 27 -1.63 -7.78 9.50
N HIS H 28 -2.10 -7.89 10.74
CA HIS H 28 -1.22 -8.18 11.88
C HIS H 28 -1.69 -9.45 12.62
N ALA H 29 -1.39 -10.61 12.02
CA ALA H 29 -1.77 -11.90 12.61
C ALA H 29 -3.25 -11.97 12.99
N PRO H 30 -4.15 -11.83 12.00
CA PRO H 30 -5.59 -11.88 12.23
C PRO H 30 -6.03 -13.20 12.82
N ALA H 31 -7.15 -13.20 13.54
CA ALA H 31 -7.68 -14.42 14.13
C ALA H 31 -8.25 -15.31 13.03
N PRO H 32 -8.40 -16.63 13.31
CA PRO H 32 -8.93 -17.56 12.32
C PRO H 32 -10.29 -17.13 11.76
N THR H 33 -11.07 -16.44 12.58
CA THR H 33 -12.39 -15.99 12.19
C THR H 33 -12.37 -14.91 11.11
N GLU H 34 -11.18 -14.38 10.85
CA GLU H 34 -11.00 -13.34 9.85
C GLU H 34 -10.45 -13.89 8.53
N ILE H 35 -10.27 -15.21 8.48
CA ILE H 35 -9.76 -15.86 7.29
C ILE H 35 -10.87 -16.63 6.59
N THR H 36 -11.27 -16.13 5.42
CA THR H 36 -12.30 -16.77 4.60
C THR H 36 -11.62 -17.85 3.77
N HIS H 37 -12.39 -18.70 3.10
CA HIS H 37 -11.77 -19.73 2.28
C HIS H 37 -10.97 -19.07 1.17
N THR H 38 -11.53 -18.00 0.62
CA THR H 38 -10.88 -17.25 -0.46
C THR H 38 -9.50 -16.77 -0.01
N LEU H 39 -9.42 -16.18 1.18
CA LEU H 39 -8.16 -15.69 1.74
C LEU H 39 -7.23 -16.86 2.02
N PHE H 40 -7.77 -17.96 2.55
CA PHE H 40 -6.95 -19.13 2.86
C PHE H 40 -6.26 -19.65 1.59
N ARG H 41 -7.00 -19.75 0.50
CA ARG H 41 -6.44 -20.25 -0.75
C ARG H 41 -5.38 -19.28 -1.28
N ALA H 42 -5.65 -17.97 -1.13
CA ALA H 42 -4.71 -16.96 -1.60
C ALA H 42 -3.41 -16.95 -0.78
N TYR H 43 -3.52 -17.09 0.53
CA TYR H 43 -2.33 -17.10 1.38
C TYR H 43 -1.50 -18.37 1.24
N THR H 44 -2.17 -19.50 1.02
CA THR H 44 -1.47 -20.78 0.89
C THR H 44 -1.13 -21.12 -0.56
N ARG H 45 -1.30 -20.14 -1.44
CA ARG H 45 -1.00 -20.28 -2.87
C ARG H 45 0.47 -20.62 -3.03
N VAL H 46 0.84 -21.17 -4.18
CA VAL H 46 2.24 -21.46 -4.49
C VAL H 46 2.58 -20.18 -5.27
N PRO H 47 3.46 -19.31 -4.72
CA PRO H 47 3.89 -18.05 -5.32
C PRO H 47 4.20 -18.00 -6.82
N HIS H 48 4.82 -19.05 -7.34
CA HIS H 48 5.20 -19.05 -8.75
C HIS H 48 4.07 -19.12 -9.78
N ASP H 49 2.88 -19.47 -9.32
CA ASP H 49 1.71 -19.62 -10.18
C ASP H 49 1.01 -18.29 -10.45
N VAL H 50 1.57 -17.49 -11.35
CA VAL H 50 1.02 -16.17 -11.68
C VAL H 50 0.27 -16.02 -13.01
N GLY H 51 0.27 -17.07 -13.84
CA GLY H 51 -0.40 -16.99 -15.12
C GLY H 51 -1.86 -16.54 -15.05
N GLY H 52 -2.20 -15.51 -15.80
CA GLY H 52 -3.57 -15.01 -15.81
C GLY H 52 -3.83 -13.81 -14.91
N GLU H 53 -2.88 -13.48 -14.04
CA GLU H 53 -3.02 -12.34 -13.16
C GLU H 53 -2.93 -11.06 -13.98
N ALA H 54 -3.75 -10.07 -13.64
CA ALA H 54 -3.72 -8.81 -14.37
C ALA H 54 -2.42 -8.07 -14.07
N ASP H 55 -1.87 -7.42 -15.10
CA ASP H 55 -0.65 -6.63 -14.97
C ASP H 55 -0.70 -5.59 -16.07
N VAL H 56 0.17 -4.59 -15.98
CA VAL H 56 0.22 -3.51 -16.96
C VAL H 56 1.22 -3.75 -18.09
N PRO H 57 1.16 -2.92 -19.14
CA PRO H 57 2.13 -3.12 -20.22
C PRO H 57 3.44 -2.49 -19.74
N ILE H 58 4.57 -3.17 -19.93
CA ILE H 58 5.84 -2.55 -19.57
C ILE H 58 6.74 -2.62 -20.79
N GLU H 59 7.64 -1.66 -20.91
CA GLU H 59 8.56 -1.67 -22.04
C GLU H 59 9.65 -2.68 -21.68
N TYR H 60 9.51 -3.89 -22.21
CA TYR H 60 10.45 -4.96 -21.92
C TYR H 60 11.90 -4.60 -22.22
N HIS H 61 12.80 -4.96 -21.32
CA HIS H 61 14.21 -4.70 -21.51
C HIS H 61 15.05 -5.96 -21.44
N GLU H 62 16.26 -5.89 -21.99
CA GLU H 62 17.21 -6.98 -21.94
C GLU H 62 18.04 -6.52 -20.73
N LYS H 63 18.79 -7.44 -20.14
CA LYS H 63 19.65 -7.06 -19.02
C LYS H 63 20.99 -7.79 -19.15
N GLU H 64 22.08 -7.06 -18.96
CA GLU H 64 23.39 -7.67 -19.03
C GLU H 64 23.51 -8.63 -17.87
N GLU H 65 24.25 -9.71 -18.08
CA GLU H 65 24.45 -10.71 -17.05
C GLU H 65 25.57 -10.28 -16.11
N GLU H 66 25.32 -10.42 -14.80
CA GLU H 66 26.33 -10.09 -13.80
C GLU H 66 27.23 -11.31 -13.70
N ILE H 67 28.50 -11.09 -13.38
CA ILE H 67 29.40 -12.22 -13.22
C ILE H 67 28.84 -13.14 -12.14
N TRP H 68 28.33 -12.58 -11.06
CA TRP H 68 27.80 -13.41 -9.98
C TRP H 68 26.59 -14.22 -10.39
N GLU H 69 25.83 -13.74 -11.38
CA GLU H 69 24.66 -14.48 -11.86
C GLU H 69 25.11 -15.70 -12.65
N LEU H 70 26.13 -15.53 -13.49
CA LEU H 70 26.62 -16.65 -14.28
C LEU H 70 27.21 -17.70 -13.32
N ASN H 71 27.91 -17.25 -12.28
CA ASN H 71 28.47 -18.18 -11.31
C ASN H 71 27.39 -18.89 -10.51
N THR H 72 26.31 -18.16 -10.19
CA THR H 72 25.22 -18.75 -9.43
C THR H 72 24.55 -19.83 -10.25
N PHE H 73 24.30 -19.54 -11.52
CA PHE H 73 23.66 -20.51 -12.40
C PHE H 73 24.49 -21.79 -12.46
N ALA H 74 25.79 -21.64 -12.68
CA ALA H 74 26.68 -22.80 -12.76
C ALA H 74 26.67 -23.59 -11.45
N THR H 75 26.67 -22.88 -10.32
CA THR H 75 26.65 -23.55 -9.03
C THR H 75 25.38 -24.38 -8.87
N CYS H 76 24.24 -23.82 -9.23
CA CYS H 76 22.98 -24.54 -9.11
C CYS H 76 22.94 -25.79 -9.99
N GLU H 77 23.43 -25.68 -11.22
CA GLU H 77 23.43 -26.85 -12.10
C GLU H 77 24.45 -27.89 -11.64
N CYS H 78 25.59 -27.43 -11.13
CA CYS H 78 26.61 -28.35 -10.64
C CYS H 78 26.13 -29.11 -9.40
N LEU H 79 25.38 -28.42 -8.54
CA LEU H 79 24.85 -29.08 -7.35
C LEU H 79 23.89 -30.19 -7.77
N ALA H 80 23.14 -29.96 -8.84
CA ALA H 80 22.18 -30.94 -9.35
C ALA H 80 22.93 -32.07 -10.06
N TRP H 81 23.90 -31.70 -10.89
CA TRP H 81 24.71 -32.66 -11.64
C TRP H 81 25.29 -33.67 -10.65
N ARG H 82 25.79 -33.17 -9.53
CA ARG H 82 26.40 -34.03 -8.53
C ARG H 82 25.49 -34.58 -7.43
N GLY H 83 24.18 -34.61 -7.69
CA GLY H 83 23.23 -35.19 -6.76
C GLY H 83 22.78 -34.53 -5.47
N VAL H 84 23.13 -33.26 -5.25
CA VAL H 84 22.71 -32.58 -4.04
C VAL H 84 21.19 -32.35 -4.09
N TRP H 85 20.68 -32.17 -5.31
CA TRP H 85 19.26 -31.98 -5.54
C TRP H 85 18.92 -32.16 -7.01
N THR H 86 17.63 -32.28 -7.31
CA THR H 86 17.17 -32.37 -8.70
C THR H 86 16.66 -30.96 -8.97
N ALA H 87 16.49 -30.60 -10.23
CA ALA H 87 16.01 -29.27 -10.55
C ALA H 87 14.62 -29.01 -9.99
N GLU H 88 13.81 -30.06 -9.87
CA GLU H 88 12.48 -29.87 -9.33
C GLU H 88 12.54 -29.50 -7.85
N GLU H 89 13.48 -30.09 -7.11
CA GLU H 89 13.61 -29.73 -5.71
C GLU H 89 14.03 -28.27 -5.66
N ARG H 90 14.93 -27.86 -6.56
CA ARG H 90 15.37 -26.47 -6.59
C ARG H 90 14.20 -25.53 -6.85
N ARG H 91 13.41 -25.80 -7.88
CA ARG H 91 12.27 -24.94 -8.20
C ARG H 91 11.32 -24.77 -7.04
N ARG H 92 10.98 -25.88 -6.39
CA ARG H 92 10.07 -25.84 -5.27
C ARG H 92 10.62 -24.95 -4.14
N LYS H 93 11.90 -25.09 -3.84
CA LYS H 93 12.52 -24.29 -2.79
C LYS H 93 12.71 -22.82 -3.22
N GLN H 94 13.14 -22.66 -4.46
CA GLN H 94 13.47 -21.35 -5.02
C GLN H 94 12.31 -20.45 -5.46
N ASN H 95 11.31 -21.05 -6.09
CA ASN H 95 10.17 -20.29 -6.61
C ASN H 95 8.91 -20.35 -5.75
N CYS H 96 8.93 -21.19 -4.72
CA CYS H 96 7.74 -21.31 -3.87
C CYS H 96 8.02 -21.13 -2.39
N ASP H 97 8.91 -21.95 -1.83
CA ASP H 97 9.24 -21.87 -0.41
C ASP H 97 9.72 -20.50 0.06
N VAL H 98 10.28 -19.70 -0.84
CA VAL H 98 10.76 -18.38 -0.42
C VAL H 98 9.65 -17.44 0.05
N GLY H 99 8.41 -17.75 -0.31
CA GLY H 99 7.30 -16.91 0.12
C GLY H 99 7.03 -15.72 -0.77
N GLN H 100 5.78 -15.26 -0.75
CA GLN H 100 5.32 -14.14 -1.56
C GLN H 100 6.19 -12.88 -1.59
N THR H 101 6.57 -12.37 -0.43
CA THR H 101 7.35 -11.15 -0.36
C THR H 101 8.71 -11.23 -1.06
N VAL H 102 9.53 -12.20 -0.68
CA VAL H 102 10.82 -12.36 -1.30
C VAL H 102 10.67 -12.76 -2.77
N TYR H 103 9.63 -13.52 -3.06
CA TYR H 103 9.40 -13.97 -4.43
C TYR H 103 9.33 -12.80 -5.43
N LEU H 104 8.69 -11.71 -5.03
CA LEU H 104 8.57 -10.56 -5.94
C LEU H 104 9.41 -9.34 -5.54
N GLY H 105 9.92 -9.33 -4.31
CA GLY H 105 10.72 -8.20 -3.87
C GLY H 105 12.20 -8.29 -4.21
N MET H 106 12.70 -9.52 -4.32
CA MET H 106 14.10 -9.74 -4.63
C MET H 106 14.31 -10.10 -6.11
N PRO H 107 15.55 -10.04 -6.60
CA PRO H 107 15.83 -10.35 -8.00
C PRO H 107 15.78 -11.85 -8.29
N TYR H 108 15.49 -12.16 -9.54
CA TYR H 108 15.43 -13.51 -10.07
C TYR H 108 16.63 -14.34 -9.60
N TYR H 109 17.84 -13.93 -9.96
CA TYR H 109 19.02 -14.69 -9.55
C TYR H 109 19.34 -14.56 -8.06
N GLY H 110 18.75 -13.57 -7.41
CA GLY H 110 18.96 -13.42 -5.97
C GLY H 110 18.31 -14.63 -5.31
N ARG H 111 17.15 -15.03 -5.84
CA ARG H 111 16.45 -16.18 -5.29
C ARG H 111 17.18 -17.48 -5.63
N TRP H 112 17.79 -17.55 -6.81
CA TRP H 112 18.55 -18.74 -7.20
C TRP H 112 19.70 -18.92 -6.20
N LEU H 113 20.41 -17.83 -5.93
CA LEU H 113 21.55 -17.86 -5.02
C LEU H 113 21.19 -18.19 -3.58
N LEU H 114 20.16 -17.52 -3.05
CA LEU H 114 19.73 -17.77 -1.68
C LEU H 114 19.34 -19.23 -1.52
N THR H 115 18.71 -19.78 -2.55
CA THR H 115 18.27 -21.16 -2.51
C THR H 115 19.42 -22.15 -2.63
N ALA H 116 20.50 -21.76 -3.28
CA ALA H 116 21.66 -22.63 -3.38
C ALA H 116 22.26 -22.72 -1.98
N ALA H 117 22.29 -21.59 -1.27
CA ALA H 117 22.81 -21.57 0.09
C ALA H 117 21.88 -22.39 0.97
N ARG H 118 20.58 -22.27 0.70
CA ARG H 118 19.57 -22.97 1.48
C ARG H 118 19.67 -24.50 1.41
N ILE H 119 19.90 -25.06 0.22
CA ILE H 119 19.97 -26.52 0.12
C ILE H 119 21.20 -27.05 0.88
N LEU H 120 22.28 -26.28 0.92
CA LEU H 120 23.47 -26.71 1.65
C LEU H 120 23.15 -26.88 3.13
N VAL H 121 22.34 -25.97 3.66
CA VAL H 121 21.98 -26.01 5.07
C VAL H 121 20.86 -27.00 5.37
N ASP H 122 19.81 -26.99 4.55
CA ASP H 122 18.70 -27.92 4.80
C ASP H 122 19.09 -29.38 4.73
N LYS H 123 20.02 -29.74 3.84
CA LYS H 123 20.46 -31.13 3.74
C LYS H 123 21.71 -31.40 4.60
N GLN H 124 22.02 -30.44 5.47
CA GLN H 124 23.14 -30.54 6.41
C GLN H 124 24.52 -30.79 5.83
N PHE H 125 24.77 -30.29 4.63
CA PHE H 125 26.10 -30.44 4.02
C PHE H 125 27.00 -29.40 4.69
N VAL H 126 26.39 -28.31 5.17
CA VAL H 126 27.09 -27.27 5.91
C VAL H 126 26.12 -26.88 7.04
N THR H 127 26.67 -26.46 8.18
CA THR H 127 25.81 -26.00 9.27
C THR H 127 25.53 -24.54 8.98
N LEU H 128 24.48 -24.00 9.57
CA LEU H 128 24.17 -22.60 9.34
C LEU H 128 25.34 -21.78 9.89
N THR H 129 25.97 -22.30 10.94
CA THR H 129 27.11 -21.63 11.56
C THR H 129 28.25 -21.50 10.55
N GLU H 130 28.50 -22.56 9.78
CA GLU H 130 29.56 -22.50 8.78
C GLU H 130 29.24 -21.45 7.70
N LEU H 131 27.97 -21.34 7.34
CA LEU H 131 27.55 -20.36 6.34
C LEU H 131 27.71 -18.94 6.90
N HIS H 132 27.22 -18.72 8.11
CA HIS H 132 27.34 -17.40 8.73
C HIS H 132 28.81 -17.01 8.86
N ASN H 133 29.64 -17.96 9.33
CA ASN H 133 31.07 -17.70 9.49
C ASN H 133 31.76 -17.39 8.17
N LYS H 134 31.39 -18.10 7.11
CA LYS H 134 31.99 -17.89 5.79
C LYS H 134 31.66 -16.48 5.28
N ILE H 135 30.43 -16.02 5.54
CA ILE H 135 30.02 -14.69 5.11
C ILE H 135 30.82 -13.63 5.87
N VAL H 136 31.00 -13.84 7.17
CA VAL H 136 31.78 -12.91 7.98
C VAL H 136 33.20 -12.82 7.43
N GLU H 137 33.79 -13.98 7.16
CA GLU H 137 35.16 -14.03 6.65
C GLU H 137 35.26 -13.36 5.28
N MET H 138 34.28 -13.62 4.43
CA MET H 138 34.27 -13.04 3.08
C MET H 138 34.25 -11.51 3.14
N ARG H 139 33.41 -10.97 4.02
CA ARG H 139 33.31 -9.54 4.18
C ARG H 139 34.64 -8.94 4.62
N GLU H 140 35.34 -9.67 5.49
CA GLU H 140 36.64 -9.23 5.99
C GLU H 140 37.63 -9.13 4.84
N ARG H 141 37.58 -10.12 3.95
CA ARG H 141 38.47 -10.13 2.80
C ARG H 141 38.31 -8.84 2.01
N VAL H 142 37.06 -8.51 1.72
CA VAL H 142 36.75 -7.31 0.96
C VAL H 142 37.21 -6.06 1.68
N ALA H 143 36.83 -5.92 2.94
CA ALA H 143 37.18 -4.75 3.73
C ALA H 143 38.69 -4.54 3.91
N SER H 144 39.45 -5.63 3.93
CA SER H 144 40.90 -5.54 4.13
C SER H 144 41.73 -5.07 2.93
N GLY H 145 41.16 -5.15 1.73
CA GLY H 145 41.89 -4.72 0.54
C GLY H 145 42.52 -5.91 -0.15
N GLN H 146 42.28 -7.09 0.42
CA GLN H 146 42.80 -8.36 -0.07
C GLN H 146 42.20 -8.78 -1.42
N GLY H 147 41.03 -8.23 -1.74
CA GLY H 147 40.37 -8.56 -2.99
C GLY H 147 39.36 -9.67 -2.82
N LEU H 148 38.51 -9.87 -3.83
CA LEU H 148 37.49 -10.91 -3.77
C LEU H 148 37.36 -11.61 -5.11
N GLY H 149 38.15 -12.66 -5.30
CA GLY H 149 38.09 -13.40 -6.55
C GLY H 149 38.09 -12.50 -7.76
N GLU H 150 37.20 -12.76 -8.70
CA GLU H 150 37.10 -11.97 -9.92
C GLU H 150 36.23 -10.73 -9.77
N TYR H 151 35.70 -10.50 -8.57
CA TYR H 151 34.82 -9.35 -8.32
C TYR H 151 35.57 -8.09 -7.91
N LEU H 152 36.71 -8.26 -7.26
CA LEU H 152 37.49 -7.11 -6.80
C LEU H 152 38.95 -7.48 -6.69
N PRO H 153 39.83 -6.76 -7.40
CA PRO H 153 41.24 -7.12 -7.30
C PRO H 153 41.84 -6.57 -6.02
N PRO H 154 43.01 -7.10 -5.61
CA PRO H 154 43.68 -6.66 -4.39
C PRO H 154 44.11 -5.21 -4.58
N LYS H 155 44.21 -4.45 -3.48
CA LYS H 155 44.71 -3.10 -3.60
C LYS H 155 46.21 -3.39 -3.61
N ALA H 156 46.99 -2.65 -4.39
CA ALA H 156 48.44 -2.93 -4.46
C ALA H 156 49.35 -1.85 -3.87
N LYS H 157 50.53 -1.68 -4.46
CA LYS H 157 51.50 -0.70 -3.98
C LYS H 157 51.50 0.63 -4.74
N GLU I 23 31.93 -1.41 -3.15
CA GLU I 23 30.85 -1.73 -4.13
C GLU I 23 30.62 -3.23 -4.38
N VAL I 24 31.37 -4.11 -3.69
CA VAL I 24 31.10 -5.53 -3.88
C VAL I 24 29.73 -5.68 -3.20
N SER I 25 28.79 -6.33 -3.86
CA SER I 25 27.45 -6.46 -3.31
C SER I 25 27.22 -7.67 -2.41
N ASP I 26 26.09 -7.66 -1.71
CA ASP I 26 25.73 -8.77 -0.83
C ASP I 26 25.60 -10.05 -1.65
N PHE I 27 25.19 -9.92 -2.91
CA PHE I 27 25.04 -11.10 -3.77
C PHE I 27 26.39 -11.68 -4.13
N GLU I 28 27.38 -10.83 -4.38
CA GLU I 28 28.70 -11.31 -4.74
C GLU I 28 29.38 -11.97 -3.55
N ILE I 29 29.17 -11.41 -2.35
CA ILE I 29 29.73 -11.99 -1.14
C ILE I 29 29.13 -13.39 -0.93
N LEU I 30 27.81 -13.48 -1.06
CA LEU I 30 27.12 -14.75 -0.87
C LEU I 30 27.44 -15.78 -1.96
N GLU I 31 27.63 -15.33 -3.19
CA GLU I 31 27.94 -16.25 -4.29
C GLU I 31 29.25 -16.94 -3.95
N MET I 32 30.22 -16.13 -3.56
CA MET I 32 31.53 -16.65 -3.22
C MET I 32 31.48 -17.60 -2.03
N ALA I 33 30.68 -17.23 -1.02
CA ALA I 33 30.55 -18.05 0.17
C ALA I 33 29.98 -19.42 -0.17
N VAL I 34 28.91 -19.42 -0.96
CA VAL I 34 28.28 -20.67 -1.35
C VAL I 34 29.20 -21.55 -2.19
N ARG I 35 29.86 -20.96 -3.18
CA ARG I 35 30.75 -21.72 -4.03
C ARG I 35 31.93 -22.30 -3.25
N GLU I 36 32.56 -21.50 -2.39
CA GLU I 36 33.68 -22.01 -1.62
C GLU I 36 33.24 -23.15 -0.69
N LEU I 37 32.10 -22.98 -0.03
CA LEU I 37 31.61 -24.02 0.87
C LEU I 37 31.30 -25.32 0.13
N ALA I 38 30.66 -25.22 -1.03
CA ALA I 38 30.31 -26.40 -1.81
C ALA I 38 31.57 -27.16 -2.24
N ILE I 39 32.60 -26.42 -2.65
CA ILE I 39 33.84 -27.06 -3.07
C ILE I 39 34.57 -27.65 -1.87
N GLU I 40 34.59 -26.91 -0.76
CA GLU I 40 35.24 -27.38 0.46
C GLU I 40 34.60 -28.68 0.98
N LYS I 41 33.29 -28.79 0.83
CA LYS I 41 32.57 -29.97 1.30
C LYS I 41 32.54 -31.09 0.25
N GLY I 42 33.15 -30.84 -0.89
CA GLY I 42 33.20 -31.85 -1.95
C GLY I 42 31.90 -32.12 -2.68
N LEU I 43 30.97 -31.15 -2.66
CA LEU I 43 29.69 -31.33 -3.33
C LEU I 43 29.88 -31.32 -4.85
N PHE I 44 30.69 -30.38 -5.33
CA PHE I 44 31.06 -30.34 -6.74
C PHE I 44 32.48 -29.80 -6.75
N SER I 45 33.22 -30.03 -7.83
CA SER I 45 34.62 -29.59 -7.90
C SER I 45 34.82 -28.26 -8.58
N ALA I 46 36.01 -27.70 -8.41
CA ALA I 46 36.34 -26.45 -9.04
C ALA I 46 36.29 -26.70 -10.55
N GLU I 47 36.70 -27.89 -10.97
CA GLU I 47 36.68 -28.24 -12.38
C GLU I 47 35.24 -28.31 -12.88
N ASP I 48 34.34 -28.90 -12.08
CA ASP I 48 32.93 -28.98 -12.49
C ASP I 48 32.38 -27.61 -12.79
N HIS I 49 32.67 -26.66 -11.90
CA HIS I 49 32.17 -25.29 -12.05
C HIS I 49 32.72 -24.64 -13.32
N ARG I 50 34.02 -24.80 -13.59
CA ARG I 50 34.60 -24.22 -14.79
C ARG I 50 33.98 -24.87 -16.02
N VAL I 51 33.83 -26.18 -15.96
CA VAL I 51 33.24 -26.93 -17.08
C VAL I 51 31.81 -26.47 -17.36
N TRP I 52 31.02 -26.22 -16.32
CA TRP I 52 29.66 -25.78 -16.58
C TRP I 52 29.64 -24.38 -17.18
N LYS I 53 30.44 -23.47 -16.63
CA LYS I 53 30.48 -22.11 -17.15
C LYS I 53 30.93 -22.12 -18.61
N ASP I 54 31.95 -22.92 -18.93
CA ASP I 54 32.42 -22.99 -20.30
C ASP I 54 31.35 -23.56 -21.23
N TYR I 55 30.58 -24.54 -20.74
CA TYR I 55 29.52 -25.13 -21.54
C TYR I 55 28.48 -24.06 -21.84
N VAL I 56 28.06 -23.33 -20.81
CA VAL I 56 27.07 -22.28 -21.00
C VAL I 56 27.59 -21.24 -21.98
N HIS I 57 28.89 -20.95 -21.93
CA HIS I 57 29.47 -19.95 -22.83
C HIS I 57 29.32 -20.37 -24.30
N THR I 58 29.24 -21.67 -24.56
CA THR I 58 29.11 -22.16 -25.94
C THR I 58 27.67 -22.12 -26.45
N LEU I 59 26.72 -21.91 -25.55
CA LEU I 59 25.33 -21.88 -25.93
C LEU I 59 24.89 -20.60 -26.63
N GLY I 60 23.84 -20.71 -27.44
CA GLY I 60 23.36 -19.56 -28.18
C GLY I 60 22.24 -20.00 -29.11
N PRO I 61 21.65 -19.06 -29.86
CA PRO I 61 20.55 -19.34 -30.78
C PRO I 61 20.91 -19.94 -32.15
N LEU I 62 22.19 -19.95 -32.51
CA LEU I 62 22.58 -20.46 -33.82
C LEU I 62 22.14 -21.89 -34.20
N PRO I 63 22.26 -22.86 -33.28
CA PRO I 63 21.82 -24.22 -33.66
C PRO I 63 20.33 -24.29 -33.94
N ALA I 64 19.53 -23.64 -33.10
CA ALA I 64 18.08 -23.64 -33.27
C ALA I 64 17.72 -22.96 -34.60
N ALA I 65 18.41 -21.86 -34.92
CA ALA I 65 18.13 -21.15 -36.16
C ALA I 65 18.47 -22.05 -37.34
N ARG I 66 19.55 -22.81 -37.21
CA ARG I 66 19.98 -23.73 -38.25
C ARG I 66 18.96 -24.87 -38.41
N LEU I 67 18.37 -25.31 -37.30
CA LEU I 67 17.39 -26.37 -37.37
C LEU I 67 16.19 -25.88 -38.18
N VAL I 68 15.78 -24.63 -37.95
CA VAL I 68 14.65 -24.07 -38.68
C VAL I 68 14.98 -23.93 -40.17
N ALA I 69 16.17 -23.44 -40.48
CA ALA I 69 16.57 -23.28 -41.89
C ALA I 69 16.59 -24.64 -42.58
N LYS I 70 17.14 -25.64 -41.89
CA LYS I 70 17.22 -26.99 -42.46
C LYS I 70 15.82 -27.56 -42.70
N ALA I 71 14.89 -27.27 -41.79
CA ALA I 71 13.52 -27.75 -41.93
C ALA I 71 12.86 -27.09 -43.14
N TRP I 72 13.10 -25.79 -43.32
CA TRP I 72 12.53 -25.08 -44.45
C TRP I 72 13.08 -25.66 -45.75
N LEU I 73 14.35 -26.07 -45.71
CA LEU I 73 15.01 -26.62 -46.89
C LEU I 73 14.88 -28.12 -47.12
N ASP I 74 14.16 -28.81 -46.25
CA ASP I 74 13.97 -30.26 -46.40
C ASP I 74 12.70 -30.71 -45.70
N PRO I 75 11.59 -30.87 -46.44
CA PRO I 75 10.31 -31.30 -45.88
C PRO I 75 10.40 -32.55 -45.01
N GLU I 76 11.30 -33.47 -45.36
CA GLU I 76 11.43 -34.69 -44.57
C GLU I 76 12.06 -34.40 -43.21
N TYR I 77 12.99 -33.45 -43.16
CA TYR I 77 13.61 -33.10 -41.89
C TYR I 77 12.57 -32.34 -41.06
N LYS I 78 11.77 -31.53 -41.72
CA LYS I 78 10.74 -30.78 -41.02
C LYS I 78 9.78 -31.74 -40.31
N LYS I 79 9.43 -32.83 -40.97
CA LYS I 79 8.53 -33.81 -40.36
C LYS I 79 9.19 -34.37 -39.11
N LEU I 80 10.49 -34.66 -39.20
CA LEU I 80 11.21 -35.20 -38.04
C LEU I 80 11.22 -34.19 -36.88
N CYS I 81 11.44 -32.92 -37.20
CA CYS I 81 11.47 -31.87 -36.18
C CYS I 81 10.15 -31.82 -35.42
N ILE I 82 9.05 -31.88 -36.16
CA ILE I 82 7.72 -31.81 -35.57
C ILE I 82 7.36 -33.02 -34.71
N GLU I 83 7.83 -34.19 -35.10
CA GLU I 83 7.51 -35.41 -34.35
C GLU I 83 8.49 -35.77 -33.25
N ASP I 84 9.77 -35.50 -33.49
CA ASP I 84 10.81 -35.87 -32.54
C ASP I 84 11.91 -34.81 -32.48
N GLY I 85 11.67 -33.73 -31.74
CA GLY I 85 12.65 -32.66 -31.64
C GLY I 85 14.00 -33.09 -31.12
N VAL I 86 14.00 -34.03 -30.18
CA VAL I 86 15.25 -34.53 -29.62
C VAL I 86 16.13 -35.16 -30.71
N GLU I 87 15.55 -36.01 -31.55
CA GLU I 87 16.31 -36.63 -32.62
C GLU I 87 16.75 -35.58 -33.65
N ALA I 88 15.85 -34.68 -34.00
CA ALA I 88 16.15 -33.64 -34.98
C ALA I 88 17.29 -32.74 -34.53
N SER I 89 17.32 -32.45 -33.23
CA SER I 89 18.35 -31.58 -32.67
C SER I 89 19.77 -32.10 -32.94
N LYS I 90 19.92 -33.41 -33.02
CA LYS I 90 21.24 -33.99 -33.27
C LYS I 90 21.87 -33.50 -34.57
N ALA I 91 21.02 -33.21 -35.57
CA ALA I 91 21.49 -32.75 -36.87
C ALA I 91 22.14 -31.36 -36.84
N VAL I 92 21.91 -30.60 -35.77
CA VAL I 92 22.54 -29.28 -35.68
C VAL I 92 23.60 -29.27 -34.58
N GLY I 93 24.06 -30.47 -34.21
CA GLY I 93 25.11 -30.60 -33.22
C GLY I 93 24.74 -30.50 -31.75
N VAL I 94 23.45 -30.50 -31.44
CA VAL I 94 23.02 -30.42 -30.06
C VAL I 94 22.29 -31.70 -29.66
N ASN I 95 23.00 -32.55 -28.93
CA ASN I 95 22.43 -33.80 -28.45
C ASN I 95 21.99 -33.49 -27.02
N TRP I 96 20.68 -33.47 -26.80
CA TRP I 96 20.16 -33.12 -25.48
C TRP I 96 20.61 -34.01 -24.34
N VAL I 97 21.07 -35.20 -24.64
CA VAL I 97 21.53 -36.11 -23.60
C VAL I 97 23.05 -36.01 -23.38
N THR I 98 23.81 -36.08 -24.47
CA THR I 98 25.27 -36.08 -24.38
C THR I 98 26.04 -34.77 -24.59
N SER I 99 25.39 -33.71 -25.08
CA SER I 99 26.12 -32.45 -25.26
C SER I 99 26.45 -31.80 -23.91
N PRO I 100 25.50 -31.85 -22.95
CA PRO I 100 25.77 -31.25 -21.63
C PRO I 100 26.83 -32.07 -20.89
N PRO I 101 27.55 -31.45 -19.93
CA PRO I 101 28.59 -32.12 -19.15
C PRO I 101 28.14 -33.35 -18.36
N THR I 102 26.87 -33.40 -17.98
CA THR I 102 26.29 -34.49 -17.19
C THR I 102 26.20 -35.84 -17.88
N GLN I 103 25.96 -35.81 -19.19
CA GLN I 103 25.78 -37.01 -19.97
C GLN I 103 24.38 -37.58 -19.71
N PHE I 104 23.52 -36.76 -19.11
CA PHE I 104 22.13 -37.13 -18.88
C PHE I 104 21.24 -35.90 -19.09
N GLY I 105 21.76 -34.97 -19.89
CA GLY I 105 21.06 -33.73 -20.19
C GLY I 105 21.27 -32.76 -19.05
N THR I 106 20.99 -31.48 -19.27
CA THR I 106 21.17 -30.53 -18.18
C THR I 106 20.12 -30.85 -17.13
N PRO I 107 20.46 -30.64 -15.85
CA PRO I 107 19.50 -30.91 -14.77
C PRO I 107 18.22 -30.11 -14.90
N SER I 108 18.32 -28.87 -15.37
CA SER I 108 17.16 -27.99 -15.45
C SER I 108 16.39 -27.93 -16.78
N ASP I 109 17.01 -28.30 -17.89
CA ASP I 109 16.32 -28.22 -19.19
C ASP I 109 15.79 -29.57 -19.65
N TYR I 110 16.28 -30.65 -19.05
CA TYR I 110 15.85 -32.01 -19.37
C TYR I 110 16.12 -32.43 -20.81
N CYS I 111 15.50 -33.53 -21.25
CA CYS I 111 15.74 -34.04 -22.59
C CYS I 111 14.49 -34.29 -23.44
N ASN I 112 13.58 -33.32 -23.50
CA ASN I 112 12.39 -33.47 -24.32
C ASN I 112 12.05 -32.19 -25.06
N LEU I 113 12.85 -31.90 -26.08
CA LEU I 113 12.62 -30.72 -26.91
C LEU I 113 11.50 -31.02 -27.89
N ARG I 114 10.59 -30.07 -28.05
CA ARG I 114 9.51 -30.21 -29.00
C ARG I 114 9.60 -28.97 -29.88
N VAL I 115 9.46 -29.16 -31.20
CA VAL I 115 9.51 -28.06 -32.13
C VAL I 115 8.08 -27.77 -32.58
N LEU I 116 7.64 -26.53 -32.39
CA LEU I 116 6.27 -26.15 -32.75
C LEU I 116 6.28 -25.49 -34.12
N ALA I 117 5.62 -26.13 -35.08
CA ALA I 117 5.58 -25.60 -36.45
C ALA I 117 4.43 -24.66 -36.76
N ASP I 118 4.75 -23.40 -37.05
CA ASP I 118 3.75 -22.42 -37.43
C ASP I 118 3.30 -22.82 -38.83
N SER I 119 2.17 -22.26 -39.25
CA SER I 119 1.64 -22.52 -40.58
C SER I 119 0.79 -21.32 -40.94
N PRO I 120 0.22 -21.29 -42.15
CA PRO I 120 -0.62 -20.14 -42.51
C PRO I 120 -1.83 -19.96 -41.59
N THR I 121 -2.13 -20.98 -40.78
CA THR I 121 -3.27 -20.91 -39.88
C THR I 121 -2.93 -21.10 -38.40
N LEU I 122 -1.64 -21.13 -38.09
CA LEU I 122 -1.20 -21.36 -36.71
C LEU I 122 0.12 -20.65 -36.42
N LYS I 123 0.16 -19.90 -35.32
CA LYS I 123 1.38 -19.20 -34.93
C LYS I 123 1.60 -19.37 -33.43
N HIS I 124 2.76 -19.89 -33.05
CA HIS I 124 3.07 -20.17 -31.65
C HIS I 124 3.96 -19.14 -30.97
N VAL I 125 3.80 -19.04 -29.65
CA VAL I 125 4.65 -18.18 -28.82
C VAL I 125 4.78 -18.92 -27.50
N VAL I 126 5.99 -18.92 -26.94
CA VAL I 126 6.30 -19.66 -25.73
C VAL I 126 6.58 -18.85 -24.46
N VAL I 127 6.25 -19.45 -23.33
CA VAL I 127 6.46 -18.85 -22.01
C VAL I 127 6.51 -19.96 -20.96
N CYS I 128 7.02 -19.63 -19.78
CA CYS I 128 7.04 -20.54 -18.65
C CYS I 128 6.40 -19.70 -17.56
N THR I 129 5.09 -19.83 -17.38
CA THR I 129 4.43 -19.00 -16.39
C THR I 129 4.91 -19.26 -14.96
N LEU I 130 5.38 -20.48 -14.69
CA LEU I 130 5.83 -20.83 -13.35
C LEU I 130 7.24 -20.32 -13.05
N SER I 132 10.90 -19.77 -15.81
CA SER I 132 11.65 -19.26 -16.95
C SER I 132 12.13 -20.38 -17.87
N TYR I 134 13.30 -22.72 -20.44
CA TYR I 134 13.74 -22.33 -21.78
C TYR I 134 14.64 -23.45 -22.34
N PRO I 135 14.62 -23.66 -23.67
CA PRO I 135 15.45 -24.71 -24.29
C PRO I 135 16.91 -24.30 -24.39
N ARG I 136 17.55 -24.07 -23.25
CA ARG I 136 18.94 -23.62 -23.21
C ARG I 136 19.95 -24.37 -24.09
N PRO I 137 19.94 -25.72 -24.08
CA PRO I 137 20.91 -26.44 -24.90
C PRO I 137 20.97 -26.04 -26.37
N ILE I 138 19.83 -25.71 -26.95
CA ILE I 138 19.79 -25.35 -28.36
C ILE I 138 19.56 -23.86 -28.65
N LEU I 139 19.21 -23.10 -27.61
CA LEU I 139 18.90 -21.69 -27.79
C LEU I 139 19.71 -20.67 -26.97
N GLY I 140 20.36 -21.13 -25.90
CA GLY I 140 21.16 -20.22 -25.07
C GLY I 140 20.38 -19.78 -23.83
N GLN I 141 20.81 -18.71 -23.16
CA GLN I 141 20.10 -18.24 -21.96
C GLN I 141 18.86 -17.44 -22.31
N SER I 142 17.88 -17.48 -21.41
CA SER I 142 16.62 -16.77 -21.59
C SER I 142 16.80 -15.26 -21.43
N PRO I 143 15.96 -14.47 -22.15
CA PRO I 143 16.01 -13.00 -22.10
C PRO I 143 15.50 -12.56 -20.74
N GLU I 144 15.94 -11.38 -20.28
CA GLU I 144 15.49 -10.87 -19.01
C GLU I 144 13.96 -10.75 -18.98
N TRP I 145 13.37 -10.20 -20.02
CA TRP I 145 11.91 -10.02 -20.08
C TRP I 145 11.12 -11.33 -20.04
N TYR I 146 11.69 -12.39 -20.60
CA TYR I 146 11.05 -13.71 -20.63
C TYR I 146 10.86 -14.22 -19.20
N ARG I 147 11.76 -13.82 -18.30
CA ARG I 147 11.73 -14.23 -16.90
C ARG I 147 10.84 -13.33 -16.05
N SER I 148 10.38 -12.21 -16.61
CA SER I 148 9.59 -11.26 -15.84
C SER I 148 8.22 -11.72 -15.41
N PRO I 149 7.82 -11.36 -14.18
CA PRO I 149 6.49 -11.74 -13.69
C PRO I 149 5.46 -11.19 -14.68
N ASN I 150 5.78 -10.04 -15.27
CA ASN I 150 4.87 -9.40 -16.21
C ASN I 150 4.54 -10.28 -17.43
N TYR I 151 5.58 -10.75 -18.11
CA TYR I 151 5.40 -11.60 -19.29
C TYR I 151 4.70 -12.91 -18.91
N ARG I 152 5.09 -13.45 -17.76
CA ARG I 152 4.53 -14.71 -17.26
C ARG I 152 3.05 -14.59 -16.85
N ARG I 153 2.63 -13.40 -16.43
CA ARG I 153 1.24 -13.19 -16.06
C ARG I 153 0.36 -12.96 -17.29
N ARG I 154 0.83 -12.09 -18.19
CA ARG I 154 0.07 -11.67 -19.36
C ARG I 154 0.00 -12.48 -20.65
N LEU I 155 1.11 -13.05 -21.11
CA LEU I 155 1.07 -13.77 -22.38
C LEU I 155 -0.01 -14.85 -22.52
N VAL I 156 -0.19 -15.69 -21.51
CA VAL I 156 -1.18 -16.76 -21.61
C VAL I 156 -2.63 -16.26 -21.73
N ARG I 157 -2.88 -15.04 -21.28
CA ARG I 157 -4.24 -14.48 -21.31
C ARG I 157 -4.51 -13.41 -22.36
N TRP I 158 -3.52 -12.57 -22.62
CA TRP I 158 -3.66 -11.49 -23.60
C TRP I 158 -2.53 -11.60 -24.63
N PRO I 159 -2.37 -12.76 -25.26
CA PRO I 159 -1.30 -12.92 -26.25
C PRO I 159 -1.31 -11.95 -27.43
N ARG I 160 -2.47 -11.63 -27.97
CA ARG I 160 -2.48 -10.72 -29.11
C ARG I 160 -2.06 -9.33 -28.70
N GLN I 161 -2.41 -8.95 -27.48
CA GLN I 161 -2.04 -7.64 -26.97
C GLN I 161 -0.53 -7.60 -26.69
N VAL I 162 -0.01 -8.64 -26.04
CA VAL I 162 1.42 -8.70 -25.75
C VAL I 162 2.23 -8.76 -27.05
N LEU I 163 1.81 -9.59 -27.99
CA LEU I 163 2.53 -9.70 -29.25
C LEU I 163 2.52 -8.37 -30.02
N ALA I 164 1.41 -7.64 -29.94
CA ALA I 164 1.32 -6.34 -30.61
C ALA I 164 2.36 -5.40 -30.02
N GLU I 165 2.55 -5.49 -28.71
CA GLU I 165 3.54 -4.64 -28.04
C GLU I 165 4.93 -4.95 -28.62
N PHE I 166 5.15 -6.21 -28.96
CA PHE I 166 6.42 -6.65 -29.54
C PHE I 166 6.50 -6.30 -31.02
N GLY I 167 5.39 -5.80 -31.57
CA GLY I 167 5.35 -5.44 -32.98
C GLY I 167 4.90 -6.55 -33.90
N LEU I 168 4.22 -7.55 -33.36
CA LEU I 168 3.73 -8.66 -34.16
C LEU I 168 2.21 -8.78 -34.14
N GLN I 169 1.61 -8.82 -35.32
CA GLN I 169 0.17 -8.96 -35.43
C GLN I 169 -0.13 -10.04 -36.46
N LEU I 170 -1.13 -10.87 -36.17
CA LEU I 170 -1.54 -11.95 -37.08
C LEU I 170 -3.01 -11.78 -37.40
N PRO I 171 -3.46 -12.34 -38.54
CA PRO I 171 -4.86 -12.25 -38.93
C PRO I 171 -5.72 -12.79 -37.78
N SER I 172 -6.90 -12.22 -37.58
CA SER I 172 -7.76 -12.66 -36.47
C SER I 172 -8.18 -14.12 -36.57
N GLU I 173 -8.23 -14.66 -37.79
CA GLU I 173 -8.66 -16.04 -37.99
C GLU I 173 -7.54 -17.05 -37.74
N VAL I 174 -6.30 -16.58 -37.74
CA VAL I 174 -5.15 -17.44 -37.49
C VAL I 174 -5.17 -17.87 -36.02
N GLN I 175 -4.85 -19.14 -35.76
CA GLN I 175 -4.83 -19.63 -34.40
C GLN I 175 -3.53 -19.26 -33.73
N ILE I 176 -3.58 -18.41 -32.71
CA ILE I 176 -2.37 -18.10 -32.00
C ILE I 176 -2.40 -19.10 -30.86
N ARG I 177 -1.32 -19.87 -30.70
CA ARG I 177 -1.25 -20.85 -29.64
C ARG I 177 -0.11 -20.50 -28.70
N VAL I 178 -0.46 -20.32 -27.43
CA VAL I 178 0.55 -20.01 -26.42
C VAL I 178 0.93 -21.34 -25.79
N ALA I 179 2.23 -21.63 -25.75
CA ALA I 179 2.69 -22.87 -25.15
C ALA I 179 3.32 -22.52 -23.81
N ASP I 180 2.78 -23.09 -22.73
CA ASP I 180 3.29 -22.85 -21.38
C ASP I 180 4.17 -24.04 -21.00
N SER I 181 5.48 -23.79 -20.99
CA SER I 181 6.52 -24.77 -20.69
C SER I 181 6.61 -25.09 -19.18
N ASN I 182 5.58 -25.74 -18.64
CA ASN I 182 5.51 -26.02 -17.20
C ASN I 182 6.09 -27.34 -16.67
N GLN I 183 6.31 -28.33 -17.53
CA GLN I 183 6.85 -29.59 -17.03
C GLN I 183 8.24 -29.84 -17.62
N LYS I 184 8.52 -31.04 -18.13
CA LYS I 184 9.87 -31.30 -18.65
C LYS I 184 10.11 -31.02 -20.13
N THR I 185 9.09 -30.55 -20.84
CA THR I 185 9.25 -30.24 -22.25
C THR I 185 9.70 -28.81 -22.44
N ARG I 186 10.61 -28.58 -23.39
CA ARG I 186 11.08 -27.25 -23.74
C ARG I 186 10.72 -27.10 -25.21
N TYR I 187 10.39 -25.88 -25.63
CA TYR I 187 9.97 -25.64 -27.01
C TYR I 187 10.78 -24.60 -27.78
N ILE I 188 10.78 -24.75 -29.10
CA ILE I 188 11.33 -23.72 -29.98
C ILE I 188 10.27 -23.63 -31.06
N VAL I 189 10.09 -22.43 -31.58
CA VAL I 189 9.10 -22.19 -32.61
C VAL I 189 9.75 -22.20 -33.98
N MET I 190 9.13 -22.94 -34.91
CA MET I 190 9.62 -22.98 -36.28
C MET I 190 8.65 -22.06 -37.02
N PRO I 191 9.07 -20.83 -37.30
CA PRO I 191 8.19 -19.89 -38.00
C PRO I 191 8.00 -20.28 -39.46
N VAL I 192 6.99 -19.70 -40.07
CA VAL I 192 6.72 -19.94 -41.47
C VAL I 192 7.82 -19.19 -42.21
N ARG I 193 8.30 -19.76 -43.32
CA ARG I 193 9.35 -19.12 -44.10
C ARG I 193 8.76 -17.89 -44.78
N PRO I 194 9.41 -16.72 -44.62
CA PRO I 194 8.89 -15.49 -45.23
C PRO I 194 9.10 -15.40 -46.74
N GLU I 195 8.29 -14.54 -47.37
CA GLU I 195 8.42 -14.32 -48.81
C GLU I 195 9.70 -13.56 -49.03
N GLY I 196 10.18 -13.56 -50.27
CA GLY I 196 11.40 -12.85 -50.57
C GLY I 196 12.66 -13.66 -50.30
N THR I 197 12.51 -14.97 -50.16
CA THR I 197 13.67 -15.83 -49.90
C THR I 197 13.83 -16.97 -50.90
N ASP I 198 13.25 -16.83 -52.09
CA ASP I 198 13.38 -17.87 -53.10
C ASP I 198 14.85 -18.09 -53.44
N GLY I 199 15.26 -19.35 -53.51
CA GLY I 199 16.64 -19.67 -53.85
C GLY I 199 17.69 -19.44 -52.77
N TRP I 200 17.26 -18.96 -51.60
CA TRP I 200 18.20 -18.72 -50.51
C TRP I 200 18.89 -20.00 -50.03
N THR I 201 20.10 -19.85 -49.52
CA THR I 201 20.87 -20.99 -49.00
C THR I 201 20.52 -21.20 -47.54
N GLU I 202 21.01 -22.30 -46.98
CA GLU I 202 20.75 -22.59 -45.57
C GLU I 202 21.32 -21.47 -44.70
N ASP I 203 22.52 -21.01 -45.03
CA ASP I 203 23.15 -19.93 -44.26
C ASP I 203 22.34 -18.64 -44.29
N GLN I 204 21.83 -18.28 -45.47
CA GLN I 204 21.03 -17.07 -45.62
C GLN I 204 19.76 -17.14 -44.81
N LEU I 205 19.09 -18.29 -44.84
CA LEU I 205 17.85 -18.47 -44.12
C LEU I 205 18.07 -18.48 -42.61
N ALA I 206 19.09 -19.20 -42.16
CA ALA I 206 19.38 -19.30 -40.73
C ALA I 206 19.65 -17.92 -40.14
N GLU I 207 20.27 -17.06 -40.94
CA GLU I 207 20.62 -15.71 -40.52
C GLU I 207 19.44 -14.85 -40.07
N ILE I 208 18.26 -15.05 -40.68
CA ILE I 208 17.11 -14.24 -40.29
C ILE I 208 16.22 -14.86 -39.20
N VAL I 209 16.61 -16.02 -38.70
CA VAL I 209 15.84 -16.67 -37.64
C VAL I 209 16.54 -16.33 -36.33
N THR I 210 16.08 -15.24 -35.71
CA THR I 210 16.65 -14.73 -34.46
C THR I 210 16.08 -15.43 -33.23
N ARG I 211 16.69 -15.16 -32.08
CA ARG I 211 16.24 -15.72 -30.82
C ARG I 211 14.76 -15.39 -30.62
N ASP I 212 14.39 -14.16 -30.90
CA ASP I 212 13.00 -13.74 -30.74
C ASP I 212 12.03 -14.54 -31.61
N CYS I 213 12.48 -14.95 -32.80
CA CYS I 213 11.62 -15.73 -33.69
C CYS I 213 11.42 -17.12 -33.12
N LEU I 214 12.45 -17.63 -32.47
CA LEU I 214 12.41 -18.96 -31.86
C LEU I 214 11.58 -19.00 -30.58
N ILE I 215 11.34 -17.84 -29.97
CA ILE I 215 10.51 -17.76 -28.78
C ILE I 215 9.08 -17.53 -29.26
N GLY I 216 8.97 -16.82 -30.39
CA GLY I 216 7.67 -16.55 -30.97
C GLY I 216 7.16 -15.13 -30.86
N VAL I 217 7.98 -14.21 -30.32
CA VAL I 217 7.53 -12.84 -30.19
C VAL I 217 7.83 -12.00 -31.44
N ALA I 218 8.43 -12.64 -32.44
CA ALA I 218 8.76 -11.98 -33.69
C ALA I 218 8.75 -13.02 -34.81
N VAL I 219 8.65 -12.58 -36.06
CA VAL I 219 8.71 -13.51 -37.17
C VAL I 219 9.90 -13.11 -38.04
N PRO I 220 10.50 -14.10 -38.72
CA PRO I 220 11.66 -13.81 -39.58
C PRO I 220 11.33 -12.92 -40.77
N LYS I 221 12.24 -12.00 -41.07
CA LYS I 221 12.08 -11.07 -42.18
C LYS I 221 13.40 -10.90 -42.93
N PRO I 222 13.35 -10.95 -44.27
CA PRO I 222 14.58 -10.79 -45.05
C PRO I 222 15.24 -9.46 -44.65
N GLY I 223 16.55 -9.47 -44.46
CA GLY I 223 17.23 -8.24 -44.10
C GLY I 223 17.33 -7.93 -42.61
N ILE I 224 16.58 -8.66 -41.80
CA ILE I 224 16.61 -8.46 -40.35
C ILE I 224 17.34 -9.66 -39.76
N THR I 225 18.54 -9.43 -39.23
CA THR I 225 19.35 -10.51 -38.69
C THR I 225 19.71 -10.39 -37.21
N VAL I 226 19.02 -9.49 -36.51
CA VAL I 226 19.26 -9.29 -35.08
C VAL I 226 17.92 -9.01 -34.42
N ASN I 227 17.79 -9.34 -33.13
CA ASN I 227 16.55 -9.08 -32.41
C ASN I 227 16.27 -7.60 -32.46
N ALA I 228 15.01 -7.23 -32.40
CA ALA I 228 14.62 -5.83 -32.41
C ALA I 228 15.29 -5.15 -31.23
N LYS I 229 15.78 -3.94 -31.46
CA LYS I 229 16.45 -3.17 -30.42
C LYS I 229 15.48 -2.84 -29.28
N ARG I 230 15.95 -3.04 -28.04
CA ARG I 230 15.17 -2.74 -26.83
C ARG I 230 16.12 -2.14 -25.84
N PRO I 231 15.57 -1.49 -24.80
CA PRO I 231 16.45 -0.90 -23.79
C PRO I 231 17.27 -2.04 -23.17
N VAL I 232 18.51 -1.76 -22.83
CA VAL I 232 19.37 -2.76 -22.21
C VAL I 232 19.76 -2.24 -20.84
N LEU I 233 19.36 -2.95 -19.81
CA LEU I 233 19.71 -2.56 -18.44
C LEU I 233 21.12 -3.07 -18.18
N LYS I 234 22.02 -2.19 -17.80
CA LYS I 234 23.41 -2.58 -17.55
C LYS I 234 23.61 -3.25 -16.20
N ALA I 235 24.58 -4.16 -16.14
CA ALA I 235 24.89 -4.86 -14.91
C ALA I 235 25.90 -4.03 -14.15
N ASN I 236 25.96 -4.21 -12.83
CA ASN I 236 26.92 -3.46 -12.03
C ASN I 236 28.30 -3.97 -12.37
N ARG I 237 28.42 -5.28 -12.53
CA ARG I 237 29.70 -5.88 -12.86
C ARG I 237 29.54 -7.01 -13.87
N PRO I 238 29.50 -6.67 -15.16
CA PRO I 238 29.36 -7.72 -16.16
C PRO I 238 30.73 -8.35 -16.39
N VAL I 239 30.77 -9.32 -17.29
CA VAL I 239 31.97 -10.03 -17.65
C VAL I 239 33.14 -9.10 -17.99
N LYS J 7 -21.39 41.59 0.24
CA LYS J 7 -21.31 40.22 -0.33
C LYS J 7 -21.27 40.33 -1.85
N PRO J 8 -20.44 39.50 -2.51
CA PRO J 8 -20.35 39.56 -3.96
C PRO J 8 -21.63 39.10 -4.65
N VAL J 9 -21.91 39.69 -5.80
CA VAL J 9 -23.08 39.32 -6.57
C VAL J 9 -22.59 38.64 -7.84
N TRP J 10 -23.20 37.50 -8.16
CA TRP J 10 -22.83 36.75 -9.35
C TRP J 10 -23.79 37.06 -10.47
N ASP J 11 -23.24 37.35 -11.64
CA ASP J 11 -24.06 37.65 -12.80
C ASP J 11 -24.50 36.33 -13.43
N ARG J 12 -25.74 35.93 -13.19
CA ARG J 12 -26.19 34.66 -13.73
C ARG J 12 -26.87 34.75 -15.09
N THR J 13 -26.87 35.93 -15.71
CA THR J 13 -27.48 36.09 -17.03
C THR J 13 -26.48 36.35 -18.15
N HIS J 14 -25.25 36.72 -17.80
CA HIS J 14 -24.22 37.01 -18.80
C HIS J 14 -24.01 35.98 -19.91
N HIS J 15 -23.78 34.73 -19.53
CA HIS J 15 -23.52 33.69 -20.52
C HIS J 15 -24.68 33.47 -21.48
N ALA J 16 -25.90 33.37 -20.94
CA ALA J 16 -27.07 33.15 -21.78
C ALA J 16 -27.31 34.33 -22.72
N LYS J 17 -27.13 35.55 -22.22
CA LYS J 17 -27.34 36.72 -23.06
C LYS J 17 -26.34 36.75 -24.21
N MET J 18 -25.12 36.31 -23.93
CA MET J 18 -24.06 36.31 -24.92
C MET J 18 -24.17 35.17 -25.93
N ALA J 19 -24.57 33.99 -25.48
CA ALA J 19 -24.62 32.83 -26.36
C ALA J 19 -25.96 32.39 -26.95
N THR J 20 -27.07 32.83 -26.38
CA THR J 20 -28.36 32.40 -26.92
C THR J 20 -28.52 32.67 -28.41
N GLY J 21 -28.89 31.63 -29.16
CA GLY J 21 -29.09 31.76 -30.58
C GLY J 21 -27.80 31.77 -31.41
N ILE J 22 -26.66 31.74 -30.72
CA ILE J 22 -25.37 31.77 -31.40
C ILE J 22 -24.56 30.51 -31.10
N GLY J 23 -24.48 30.15 -29.83
CA GLY J 23 -23.73 28.96 -29.44
C GLY J 23 -22.39 29.27 -28.83
N ASP J 24 -21.79 28.24 -28.25
CA ASP J 24 -20.47 28.31 -27.62
C ASP J 24 -19.71 27.17 -28.30
N PRO J 25 -18.51 27.45 -28.85
CA PRO J 25 -17.75 28.71 -28.88
C PRO J 25 -18.05 29.73 -29.99
N GLN J 26 -19.15 29.57 -30.72
CA GLN J 26 -19.46 30.53 -31.79
C GLN J 26 -19.53 31.97 -31.26
N CYS J 27 -19.96 32.14 -30.03
CA CYS J 27 -20.09 33.48 -29.44
C CYS J 27 -18.77 34.22 -29.23
N PHE J 28 -17.65 33.51 -29.36
CA PHE J 28 -16.34 34.13 -29.18
C PHE J 28 -15.64 34.38 -30.51
N LYS J 29 -16.32 34.02 -31.60
CA LYS J 29 -15.75 34.18 -32.93
C LYS J 29 -15.28 35.60 -33.21
N GLY J 30 -14.06 35.70 -33.76
CA GLY J 30 -13.49 36.99 -34.09
C GLY J 30 -12.79 37.73 -32.96
N MET J 31 -12.92 37.22 -31.74
CA MET J 31 -12.33 37.90 -30.58
C MET J 31 -10.85 37.61 -30.33
N ALA J 32 -10.28 36.63 -31.02
CA ALA J 32 -8.87 36.30 -30.81
C ALA J 32 -7.92 37.08 -31.71
N GLY J 33 -8.45 37.72 -32.75
CA GLY J 33 -7.60 38.46 -33.66
C GLY J 33 -6.93 37.49 -34.61
N LYS J 34 -5.80 37.89 -35.20
CA LYS J 34 -5.10 37.03 -36.16
C LYS J 34 -4.38 35.85 -35.48
N SER J 35 -4.58 34.65 -36.02
CA SER J 35 -3.95 33.45 -35.47
C SER J 35 -2.44 33.52 -35.68
N LYS J 36 -1.70 33.01 -34.69
CA LYS J 36 -0.26 33.01 -34.75
C LYS J 36 0.27 31.89 -35.64
N PHE J 37 -0.51 30.82 -35.76
CA PHE J 37 -0.11 29.68 -36.57
C PHE J 37 -1.13 29.33 -37.65
N ASN J 38 -0.70 28.53 -38.63
CA ASN J 38 -1.56 28.12 -39.74
C ASN J 38 -1.59 26.61 -39.90
N VAL J 39 -2.59 26.13 -40.65
CA VAL J 39 -2.71 24.70 -40.91
C VAL J 39 -1.43 24.26 -41.61
N GLY J 40 -0.87 23.13 -41.17
CA GLY J 40 0.35 22.65 -41.78
C GLY J 40 1.59 22.94 -40.95
N ASP J 41 1.53 23.94 -40.08
CA ASP J 41 2.68 24.29 -39.25
C ASP J 41 3.02 23.20 -38.24
N ARG J 42 4.33 23.01 -38.02
CA ARG J 42 4.81 22.05 -37.04
C ARG J 42 4.97 22.85 -35.76
N VAL J 43 4.42 22.35 -34.65
CA VAL J 43 4.52 23.06 -33.38
C VAL J 43 4.89 22.13 -32.24
N ARG J 44 5.60 22.66 -31.26
CA ARG J 44 6.02 21.91 -30.09
C ARG J 44 5.17 22.42 -28.93
N ILE J 45 4.76 21.52 -28.05
CA ILE J 45 3.92 21.91 -26.92
C ILE J 45 4.77 22.41 -25.75
N LYS J 46 4.59 23.66 -25.37
CA LYS J 46 5.34 24.26 -24.25
C LYS J 46 4.87 23.63 -22.94
N ASP J 47 5.81 23.34 -22.04
CA ASP J 47 5.44 22.75 -20.77
C ASP J 47 5.16 23.87 -19.76
N LEU J 48 4.04 24.54 -19.95
CA LEU J 48 3.64 25.63 -19.06
C LEU J 48 3.23 25.08 -17.71
N PRO J 49 3.39 25.88 -16.64
CA PRO J 49 3.01 25.44 -15.30
C PRO J 49 1.57 24.95 -15.33
N ASP J 50 1.27 23.89 -14.59
CA ASP J 50 -0.09 23.34 -14.59
C ASP J 50 -0.78 23.41 -13.22
N LEU J 51 -0.24 24.23 -12.33
CA LEU J 51 -0.82 24.37 -11.00
C LEU J 51 -2.31 24.69 -11.04
N PHE J 52 -3.09 23.96 -10.24
CA PHE J 52 -4.53 24.12 -10.12
C PHE J 52 -5.41 23.67 -11.29
N TYR J 53 -5.01 23.96 -12.52
CA TYR J 53 -5.82 23.53 -13.67
C TYR J 53 -5.13 23.64 -15.02
N THR J 54 -5.47 22.71 -15.91
CA THR J 54 -4.96 22.68 -17.27
C THR J 54 -5.75 21.63 -18.04
N ARG J 55 -5.91 21.85 -19.34
CA ARG J 55 -6.58 20.89 -20.18
C ARG J 55 -5.62 20.49 -21.31
N THR J 56 -4.34 20.76 -21.11
CA THR J 56 -3.31 20.38 -22.07
C THR J 56 -2.58 19.25 -21.35
N MET J 57 -2.98 18.02 -21.68
CA MET J 57 -2.46 16.81 -21.07
C MET J 57 -0.95 16.73 -20.94
N THR J 58 -0.51 16.23 -19.79
CA THR J 58 0.91 16.09 -19.52
C THR J 58 1.57 15.23 -20.59
N TYR J 59 0.88 14.21 -21.10
CA TYR J 59 1.49 13.35 -22.10
C TYR J 59 1.90 14.06 -23.40
N THR J 60 1.39 15.27 -23.62
CA THR J 60 1.75 16.02 -24.84
C THR J 60 2.90 17.02 -24.64
N ARG J 61 3.25 17.31 -23.40
CA ARG J 61 4.29 18.30 -23.12
C ARG J 61 5.65 18.01 -23.77
N GLY J 62 6.16 18.98 -24.52
CA GLY J 62 7.45 18.83 -25.16
C GLY J 62 7.44 18.06 -26.47
N ALA J 63 6.28 17.55 -26.85
CA ALA J 63 6.19 16.80 -28.10
C ALA J 63 5.88 17.73 -29.27
N THR J 64 6.20 17.29 -30.47
CA THR J 64 5.95 18.09 -31.67
C THR J 64 4.86 17.43 -32.51
N GLY J 65 3.96 18.25 -33.04
CA GLY J 65 2.89 17.74 -33.87
C GLY J 65 2.60 18.68 -35.02
N THR J 66 1.61 18.32 -35.83
CA THR J 66 1.22 19.13 -36.99
C THR J 66 -0.18 19.69 -36.81
N ILE J 67 -0.34 20.99 -37.05
CA ILE J 67 -1.65 21.61 -36.95
C ILE J 67 -2.46 21.18 -38.18
N VAL J 68 -3.64 20.61 -37.96
CA VAL J 68 -4.46 20.18 -39.09
C VAL J 68 -5.74 20.99 -39.22
N ARG J 69 -6.03 21.84 -38.23
CA ARG J 69 -7.23 22.68 -38.29
C ARG J 69 -7.26 23.74 -37.21
N LEU J 70 -7.77 24.92 -37.56
CA LEU J 70 -7.95 25.99 -36.59
C LEU J 70 -9.43 25.75 -36.31
N VAL J 71 -9.72 25.12 -35.17
CA VAL J 71 -11.09 24.75 -34.85
C VAL J 71 -12.07 25.84 -34.44
N TYR J 72 -11.63 26.80 -33.62
CA TYR J 72 -12.50 27.89 -33.16
C TYR J 72 -11.72 28.80 -32.24
N GLU J 73 -12.38 29.84 -31.75
CA GLU J 73 -11.77 30.80 -30.83
C GLU J 73 -12.54 30.67 -29.52
N SER J 74 -11.84 30.76 -28.40
CA SER J 74 -12.49 30.64 -27.12
C SER J 74 -11.56 31.03 -25.98
N PRO J 75 -12.11 31.36 -24.80
CA PRO J 75 -11.19 31.70 -23.73
C PRO J 75 -10.51 30.36 -23.43
N ALA J 76 -9.28 30.39 -22.91
CA ALA J 76 -8.61 29.16 -22.59
C ALA J 76 -9.34 28.57 -21.38
N ALA J 77 -9.38 27.24 -21.27
CA ALA J 77 -10.07 26.62 -20.15
C ALA J 77 -9.46 27.08 -18.83
N GLU J 78 -8.15 27.31 -18.85
CA GLU J 78 -7.43 27.75 -17.66
C GLU J 78 -8.01 29.05 -17.12
N ASP J 79 -8.67 29.83 -17.99
CA ASP J 79 -9.29 31.08 -17.56
C ASP J 79 -10.79 30.90 -17.36
N GLU J 80 -11.44 30.23 -18.32
CA GLU J 80 -12.86 30.01 -18.25
C GLU J 80 -13.28 29.27 -16.97
N ALA J 81 -12.45 28.31 -16.55
CA ALA J 81 -12.74 27.52 -15.35
C ALA J 81 -12.67 28.32 -14.05
N PHE J 82 -12.19 29.55 -14.12
CA PHE J 82 -12.11 30.38 -12.92
C PHE J 82 -12.94 31.65 -13.09
N GLY J 83 -13.82 31.63 -14.09
CA GLY J 83 -14.71 32.75 -14.35
C GLY J 83 -14.11 33.92 -15.10
N ASN J 84 -12.97 33.70 -15.74
CA ASN J 84 -12.28 34.75 -16.47
C ASN J 84 -12.41 34.52 -17.97
N GLU J 85 -13.29 35.29 -18.62
CA GLU J 85 -13.52 35.13 -20.06
C GLU J 85 -13.14 36.35 -20.90
N GLU J 86 -12.40 37.29 -20.30
CA GLU J 86 -11.99 38.51 -21.01
C GLU J 86 -11.03 38.30 -22.18
N ASN J 87 -10.23 37.24 -22.11
CA ASN J 87 -9.26 36.95 -23.17
C ASN J 87 -9.69 35.74 -23.97
N VAL J 88 -9.62 35.86 -25.28
CA VAL J 88 -10.00 34.80 -26.18
C VAL J 88 -8.82 34.45 -27.08
N GLU J 89 -8.58 33.16 -27.31
CA GLU J 89 -7.48 32.78 -28.19
C GLU J 89 -7.85 31.66 -29.14
N TRP J 90 -7.03 31.48 -30.16
CA TRP J 90 -7.26 30.44 -31.16
C TRP J 90 -6.95 29.05 -30.62
N PHE J 91 -7.80 28.09 -30.98
CA PHE J 91 -7.61 26.70 -30.60
C PHE J 91 -7.22 25.94 -31.86
N TYR J 92 -6.27 25.01 -31.73
CA TYR J 92 -5.78 24.24 -32.87
C TYR J 92 -5.91 22.74 -32.66
N SER J 93 -6.27 22.00 -33.73
CA SER J 93 -6.32 20.56 -33.62
C SER J 93 -4.95 20.14 -34.10
N ILE J 94 -4.25 19.37 -33.27
CA ILE J 94 -2.90 18.94 -33.59
C ILE J 94 -2.76 17.41 -33.68
N VAL J 95 -2.02 16.95 -34.68
CA VAL J 95 -1.82 15.51 -34.86
C VAL J 95 -0.38 15.14 -34.51
N PHE J 96 -0.23 14.19 -33.60
CA PHE J 96 1.07 13.69 -33.14
C PHE J 96 1.29 12.27 -33.63
N ALA J 97 2.53 11.94 -33.95
CA ALA J 97 2.85 10.57 -34.34
C ALA J 97 2.95 9.85 -32.99
N GLN J 98 2.32 8.67 -32.88
CA GLN J 98 2.37 7.95 -31.62
C GLN J 98 3.80 7.70 -31.11
N LYS J 99 4.71 7.44 -32.05
CA LYS J 99 6.10 7.18 -31.69
C LYS J 99 6.75 8.38 -31.00
N ASP J 100 6.21 9.58 -31.24
CA ASP J 100 6.78 10.77 -30.62
C ASP J 100 6.24 11.00 -29.21
N LEU J 101 5.22 10.25 -28.83
CA LEU J 101 4.64 10.38 -27.50
C LEU J 101 5.10 9.25 -26.60
N TRP J 102 5.07 8.04 -27.16
CA TRP J 102 5.41 6.84 -26.39
C TRP J 102 6.69 6.17 -26.91
N PRO J 103 7.77 6.21 -26.10
CA PRO J 103 9.05 5.60 -26.46
C PRO J 103 8.98 4.17 -26.97
N GLU J 104 8.08 3.39 -26.37
CA GLU J 104 7.92 1.98 -26.71
C GLU J 104 7.05 1.68 -27.94
N TYR J 105 6.40 2.68 -28.51
CA TYR J 105 5.55 2.42 -29.66
C TYR J 105 6.30 1.66 -30.76
N SER J 106 5.68 0.61 -31.28
CA SER J 106 6.28 -0.24 -32.30
C SER J 106 6.34 0.33 -33.72
N ASP J 107 7.50 0.14 -34.36
CA ASP J 107 7.70 0.60 -35.73
C ASP J 107 6.73 -0.12 -36.66
N THR J 108 6.19 -1.25 -36.20
CA THR J 108 5.25 -2.01 -37.01
C THR J 108 3.99 -1.20 -37.27
N PHE J 109 3.62 -0.36 -36.30
CA PHE J 109 2.45 0.49 -36.42
C PHE J 109 2.94 1.92 -36.66
N ALA J 110 3.77 2.04 -37.70
CA ALA J 110 4.42 3.28 -38.10
C ALA J 110 3.54 4.50 -38.40
N ASN J 111 2.29 4.27 -38.79
CA ASN J 111 1.42 5.39 -39.14
C ASN J 111 0.40 5.84 -38.10
N ASP J 112 0.38 5.19 -36.94
CA ASP J 112 -0.58 5.56 -35.89
C ASP J 112 -0.36 6.96 -35.35
N THR J 113 -1.46 7.64 -35.04
CA THR J 113 -1.40 9.02 -34.54
C THR J 113 -2.40 9.31 -33.43
N LEU J 114 -2.25 10.50 -32.85
CA LEU J 114 -3.15 10.98 -31.81
C LEU J 114 -3.48 12.43 -32.15
N GLU J 115 -4.78 12.74 -32.18
CA GLU J 115 -5.20 14.10 -32.48
C GLU J 115 -5.92 14.69 -31.28
N THR J 116 -5.56 15.93 -30.91
CA THR J 116 -6.20 16.57 -29.78
C THR J 116 -6.10 18.08 -29.95
N GLU J 117 -6.87 18.84 -29.15
CA GLU J 117 -6.88 20.29 -29.27
C GLU J 117 -6.10 21.04 -28.20
N ILE J 118 -5.38 22.07 -28.64
CA ILE J 118 -4.56 22.87 -27.73
C ILE J 118 -4.65 24.36 -28.06
N PRO J 119 -4.85 25.20 -27.04
CA PRO J 119 -4.94 26.64 -27.33
C PRO J 119 -3.56 27.21 -27.65
N GLU J 120 -3.56 28.30 -28.41
CA GLU J 120 -2.34 28.95 -28.87
C GLU J 120 -1.22 29.20 -27.86
N ARG J 121 -1.58 29.52 -26.61
CA ARG J 121 -0.58 29.80 -25.58
C ARG J 121 0.44 28.67 -25.37
N TYR J 122 0.05 27.44 -25.66
CA TYR J 122 0.93 26.29 -25.48
C TYR J 122 1.80 25.96 -26.68
N LEU J 123 1.60 26.66 -27.79
CA LEU J 123 2.34 26.38 -29.01
C LEU J 123 3.53 27.26 -29.35
N GLU J 124 4.58 26.63 -29.85
CA GLU J 124 5.77 27.33 -30.30
C GLU J 124 6.20 26.64 -31.58
N LYS J 125 6.65 27.43 -32.55
CA LYS J 125 7.11 26.91 -33.83
C LYS J 125 8.17 25.84 -33.56
N ALA J 126 8.03 24.68 -34.19
CA ALA J 126 9.00 23.60 -34.00
C ALA J 126 10.31 23.93 -34.69
N SER K 3 -19.33 -22.60 -14.18
CA SER K 3 -18.51 -23.56 -13.38
C SER K 3 -18.13 -22.97 -12.03
N SER K 4 -18.38 -23.73 -10.97
CA SER K 4 -18.05 -23.28 -9.62
C SER K 4 -16.54 -23.23 -9.47
N ILE K 5 -15.84 -24.17 -10.11
CA ILE K 5 -14.39 -24.19 -10.02
C ILE K 5 -13.81 -23.00 -10.77
N ARG K 6 -14.33 -22.71 -11.96
CA ARG K 6 -13.82 -21.57 -12.72
C ARG K 6 -14.08 -20.28 -11.93
N GLU K 7 -15.24 -20.20 -11.29
CA GLU K 7 -15.55 -19.02 -10.50
C GLU K 7 -14.53 -18.87 -9.37
N GLU K 8 -14.15 -19.98 -8.75
CA GLU K 8 -13.16 -19.91 -7.68
C GLU K 8 -11.81 -19.51 -8.24
N VAL K 9 -11.49 -20.00 -9.44
CA VAL K 9 -10.22 -19.68 -10.07
C VAL K 9 -10.13 -18.18 -10.33
N HIS K 10 -11.19 -17.61 -10.90
CA HIS K 10 -11.17 -16.19 -11.18
C HIS K 10 -11.20 -15.32 -9.93
N ARG K 11 -11.84 -15.80 -8.87
CA ARG K 11 -11.85 -15.03 -7.62
C ARG K 11 -10.43 -15.05 -7.07
N HIS K 12 -9.75 -16.18 -7.24
CA HIS K 12 -8.38 -16.32 -6.76
C HIS K 12 -7.44 -15.37 -7.47
N LEU K 13 -7.53 -15.32 -8.80
CA LEU K 13 -6.67 -14.43 -9.58
C LEU K 13 -6.86 -12.97 -9.16
N GLY K 14 -8.08 -12.63 -8.76
CA GLY K 14 -8.34 -11.27 -8.34
C GLY K 14 -7.84 -10.99 -6.93
N THR K 15 -7.99 -11.99 -6.06
CA THR K 15 -7.58 -11.87 -4.67
C THR K 15 -6.07 -11.76 -4.45
N VAL K 16 -5.27 -12.55 -5.16
CA VAL K 16 -3.82 -12.47 -4.96
C VAL K 16 -3.26 -11.09 -5.30
N ALA K 17 -4.00 -10.31 -6.08
CA ALA K 17 -3.54 -8.97 -6.44
C ALA K 17 -3.44 -8.11 -5.17
N LEU K 18 -4.31 -8.38 -4.21
CA LEU K 18 -4.33 -7.65 -2.95
C LEU K 18 -3.02 -7.87 -2.18
N MET K 19 -2.40 -9.03 -2.41
CA MET K 19 -1.18 -9.41 -1.72
C MET K 19 0.11 -9.08 -2.47
N GLN K 20 0.00 -8.38 -3.59
CA GLN K 20 1.18 -8.00 -4.37
C GLN K 20 2.15 -7.24 -3.47
N PRO K 21 3.39 -7.74 -3.33
CA PRO K 21 4.38 -7.08 -2.49
C PRO K 21 4.71 -5.68 -2.97
N ALA K 22 4.99 -4.80 -2.01
CA ALA K 22 5.33 -3.42 -2.32
C ALA K 22 6.12 -2.82 -1.17
N LEU K 23 6.78 -1.71 -1.46
CA LEU K 23 7.51 -0.98 -0.43
C LEU K 23 6.52 0.16 -0.19
N HIS K 24 5.76 0.02 0.89
CA HIS K 24 4.70 0.96 1.23
C HIS K 24 5.17 2.02 2.22
N GLN K 25 5.41 3.21 1.70
CA GLN K 25 5.89 4.33 2.51
C GLN K 25 4.78 5.32 2.85
N GLN K 26 4.26 5.22 4.07
CA GLN K 26 3.21 6.14 4.51
C GLN K 26 3.84 7.52 4.58
N THR K 27 3.07 8.54 4.20
CA THR K 27 3.55 9.92 4.24
C THR K 27 2.76 10.68 5.30
N HIS K 28 3.47 11.25 6.27
CA HIS K 28 2.83 12.00 7.34
C HIS K 28 3.41 13.41 7.43
N ALA K 29 2.97 14.27 6.49
CA ALA K 29 3.43 15.66 6.44
C ALA K 29 4.95 15.78 6.47
N PRO K 30 5.63 15.24 5.45
CA PRO K 30 7.09 15.29 5.32
C PRO K 30 7.59 16.72 5.29
N ALA K 31 8.84 16.94 5.70
CA ALA K 31 9.43 18.27 5.67
C ALA K 31 9.70 18.65 4.22
N PRO K 32 9.85 19.96 3.94
CA PRO K 32 10.11 20.43 2.58
C PRO K 32 11.33 19.78 1.95
N THR K 33 12.31 19.43 2.79
CA THR K 33 13.53 18.80 2.31
C THR K 33 13.33 17.38 1.80
N GLU K 34 12.13 16.83 2.00
CA GLU K 34 11.82 15.48 1.55
C GLU K 34 11.00 15.50 0.27
N ILE K 35 10.74 16.70 -0.24
CA ILE K 35 9.98 16.86 -1.47
C ILE K 35 10.89 17.26 -2.61
N THR K 36 11.05 16.36 -3.57
CA THR K 36 11.88 16.59 -4.75
C THR K 36 10.99 17.30 -5.77
N HIS K 37 11.58 17.80 -6.85
CA HIS K 37 10.77 18.44 -7.87
C HIS K 37 9.81 17.41 -8.46
N THR K 38 10.30 16.19 -8.62
CA THR K 38 9.48 15.11 -9.16
C THR K 38 8.23 14.91 -8.31
N LEU K 39 8.40 14.84 -6.99
CA LEU K 39 7.27 14.67 -6.10
C LEU K 39 6.38 15.91 -6.08
N PHE K 40 7.00 17.10 -6.14
CA PHE K 40 6.22 18.33 -6.14
C PHE K 40 5.27 18.33 -7.34
N ARG K 41 5.79 18.00 -8.52
CA ARG K 41 4.97 17.98 -9.73
C ARG K 41 3.87 16.92 -9.61
N ALA K 42 4.20 15.77 -9.02
CA ALA K 42 3.21 14.70 -8.87
C ALA K 42 2.12 15.05 -7.86
N TYR K 43 2.47 15.72 -6.78
CA TYR K 43 1.47 16.09 -5.78
C TYR K 43 0.58 17.24 -6.24
N THR K 44 1.14 18.17 -7.02
CA THR K 44 0.39 19.33 -7.48
C THR K 44 -0.29 19.12 -8.84
N ARG K 45 -0.20 17.89 -9.34
CA ARG K 45 -0.81 17.47 -10.60
C ARG K 45 -2.31 17.77 -10.55
N VAL K 46 -2.93 17.85 -11.72
CA VAL K 46 -4.38 18.02 -11.78
C VAL K 46 -4.81 16.55 -11.92
N PRO K 47 -5.53 15.99 -10.92
CA PRO K 47 -5.98 14.59 -10.92
C PRO K 47 -6.61 14.01 -12.17
N HIS K 48 -7.33 14.82 -12.94
CA HIS K 48 -8.01 14.32 -14.12
C HIS K 48 -7.12 13.96 -15.31
N ASP K 49 -5.85 14.37 -15.25
CA ASP K 49 -4.89 14.14 -16.33
C ASP K 49 -4.22 12.76 -16.20
N VAL K 50 -4.94 11.71 -16.60
CA VAL K 50 -4.44 10.33 -16.48
C VAL K 50 -3.97 9.65 -17.77
N GLY K 51 -4.19 10.29 -18.91
CA GLY K 51 -3.78 9.68 -20.17
C GLY K 51 -2.32 9.23 -20.20
N GLY K 52 -2.08 7.99 -20.58
CA GLY K 52 -0.72 7.49 -20.66
C GLY K 52 -0.26 6.72 -19.44
N GLU K 53 -1.03 6.79 -18.35
CA GLU K 53 -0.69 6.06 -17.14
C GLU K 53 -0.90 4.57 -17.37
N ALA K 54 0.03 3.75 -16.89
CA ALA K 54 -0.10 2.31 -17.05
C ALA K 54 -1.29 1.80 -16.24
N ASP K 55 -2.04 0.86 -16.82
CA ASP K 55 -3.18 0.24 -16.16
C ASP K 55 -3.31 -1.15 -16.76
N VAL K 56 -4.10 -2.00 -16.11
CA VAL K 56 -4.28 -3.36 -16.56
C VAL K 56 -5.50 -3.53 -17.45
N PRO K 57 -5.65 -4.71 -18.07
CA PRO K 57 -6.81 -4.91 -18.93
C PRO K 57 -7.98 -5.26 -18.01
N ILE K 58 -9.15 -4.66 -18.24
CA ILE K 58 -10.31 -5.02 -17.44
C ILE K 58 -11.41 -5.35 -18.41
N GLU K 59 -12.31 -6.23 -18.00
CA GLU K 59 -13.43 -6.58 -18.87
C GLU K 59 -14.44 -5.45 -18.70
N TYR K 60 -14.49 -4.56 -19.67
CA TYR K 60 -15.39 -3.41 -19.61
C TYR K 60 -16.86 -3.81 -19.49
N HIS K 61 -17.58 -3.09 -18.62
CA HIS K 61 -18.99 -3.35 -18.41
C HIS K 61 -19.83 -2.09 -18.65
N GLU K 62 -21.10 -2.31 -18.92
CA GLU K 62 -22.05 -1.21 -19.09
C GLU K 62 -22.60 -1.12 -17.67
N LYS K 63 -23.22 0.01 -17.32
CA LYS K 63 -23.81 0.13 -16.00
C LYS K 63 -25.16 0.79 -16.11
N GLU K 64 -26.13 0.21 -15.42
CA GLU K 64 -27.48 0.71 -15.38
C GLU K 64 -27.44 2.03 -14.62
N GLU K 65 -28.24 3.00 -15.07
CA GLU K 65 -28.27 4.31 -14.45
C GLU K 65 -29.15 4.37 -13.20
N GLU K 66 -28.63 5.01 -12.15
CA GLU K 66 -29.38 5.17 -10.91
C GLU K 66 -30.27 6.38 -11.11
N ILE K 67 -31.45 6.38 -10.49
CA ILE K 67 -32.33 7.53 -10.62
C ILE K 67 -31.59 8.77 -10.13
N TRP K 68 -30.83 8.64 -9.04
CA TRP K 68 -30.12 9.81 -8.51
C TRP K 68 -29.03 10.31 -9.45
N GLU K 69 -28.49 9.45 -10.30
CA GLU K 69 -27.46 9.88 -11.23
C GLU K 69 -28.10 10.71 -12.34
N LEU K 70 -29.25 10.27 -12.82
CA LEU K 70 -29.95 11.00 -13.86
C LEU K 70 -30.35 12.38 -13.30
N ASN K 71 -30.78 12.42 -12.04
CA ASN K 71 -31.18 13.69 -11.43
C ASN K 71 -29.99 14.61 -11.19
N THR K 72 -28.85 14.02 -10.83
CA THR K 72 -27.64 14.80 -10.59
C THR K 72 -27.16 15.45 -11.90
N PHE K 73 -27.19 14.67 -12.97
CA PHE K 73 -26.77 15.19 -14.27
C PHE K 73 -27.65 16.38 -14.67
N ALA K 74 -28.96 16.23 -14.52
CA ALA K 74 -29.89 17.28 -14.86
C ALA K 74 -29.66 18.52 -13.99
N THR K 75 -29.40 18.31 -12.71
CA THR K 75 -29.15 19.43 -11.81
C THR K 75 -27.91 20.19 -12.25
N CYS K 76 -26.85 19.47 -12.59
CA CYS K 76 -25.62 20.12 -13.01
C CYS K 76 -25.80 20.92 -14.31
N GLU K 77 -26.51 20.37 -15.28
CA GLU K 77 -26.72 21.10 -16.52
C GLU K 77 -27.69 22.27 -16.29
N CYS K 78 -28.67 22.10 -15.40
CA CYS K 78 -29.61 23.19 -15.14
C CYS K 78 -28.89 24.34 -14.44
N LEU K 79 -27.97 24.01 -13.53
CA LEU K 79 -27.22 25.05 -12.83
C LEU K 79 -26.41 25.87 -13.83
N ALA K 80 -25.90 25.21 -14.87
CA ALA K 80 -25.11 25.88 -15.89
C ALA K 80 -26.02 26.67 -16.84
N TRP K 81 -27.10 26.03 -17.24
CA TRP K 81 -28.08 26.66 -18.13
C TRP K 81 -28.51 27.98 -17.51
N ARG K 82 -28.79 27.95 -16.20
CA ARG K 82 -29.24 29.14 -15.51
C ARG K 82 -28.16 30.08 -14.95
N GLY K 83 -26.92 29.90 -15.40
CA GLY K 83 -25.84 30.79 -15.00
C GLY K 83 -25.10 30.70 -13.67
N VAL K 84 -25.32 29.64 -12.91
CA VAL K 84 -24.62 29.49 -11.63
C VAL K 84 -23.13 29.19 -11.90
N TRP K 85 -22.88 28.50 -13.00
CA TRP K 85 -21.52 28.16 -13.44
C TRP K 85 -21.50 27.78 -14.91
N THR K 86 -20.29 27.70 -15.50
CA THR K 86 -20.14 27.25 -16.87
C THR K 86 -19.64 25.82 -16.68
N ALA K 87 -19.70 25.00 -17.71
CA ALA K 87 -19.26 23.62 -17.58
C ALA K 87 -17.78 23.55 -17.21
N GLU K 88 -16.99 24.51 -17.67
CA GLU K 88 -15.57 24.48 -17.35
C GLU K 88 -15.33 24.71 -15.87
N GLU K 89 -16.11 25.59 -15.25
CA GLU K 89 -15.96 25.80 -13.82
C GLU K 89 -16.33 24.49 -13.13
N ARG K 90 -17.35 23.80 -13.63
CA ARG K 90 -17.74 22.52 -13.03
C ARG K 90 -16.61 21.49 -13.14
N ARG K 91 -16.04 21.35 -14.33
CA ARG K 91 -14.96 20.37 -14.53
C ARG K 91 -13.79 20.62 -13.59
N ARG K 92 -13.37 21.88 -13.49
CA ARG K 92 -12.25 22.21 -12.63
C ARG K 92 -12.54 21.83 -11.18
N LYS K 93 -13.76 22.12 -10.71
CA LYS K 93 -14.14 21.81 -9.34
C LYS K 93 -14.37 20.32 -9.10
N GLN K 94 -15.01 19.67 -10.07
CA GLN K 94 -15.39 18.27 -10.00
C GLN K 94 -14.31 17.23 -10.28
N ASN K 95 -13.49 17.48 -11.29
CA ASN K 95 -12.46 16.53 -11.68
C ASN K 95 -11.06 16.86 -11.20
N CYS K 96 -10.89 18.03 -10.60
CA CYS K 96 -9.57 18.44 -10.12
C CYS K 96 -9.53 18.86 -8.66
N ASP K 97 -10.33 19.86 -8.30
CA ASP K 97 -10.35 20.35 -6.91
C ASP K 97 -10.67 19.30 -5.86
N VAL K 98 -11.40 18.24 -6.24
CA VAL K 98 -11.74 17.20 -5.26
C VAL K 98 -10.52 16.48 -4.70
N GLY K 99 -9.39 16.55 -5.41
CA GLY K 99 -8.18 15.90 -4.92
C GLY K 99 -8.04 14.44 -5.33
N GLN K 100 -6.80 13.97 -5.34
CA GLN K 100 -6.46 12.60 -5.73
C GLN K 100 -7.28 11.48 -5.10
N THR K 101 -7.40 11.46 -3.78
CA THR K 101 -8.12 10.39 -3.08
C THR K 101 -9.59 10.26 -3.48
N VAL K 102 -10.34 11.34 -3.36
CA VAL K 102 -11.76 11.30 -3.73
C VAL K 102 -11.93 11.10 -5.23
N TYR K 103 -11.00 11.64 -6.00
CA TYR K 103 -11.09 11.51 -7.45
C TYR K 103 -11.18 10.06 -7.92
N LEU K 104 -10.45 9.16 -7.27
CA LEU K 104 -10.47 7.76 -7.66
C LEU K 104 -11.17 6.83 -6.66
N GLY K 105 -11.40 7.33 -5.45
CA GLY K 105 -12.06 6.51 -4.44
C GLY K 105 -13.58 6.52 -4.50
N MET K 106 -14.15 7.64 -4.94
CA MET K 106 -15.59 7.78 -5.04
C MET K 106 -16.08 7.53 -6.46
N PRO K 107 -17.41 7.35 -6.65
CA PRO K 107 -17.95 7.12 -7.99
C PRO K 107 -18.02 8.39 -8.82
N TYR K 108 -18.00 8.18 -10.13
CA TYR K 108 -18.08 9.24 -11.13
C TYR K 108 -19.18 10.25 -10.77
N TYR K 109 -20.43 9.79 -10.70
CA TYR K 109 -21.52 10.71 -10.37
C TYR K 109 -21.52 11.18 -8.93
N GLY K 110 -20.78 10.49 -8.07
CA GLY K 110 -20.69 10.91 -6.68
C GLY K 110 -19.96 12.25 -6.68
N ARG K 111 -18.97 12.35 -7.56
CA ARG K 111 -18.19 13.58 -7.66
C ARG K 111 -19.03 14.70 -8.29
N TRP K 112 -19.85 14.35 -9.29
CA TRP K 112 -20.71 15.34 -9.92
C TRP K 112 -21.63 15.95 -8.87
N LEU K 113 -22.22 15.08 -8.04
CA LEU K 113 -23.14 15.50 -6.99
C LEU K 113 -22.48 16.32 -5.90
N LEU K 114 -21.34 15.85 -5.40
CA LEU K 114 -20.65 16.57 -4.35
C LEU K 114 -20.31 17.97 -4.83
N THR K 115 -19.93 18.07 -6.10
CA THR K 115 -19.55 19.35 -6.68
C THR K 115 -20.73 20.27 -6.92
N ALA K 116 -21.91 19.70 -7.16
CA ALA K 116 -23.10 20.52 -7.35
C ALA K 116 -23.39 21.17 -6.00
N ALA K 117 -23.23 20.40 -4.93
CA ALA K 117 -23.46 20.92 -3.59
C ALA K 117 -22.43 21.99 -3.29
N ARG K 118 -21.20 21.74 -3.73
CA ARG K 118 -20.08 22.63 -3.52
C ARG K 118 -20.26 24.02 -4.15
N ILE K 119 -20.72 24.08 -5.40
CA ILE K 119 -20.89 25.38 -6.03
C ILE K 119 -21.93 26.22 -5.31
N LEU K 120 -22.95 25.58 -4.74
CA LEU K 120 -23.98 26.33 -4.02
C LEU K 120 -23.37 27.04 -2.81
N VAL K 121 -22.43 26.37 -2.15
CA VAL K 121 -21.78 26.94 -0.97
C VAL K 121 -20.65 27.91 -1.32
N ASP K 122 -19.79 27.55 -2.27
CA ASP K 122 -18.68 28.42 -2.63
C ASP K 122 -19.14 29.76 -3.20
N LYS K 123 -20.25 29.79 -3.93
CA LYS K 123 -20.72 31.05 -4.49
C LYS K 123 -21.77 31.71 -3.58
N GLN K 124 -21.87 31.20 -2.36
CA GLN K 124 -22.77 31.72 -1.33
C GLN K 124 -24.26 31.80 -1.65
N PHE K 125 -24.74 30.87 -2.47
CA PHE K 125 -26.16 30.82 -2.80
C PHE K 125 -26.88 30.16 -1.62
N VAL K 126 -26.15 29.33 -0.88
CA VAL K 126 -26.66 28.71 0.34
C VAL K 126 -25.47 28.72 1.30
N THR K 127 -25.74 28.76 2.61
CA THR K 127 -24.66 28.73 3.58
C THR K 127 -24.40 27.26 3.85
N LEU K 128 -23.24 26.94 4.41
CA LEU K 128 -22.96 25.54 4.70
C LEU K 128 -23.97 25.06 5.72
N THR K 129 -24.39 25.96 6.60
CA THR K 129 -25.37 25.64 7.63
C THR K 129 -26.69 25.21 6.98
N GLU K 130 -27.11 25.93 5.95
CA GLU K 130 -28.33 25.58 5.25
C GLU K 130 -28.20 24.19 4.61
N LEU K 131 -27.02 23.89 4.08
CA LEU K 131 -26.81 22.58 3.47
C LEU K 131 -26.83 21.49 4.54
N HIS K 132 -26.13 21.70 5.64
CA HIS K 132 -26.11 20.72 6.72
C HIS K 132 -27.53 20.51 7.25
N ASN K 133 -28.26 21.60 7.46
CA ASN K 133 -29.63 21.52 7.97
C ASN K 133 -30.52 20.74 7.00
N LYS K 134 -30.33 20.97 5.71
CA LYS K 134 -31.14 20.30 4.70
C LYS K 134 -30.87 18.80 4.69
N ILE K 135 -29.62 18.41 4.90
CA ILE K 135 -29.29 17.00 4.94
C ILE K 135 -30.00 16.36 6.14
N VAL K 136 -30.02 17.06 7.26
CA VAL K 136 -30.70 16.55 8.45
C VAL K 136 -32.19 16.40 8.13
N GLU K 137 -32.74 17.40 7.44
CA GLU K 137 -34.15 17.39 7.07
C GLU K 137 -34.49 16.18 6.18
N MET K 138 -33.63 15.89 5.21
CA MET K 138 -33.88 14.76 4.32
C MET K 138 -33.89 13.45 5.10
N ARG K 139 -32.93 13.28 6.00
CA ARG K 139 -32.85 12.06 6.80
C ARG K 139 -34.08 11.92 7.70
N GLU K 140 -34.54 13.03 8.27
CA GLU K 140 -35.71 13.00 9.15
C GLU K 140 -36.97 12.66 8.36
N ARG K 141 -37.04 13.15 7.12
CA ARG K 141 -38.19 12.88 6.27
C ARG K 141 -38.28 11.37 6.05
N VAL K 142 -37.13 10.75 5.82
CA VAL K 142 -37.06 9.31 5.61
C VAL K 142 -37.39 8.55 6.89
N ALA K 143 -36.77 8.94 7.99
CA ALA K 143 -36.98 8.31 9.28
C ALA K 143 -38.43 8.39 9.77
N SER K 144 -39.11 9.49 9.44
CA SER K 144 -40.50 9.68 9.87
C SER K 144 -41.54 9.03 8.96
N GLY K 145 -41.08 8.38 7.88
CA GLY K 145 -41.99 7.72 6.97
C GLY K 145 -42.72 8.62 5.97
N GLN K 146 -42.19 9.81 5.73
CA GLN K 146 -42.82 10.74 4.80
C GLN K 146 -42.26 10.60 3.38
N GLY K 147 -41.40 9.61 3.18
CA GLY K 147 -40.82 9.37 1.87
C GLY K 147 -39.72 10.33 1.45
N LEU K 148 -39.11 10.04 0.30
CA LEU K 148 -38.05 10.88 -0.23
C LEU K 148 -38.14 10.91 -1.75
N GLY K 149 -38.83 11.92 -2.27
CA GLY K 149 -38.99 12.05 -3.71
C GLY K 149 -39.38 10.73 -4.35
N GLU K 150 -38.79 10.46 -5.51
CA GLU K 150 -39.08 9.23 -6.24
C GLU K 150 -38.24 8.04 -5.74
N TYR K 151 -37.41 8.27 -4.74
CA TYR K 151 -36.56 7.22 -4.19
C TYR K 151 -37.28 6.32 -3.20
N LEU K 152 -38.15 6.92 -2.41
CA LEU K 152 -38.88 6.17 -1.39
C LEU K 152 -40.28 6.72 -1.20
N PRO K 153 -41.30 5.88 -1.39
CA PRO K 153 -42.65 6.43 -1.19
C PRO K 153 -42.99 6.59 0.29
N PRO K 154 -43.94 7.48 0.60
CA PRO K 154 -44.33 7.68 1.99
C PRO K 154 -44.81 6.34 2.53
N VAL L 24 -32.63 4.34 1.67
CA VAL L 24 -32.01 5.26 0.67
C VAL L 24 -30.53 5.45 1.00
N SER L 25 -29.74 5.77 -0.03
CA SER L 25 -28.29 5.95 0.15
C SER L 25 -27.91 7.40 0.45
N ASP L 26 -26.66 7.60 0.84
CA ASP L 26 -26.15 8.93 1.13
C ASP L 26 -26.22 9.80 -0.13
N PHE L 27 -26.08 9.16 -1.30
CA PHE L 27 -26.15 9.89 -2.55
C PHE L 27 -27.56 10.39 -2.84
N GLU L 28 -28.56 9.58 -2.52
CA GLU L 28 -29.94 9.96 -2.75
C GLU L 28 -30.35 11.08 -1.78
N ILE L 29 -29.86 11.00 -0.56
CA ILE L 29 -30.15 12.02 0.45
C ILE L 29 -29.57 13.37 -0.02
N LEU L 30 -28.30 13.33 -0.46
CA LEU L 30 -27.65 14.55 -0.90
C LEU L 30 -28.24 15.10 -2.20
N GLU L 31 -28.64 14.24 -3.11
CA GLU L 31 -29.23 14.68 -4.38
C GLU L 31 -30.49 15.48 -4.07
N MET L 32 -31.35 14.93 -3.20
CA MET L 32 -32.58 15.60 -2.82
C MET L 32 -32.29 16.95 -2.16
N ALA L 33 -31.30 16.98 -1.28
CA ALA L 33 -30.92 18.20 -0.58
C ALA L 33 -30.47 19.29 -1.55
N VAL L 34 -29.56 18.92 -2.45
CA VAL L 34 -29.05 19.87 -3.43
C VAL L 34 -30.15 20.41 -4.35
N ARG L 35 -30.98 19.51 -4.86
CA ARG L 35 -32.07 19.93 -5.74
C ARG L 35 -33.07 20.84 -5.04
N GLU L 36 -33.50 20.48 -3.84
CA GLU L 36 -34.46 21.33 -3.13
C GLU L 36 -33.87 22.71 -2.80
N LEU L 37 -32.61 22.75 -2.42
CA LEU L 37 -31.97 24.02 -2.10
C LEU L 37 -31.84 24.90 -3.35
N ALA L 38 -31.44 24.30 -4.46
CA ALA L 38 -31.28 25.04 -5.71
C ALA L 38 -32.60 25.68 -6.12
N ILE L 39 -33.68 24.91 -5.98
CA ILE L 39 -35.00 25.41 -6.34
C ILE L 39 -35.49 26.46 -5.35
N GLU L 40 -35.26 26.22 -4.06
CA GLU L 40 -35.68 27.17 -3.03
C GLU L 40 -35.00 28.53 -3.23
N LYS L 41 -33.75 28.50 -3.66
CA LYS L 41 -32.99 29.73 -3.88
C LYS L 41 -33.20 30.34 -5.27
N GLY L 42 -34.09 29.72 -6.05
CA GLY L 42 -34.37 30.24 -7.38
C GLY L 42 -33.26 30.12 -8.40
N LEU L 43 -32.35 29.18 -8.21
CA LEU L 43 -31.25 28.98 -9.16
C LEU L 43 -31.82 28.37 -10.44
N PHE L 44 -32.68 27.37 -10.28
CA PHE L 44 -33.39 26.77 -11.40
C PHE L 44 -34.71 26.29 -10.81
N SER L 45 -35.70 26.06 -11.65
CA SER L 45 -37.01 25.65 -11.17
C SER L 45 -37.24 24.15 -11.31
N ALA L 46 -38.30 23.68 -10.66
CA ALA L 46 -38.65 22.28 -10.73
C ALA L 46 -38.95 21.97 -12.20
N GLU L 47 -39.59 22.91 -12.89
CA GLU L 47 -39.91 22.71 -14.29
C GLU L 47 -38.62 22.62 -15.14
N ASP L 48 -37.62 23.42 -14.81
CA ASP L 48 -36.34 23.38 -15.56
C ASP L 48 -35.74 21.98 -15.46
N HIS L 49 -35.73 21.44 -14.25
CA HIS L 49 -35.16 20.11 -14.00
C HIS L 49 -35.90 19.06 -14.83
N ARG L 50 -37.24 19.15 -14.87
CA ARG L 50 -38.01 18.20 -15.64
C ARG L 50 -37.74 18.39 -17.13
N VAL L 51 -37.61 19.65 -17.55
CA VAL L 51 -37.32 19.95 -18.95
C VAL L 51 -36.01 19.31 -19.38
N TRP L 52 -35.00 19.37 -18.51
CA TRP L 52 -33.72 18.77 -18.88
C TRP L 52 -33.78 17.26 -18.91
N LYS L 53 -34.45 16.65 -17.94
CA LYS L 53 -34.54 15.20 -17.93
C LYS L 53 -35.29 14.73 -19.17
N ASP L 54 -36.35 15.46 -19.55
CA ASP L 54 -37.12 15.09 -20.72
C ASP L 54 -36.24 15.18 -21.97
N TYR L 55 -35.41 16.20 -22.04
CA TYR L 55 -34.51 16.37 -23.19
C TYR L 55 -33.56 15.18 -23.27
N VAL L 56 -32.93 14.83 -22.16
CA VAL L 56 -31.99 13.71 -22.14
C VAL L 56 -32.71 12.44 -22.60
N HIS L 57 -33.97 12.29 -22.22
CA HIS L 57 -34.74 11.12 -22.60
C HIS L 57 -34.95 11.05 -24.12
N THR L 58 -34.87 12.18 -24.81
CA THR L 58 -35.06 12.18 -26.27
C THR L 58 -33.78 11.83 -27.00
N LEU L 59 -32.66 11.79 -26.28
CA LEU L 59 -31.38 11.51 -26.91
C LEU L 59 -31.11 10.03 -27.14
N GLY L 60 -30.27 9.76 -28.15
CA GLY L 60 -29.92 8.39 -28.49
C GLY L 60 -28.93 8.39 -29.63
N PRO L 61 -28.42 7.21 -30.01
CA PRO L 61 -27.44 7.10 -31.11
C PRO L 61 -27.98 7.15 -32.54
N LEU L 62 -29.29 7.08 -32.71
CA LEU L 62 -29.89 7.08 -34.05
C LEU L 62 -29.55 8.25 -34.99
N PRO L 63 -29.59 9.51 -34.49
CA PRO L 63 -29.27 10.62 -35.40
C PRO L 63 -27.87 10.49 -35.99
N ALA L 64 -26.91 10.14 -35.15
CA ALA L 64 -25.53 9.96 -35.60
C ALA L 64 -25.42 8.85 -36.64
N ALA L 65 -26.13 7.75 -36.41
CA ALA L 65 -26.09 6.62 -37.34
C ALA L 65 -26.69 7.02 -38.67
N ARG L 66 -27.74 7.85 -38.62
CA ARG L 66 -28.39 8.31 -39.84
C ARG L 66 -27.46 9.24 -40.61
N LEU L 67 -26.67 10.04 -39.89
CA LEU L 67 -25.73 10.95 -40.54
C LEU L 67 -24.73 10.12 -41.34
N VAL L 68 -24.25 9.05 -40.73
CA VAL L 68 -23.29 8.18 -41.40
C VAL L 68 -23.91 7.53 -42.64
N ALA L 69 -25.12 6.99 -42.49
CA ALA L 69 -25.79 6.35 -43.62
C ALA L 69 -25.98 7.34 -44.77
N LYS L 70 -26.41 8.56 -44.44
CA LYS L 70 -26.62 9.59 -45.46
C LYS L 70 -25.30 9.92 -46.16
N ALA L 71 -24.22 9.98 -45.39
CA ALA L 71 -22.91 10.30 -45.95
C ALA L 71 -22.47 9.19 -46.91
N TRP L 72 -22.75 7.95 -46.57
CA TRP L 72 -22.38 6.83 -47.43
C TRP L 72 -23.13 6.90 -48.75
N LEU L 73 -24.34 7.44 -48.72
CA LEU L 73 -25.15 7.52 -49.94
C LEU L 73 -25.07 8.82 -50.72
N ASP L 74 -24.46 9.85 -50.14
CA ASP L 74 -24.34 11.15 -50.79
C ASP L 74 -22.95 11.76 -50.58
N PRO L 75 -22.08 11.68 -51.60
CA PRO L 75 -20.71 12.22 -51.55
C PRO L 75 -20.61 13.69 -51.14
N GLU L 76 -21.56 14.50 -51.60
CA GLU L 76 -21.57 15.92 -51.26
C GLU L 76 -21.84 16.08 -49.77
N TYR L 77 -22.79 15.30 -49.24
CA TYR L 77 -23.10 15.38 -47.82
C TYR L 77 -21.92 14.88 -47.00
N LYS L 78 -21.25 13.84 -47.48
CA LYS L 78 -20.09 13.33 -46.75
C LYS L 78 -19.03 14.40 -46.62
N LYS L 79 -18.81 15.17 -47.69
CA LYS L 79 -17.82 16.24 -47.65
C LYS L 79 -18.20 17.25 -46.58
N LEU L 80 -19.50 17.57 -46.52
CA LEU L 80 -19.98 18.53 -45.54
C LEU L 80 -19.75 18.01 -44.13
N CYS L 81 -20.00 16.71 -43.92
CA CYS L 81 -19.81 16.10 -42.61
C CYS L 81 -18.36 16.29 -42.14
N ILE L 82 -17.44 16.01 -43.05
CA ILE L 82 -16.02 16.11 -42.75
C ILE L 82 -15.53 17.54 -42.50
N GLU L 83 -16.05 18.50 -43.25
CA GLU L 83 -15.64 19.89 -43.10
C GLU L 83 -16.39 20.68 -42.05
N ASP L 84 -17.68 20.42 -41.91
CA ASP L 84 -18.52 21.18 -40.99
C ASP L 84 -19.56 20.28 -40.32
N GLY L 85 -19.14 19.57 -39.28
CA GLY L 85 -20.04 18.66 -38.56
C GLY L 85 -21.29 19.32 -38.00
N VAL L 86 -21.14 20.56 -37.54
CA VAL L 86 -22.27 21.29 -36.96
C VAL L 86 -23.36 21.50 -38.02
N GLU L 87 -22.97 21.92 -39.21
CA GLU L 87 -23.94 22.13 -40.29
C GLU L 87 -24.53 20.79 -40.75
N ALA L 88 -23.69 19.77 -40.86
CA ALA L 88 -24.16 18.45 -41.29
C ALA L 88 -25.18 17.86 -40.33
N SER L 89 -24.98 18.09 -39.03
CA SER L 89 -25.89 17.56 -38.01
C SER L 89 -27.33 18.00 -38.22
N LYS L 90 -27.52 19.18 -38.79
CA LYS L 90 -28.87 19.70 -39.01
C LYS L 90 -29.71 18.77 -39.90
N ALA L 91 -29.04 18.05 -40.81
CA ALA L 91 -29.75 17.15 -41.72
C ALA L 91 -30.43 15.98 -41.01
N VAL L 92 -29.98 15.66 -39.80
CA VAL L 92 -30.63 14.58 -39.06
C VAL L 92 -31.43 15.13 -37.88
N GLY L 93 -31.77 16.42 -37.96
CA GLY L 93 -32.59 17.04 -36.94
C GLY L 93 -31.94 17.49 -35.65
N VAL L 94 -30.62 17.39 -35.56
CA VAL L 94 -29.94 17.80 -34.34
C VAL L 94 -29.15 19.07 -34.59
N ASN L 95 -29.73 20.20 -34.17
CA ASN L 95 -29.08 21.50 -34.32
C ASN L 95 -28.36 21.70 -32.99
N TRP L 96 -27.04 21.65 -33.02
CA TRP L 96 -26.27 21.79 -31.78
C TRP L 96 -26.51 23.05 -30.98
N VAL L 97 -26.99 24.10 -31.63
CA VAL L 97 -27.27 25.35 -30.94
C VAL L 97 -28.72 25.43 -30.45
N THR L 98 -29.66 25.17 -31.35
CA THR L 98 -31.08 25.29 -31.03
C THR L 98 -31.88 24.08 -30.56
N SER L 99 -31.35 22.87 -30.68
CA SER L 99 -32.10 21.71 -30.23
C SER L 99 -32.16 21.58 -28.70
N PRO L 100 -31.05 21.86 -28.00
CA PRO L 100 -31.07 21.77 -26.54
C PRO L 100 -31.94 22.88 -25.93
N PRO L 101 -32.49 22.66 -24.73
CA PRO L 101 -33.35 23.65 -24.06
C PRO L 101 -32.76 25.05 -23.90
N THR L 102 -31.44 25.12 -23.77
CA THR L 102 -30.73 26.39 -23.58
C THR L 102 -30.80 27.33 -24.77
N GLN L 103 -30.84 26.75 -25.96
CA GLN L 103 -30.83 27.48 -27.22
C GLN L 103 -29.43 28.08 -27.44
N PHE L 104 -28.45 27.54 -26.73
CA PHE L 104 -27.06 27.96 -26.92
C PHE L 104 -26.16 26.73 -26.79
N GLY L 105 -26.75 25.58 -27.11
CA GLY L 105 -26.05 24.31 -27.03
C GLY L 105 -26.07 23.84 -25.59
N THR L 106 -25.86 22.56 -25.34
CA THR L 106 -25.84 22.11 -23.95
C THR L 106 -24.63 22.77 -23.31
N PRO L 107 -24.73 23.08 -22.01
CA PRO L 107 -23.59 23.72 -21.32
C PRO L 107 -22.32 22.87 -21.39
N SER L 108 -22.48 21.56 -21.28
CA SER L 108 -21.33 20.66 -21.26
C SER L 108 -20.83 20.04 -22.56
N ASP L 109 -21.65 20.01 -23.62
CA ASP L 109 -21.21 19.40 -24.87
C ASP L 109 -20.83 20.43 -25.92
N TYR L 110 -21.22 21.67 -25.69
CA TYR L 110 -20.91 22.80 -26.59
C TYR L 110 -21.47 22.66 -28.00
N CYS L 111 -20.97 23.47 -28.92
CA CYS L 111 -21.48 23.47 -30.30
C CYS L 111 -20.41 23.31 -31.38
N ASN L 112 -19.54 22.32 -31.24
CA ASN L 112 -18.53 22.09 -32.25
C ASN L 112 -18.30 20.62 -32.52
N LEU L 113 -19.27 20.01 -33.20
CA LEU L 113 -19.18 18.61 -33.55
C LEU L 113 -18.27 18.45 -34.76
N ARG L 114 -17.36 17.48 -34.69
CA ARG L 114 -16.49 17.20 -35.81
C ARG L 114 -16.73 15.73 -36.14
N VAL L 115 -16.84 15.42 -37.43
CA VAL L 115 -17.05 14.05 -37.87
C VAL L 115 -15.74 13.54 -38.44
N LEU L 116 -15.25 12.45 -37.87
CA LEU L 116 -13.97 11.85 -38.30
C LEU L 116 -14.22 10.73 -39.30
N ALA L 117 -13.77 10.93 -40.54
CA ALA L 117 -14.00 9.94 -41.58
C ALA L 117 -12.94 8.86 -41.77
N ASP L 118 -13.29 7.62 -41.45
CA ASP L 118 -12.40 6.49 -41.63
C ASP L 118 -12.23 6.31 -43.14
N SER L 119 -11.19 5.59 -43.53
CA SER L 119 -10.92 5.32 -44.93
C SER L 119 -10.13 4.02 -44.97
N PRO L 120 -9.80 3.52 -46.17
CA PRO L 120 -9.03 2.27 -46.25
C PRO L 120 -7.66 2.39 -45.57
N THR L 121 -7.22 3.63 -45.31
CA THR L 121 -5.92 3.86 -44.68
C THR L 121 -5.99 4.59 -43.34
N LEU L 122 -7.20 4.80 -42.82
CA LEU L 122 -7.36 5.53 -41.56
C LEU L 122 -8.57 5.06 -40.77
N LYS L 123 -8.36 4.79 -39.47
CA LYS L 123 -9.45 4.35 -38.62
C LYS L 123 -9.36 5.08 -37.28
N HIS L 124 -10.45 5.75 -36.90
CA HIS L 124 -10.50 6.56 -35.67
C HIS L 124 -11.19 5.90 -34.48
N VAL L 125 -10.79 6.32 -33.29
CA VAL L 125 -11.42 5.88 -32.05
C VAL L 125 -11.30 7.08 -31.11
N VAL L 126 -12.36 7.31 -30.33
CA VAL L 126 -12.44 8.48 -29.46
C VAL L 126 -12.45 8.21 -27.96
N VAL L 127 -11.92 9.18 -27.22
CA VAL L 127 -11.87 9.13 -25.76
C VAL L 127 -11.75 10.55 -25.23
N CYS L 128 -12.03 10.73 -23.94
CA CYS L 128 -11.85 12.02 -23.28
C CYS L 128 -10.98 11.64 -22.11
N THR L 129 -9.65 11.74 -22.27
CA THR L 129 -8.78 11.33 -21.18
C THR L 129 -8.97 12.15 -19.90
N LEU L 130 -9.39 13.40 -20.03
CA LEU L 130 -9.59 14.25 -18.85
C LEU L 130 -10.89 13.97 -18.12
N SER L 132 -15.01 12.58 -19.65
CA SER L 132 -15.96 11.72 -20.34
C SER L 132 -16.65 12.44 -21.48
N TYR L 134 -18.34 13.69 -24.52
CA TYR L 134 -19.01 12.86 -25.50
C TYR L 134 -20.04 13.70 -26.27
N PRO L 135 -20.29 13.36 -27.55
CA PRO L 135 -21.26 14.12 -28.35
C PRO L 135 -22.72 13.79 -28.00
N ARG L 136 -23.09 14.04 -26.75
CA ARG L 136 -24.45 13.73 -26.27
C ARG L 136 -25.64 14.17 -27.15
N PRO L 137 -25.64 15.42 -27.67
CA PRO L 137 -26.78 15.84 -28.49
C PRO L 137 -27.13 14.94 -29.68
N ILE L 138 -26.12 14.34 -30.30
CA ILE L 138 -26.34 13.50 -31.46
C ILE L 138 -26.15 12.00 -31.19
N LEU L 139 -25.57 11.67 -30.04
CA LEU L 139 -25.28 10.27 -29.72
C LEU L 139 -25.91 9.69 -28.44
N GLY L 140 -26.35 10.55 -27.53
CA GLY L 140 -26.92 10.04 -26.29
C GLY L 140 -25.93 10.09 -25.14
N GLN L 141 -26.24 9.40 -24.04
CA GLN L 141 -25.37 9.37 -22.86
C GLN L 141 -24.17 8.42 -23.09
N SER L 142 -23.04 8.71 -22.45
CA SER L 142 -21.84 7.92 -22.60
C SER L 142 -21.88 6.57 -21.87
N PRO L 143 -21.17 5.56 -22.38
CA PRO L 143 -21.14 4.23 -21.75
C PRO L 143 -20.34 4.31 -20.45
N GLU L 144 -20.63 3.44 -19.51
CA GLU L 144 -19.92 3.42 -18.25
C GLU L 144 -18.40 3.25 -18.45
N TRP L 145 -18.02 2.32 -19.33
CA TRP L 145 -16.60 2.06 -19.57
C TRP L 145 -15.85 3.23 -20.22
N TYR L 146 -16.56 4.03 -20.99
CA TYR L 146 -15.97 5.19 -21.66
C TYR L 146 -15.51 6.20 -20.62
N ARG L 147 -16.20 6.23 -19.47
CA ARG L 147 -15.89 7.14 -18.38
C ARG L 147 -14.83 6.60 -17.43
N SER L 148 -14.46 5.33 -17.60
CA SER L 148 -13.52 4.72 -16.69
C SER L 148 -12.08 5.20 -16.75
N PRO L 149 -11.44 5.31 -15.58
CA PRO L 149 -10.04 5.75 -15.54
C PRO L 149 -9.23 4.84 -16.45
N ASN L 150 -9.61 3.56 -16.46
CA ASN L 150 -8.90 2.56 -17.27
C ASN L 150 -8.86 2.86 -18.76
N TYR L 151 -10.02 3.13 -19.35
CA TYR L 151 -10.12 3.43 -20.77
C TYR L 151 -9.40 4.76 -21.05
N ARG L 152 -9.56 5.70 -20.13
CA ARG L 152 -8.95 7.01 -20.25
C ARG L 152 -7.43 6.99 -20.14
N ARG L 153 -6.88 6.03 -19.40
CA ARG L 153 -5.44 5.90 -19.27
C ARG L 153 -4.81 5.18 -20.46
N ARG L 154 -5.43 4.05 -20.84
CA ARG L 154 -4.90 3.18 -21.88
C ARG L 154 -5.11 3.45 -23.37
N LEU L 155 -6.30 3.84 -23.78
CA LEU L 155 -6.55 4.05 -25.21
C LEU L 155 -5.56 4.94 -25.96
N VAL L 156 -5.18 6.09 -25.38
CA VAL L 156 -4.27 6.97 -26.11
C VAL L 156 -2.87 6.40 -26.31
N ARG L 157 -2.48 5.43 -25.46
CA ARG L 157 -1.14 4.86 -25.54
C ARG L 157 -1.03 3.46 -26.15
N TRP L 158 -2.03 2.63 -25.90
CA TRP L 158 -2.04 1.26 -26.42
C TRP L 158 -3.37 1.05 -27.15
N PRO L 159 -3.69 1.90 -28.13
CA PRO L 159 -4.96 1.75 -28.84
C PRO L 159 -5.18 0.41 -29.53
N ARG L 160 -4.16 -0.14 -30.16
CA ARG L 160 -4.35 -1.41 -30.84
C ARG L 160 -4.62 -2.54 -29.86
N GLN L 161 -4.02 -2.46 -28.68
CA GLN L 161 -4.24 -3.50 -27.68
C GLN L 161 -5.65 -3.37 -27.10
N VAL L 162 -6.07 -2.14 -26.78
CA VAL L 162 -7.40 -1.92 -26.25
C VAL L 162 -8.45 -2.32 -27.28
N LEU L 163 -8.24 -1.92 -28.53
CA LEU L 163 -9.19 -2.27 -29.58
C LEU L 163 -9.28 -3.77 -29.77
N ALA L 164 -8.15 -4.46 -29.62
CA ALA L 164 -8.15 -5.91 -29.77
C ALA L 164 -9.02 -6.54 -28.67
N GLU L 165 -8.96 -5.96 -27.48
CA GLU L 165 -9.77 -6.46 -26.38
C GLU L 165 -11.25 -6.31 -26.74
N PHE L 166 -11.56 -5.26 -27.48
CA PHE L 166 -12.93 -4.99 -27.93
C PHE L 166 -13.29 -5.85 -29.14
N GLY L 167 -12.30 -6.60 -29.65
CA GLY L 167 -12.55 -7.46 -30.80
C GLY L 167 -12.32 -6.81 -32.15
N LEU L 168 -11.58 -5.71 -32.18
CA LEU L 168 -11.30 -5.00 -33.42
C LEU L 168 -9.80 -4.92 -33.72
N GLN L 169 -9.44 -5.31 -34.93
CA GLN L 169 -8.05 -5.29 -35.36
C GLN L 169 -8.00 -4.73 -36.77
N LEU L 170 -6.98 -3.92 -37.03
CA LEU L 170 -6.81 -3.34 -38.34
C LEU L 170 -5.43 -3.64 -38.86
N PRO L 171 -5.24 -3.64 -40.19
CA PRO L 171 -3.91 -3.91 -40.73
C PRO L 171 -2.87 -3.00 -40.07
N SER L 172 -1.65 -3.50 -39.93
CA SER L 172 -0.59 -2.72 -39.29
C SER L 172 -0.24 -1.42 -40.01
N GLU L 173 -0.42 -1.39 -41.33
CA GLU L 173 -0.10 -0.18 -42.10
C GLU L 173 -1.20 0.86 -42.05
N VAL L 174 -2.39 0.46 -41.64
CA VAL L 174 -3.51 1.40 -41.53
C VAL L 174 -3.21 2.32 -40.36
N GLN L 175 -3.50 3.61 -40.53
CA GLN L 175 -3.29 4.58 -39.49
C GLN L 175 -4.43 4.57 -38.48
N ILE L 176 -4.15 4.14 -37.26
CA ILE L 176 -5.18 4.20 -36.23
C ILE L 176 -4.98 5.58 -35.62
N ARG L 177 -6.04 6.38 -35.57
CA ARG L 177 -5.92 7.71 -34.96
C ARG L 177 -6.83 7.78 -33.76
N VAL L 178 -6.24 8.11 -32.61
CA VAL L 178 -7.02 8.26 -31.39
C VAL L 178 -7.28 9.75 -31.26
N ALA L 179 -8.55 10.11 -31.05
CA ALA L 179 -8.91 11.51 -30.91
C ALA L 179 -9.26 11.73 -29.44
N ASP L 180 -8.54 12.64 -28.79
CA ASP L 180 -8.77 12.94 -27.37
C ASP L 180 -9.60 14.23 -27.29
N SER L 181 -10.86 14.08 -26.89
CA SER L 181 -11.83 15.19 -26.80
C SER L 181 -11.61 16.07 -25.56
N ASN L 182 -10.49 16.77 -25.52
CA ASN L 182 -10.15 17.58 -24.35
C ASN L 182 -10.64 19.03 -24.28
N GLN L 183 -11.07 19.63 -25.38
CA GLN L 183 -11.53 21.01 -25.31
C GLN L 183 -13.02 21.06 -25.65
N LYS L 184 -13.44 21.98 -26.52
CA LYS L 184 -14.87 22.09 -26.82
C LYS L 184 -15.40 21.30 -28.00
N THR L 185 -14.53 20.56 -28.69
CA THR L 185 -14.96 19.74 -29.81
C THR L 185 -15.38 18.36 -29.34
N ARG L 186 -16.46 17.84 -29.95
CA ARG L 186 -16.95 16.49 -29.66
C ARG L 186 -16.88 15.79 -31.00
N TYR L 187 -16.60 14.49 -31.00
CA TYR L 187 -16.46 13.75 -32.24
C TYR L 187 -17.37 12.53 -32.39
N ILE L 188 -17.67 12.19 -33.64
CA ILE L 188 -18.34 10.94 -33.94
C ILE L 188 -17.52 10.38 -35.09
N VAL L 189 -17.40 9.06 -35.13
CA VAL L 189 -16.63 8.40 -36.16
C VAL L 189 -17.53 7.93 -37.27
N MET L 190 -17.15 8.24 -38.51
CA MET L 190 -17.89 7.79 -39.69
C MET L 190 -17.07 6.61 -40.21
N PRO L 191 -17.48 5.37 -39.88
CA PRO L 191 -16.74 4.19 -40.34
C PRO L 191 -16.87 4.03 -41.85
N VAL L 192 -16.00 3.22 -42.44
CA VAL L 192 -16.10 2.98 -43.87
C VAL L 192 -17.29 2.04 -44.03
N ARG L 193 -17.96 2.13 -45.17
CA ARG L 193 -19.11 1.29 -45.45
C ARG L 193 -18.62 -0.12 -45.70
N PRO L 194 -19.17 -1.11 -44.97
CA PRO L 194 -18.72 -2.49 -45.15
C PRO L 194 -19.25 -3.20 -46.40
N GLU L 195 -18.58 -4.29 -46.75
CA GLU L 195 -18.96 -5.10 -47.90
C GLU L 195 -20.27 -5.76 -47.56
N GLY L 196 -21.01 -6.16 -48.59
CA GLY L 196 -22.28 -6.83 -48.36
C GLY L 196 -23.45 -5.92 -48.10
N THR L 197 -23.37 -4.68 -48.55
CA THR L 197 -24.47 -3.73 -48.35
C THR L 197 -24.89 -3.04 -49.65
N ASP L 198 -24.58 -3.66 -50.78
CA ASP L 198 -24.94 -3.09 -52.08
C ASP L 198 -26.46 -2.91 -52.16
N GLY L 199 -26.89 -1.74 -52.61
CA GLY L 199 -28.31 -1.47 -52.76
C GLY L 199 -29.10 -1.28 -51.47
N TRP L 200 -28.42 -1.29 -50.33
CA TRP L 200 -29.09 -1.10 -49.05
C TRP L 200 -29.66 0.31 -48.97
N THR L 201 -30.78 0.44 -48.25
CA THR L 201 -31.44 1.72 -48.07
C THR L 201 -30.76 2.46 -46.93
N GLU L 202 -31.11 3.73 -46.75
CA GLU L 202 -30.54 4.53 -45.67
C GLU L 202 -30.85 3.88 -44.33
N ASP L 203 -32.09 3.37 -44.17
CA ASP L 203 -32.50 2.72 -42.92
C ASP L 203 -31.67 1.48 -42.63
N GLN L 204 -31.48 0.65 -43.65
CA GLN L 204 -30.72 -0.59 -43.51
C GLN L 204 -29.28 -0.29 -43.12
N LEU L 205 -28.70 0.73 -43.73
CA LEU L 205 -27.33 1.10 -43.45
C LEU L 205 -27.19 1.69 -42.05
N ALA L 206 -28.10 2.58 -41.69
CA ALA L 206 -28.06 3.21 -40.37
C ALA L 206 -28.18 2.18 -39.24
N GLU L 207 -28.96 1.14 -39.49
CA GLU L 207 -29.20 0.10 -38.50
C GLU L 207 -27.95 -0.62 -38.01
N ILE L 208 -26.91 -0.73 -38.86
CA ILE L 208 -25.70 -1.42 -38.44
C ILE L 208 -24.63 -0.48 -37.89
N VAL L 209 -24.92 0.82 -37.86
CA VAL L 209 -23.98 1.79 -37.31
C VAL L 209 -24.40 2.01 -35.86
N THR L 210 -23.88 1.15 -34.99
CA THR L 210 -24.18 1.16 -33.56
C THR L 210 -23.40 2.25 -32.81
N ARG L 211 -23.77 2.45 -31.55
CA ARG L 211 -23.11 3.43 -30.71
C ARG L 211 -21.61 3.13 -30.70
N ASP L 212 -21.26 1.87 -30.51
CA ASP L 212 -19.84 1.48 -30.48
C ASP L 212 -19.10 1.83 -31.76
N CYS L 213 -19.78 1.78 -32.90
CA CYS L 213 -19.15 2.13 -34.17
C CYS L 213 -18.89 3.63 -34.23
N LEU L 214 -19.77 4.41 -33.62
CA LEU L 214 -19.65 5.85 -33.62
C LEU L 214 -18.59 6.34 -32.63
N ILE L 215 -18.22 5.48 -31.69
CA ILE L 215 -17.16 5.80 -30.72
C ILE L 215 -15.85 5.34 -31.37
N GLY L 216 -15.95 4.23 -32.11
CA GLY L 216 -14.79 3.69 -32.80
C GLY L 216 -14.22 2.39 -32.27
N VAL L 217 -14.87 1.79 -31.27
CA VAL L 217 -14.36 0.54 -30.72
C VAL L 217 -14.88 -0.68 -31.49
N ALA L 218 -15.71 -0.42 -32.49
CA ALA L 218 -16.27 -1.48 -33.32
C ALA L 218 -16.48 -0.91 -34.72
N VAL L 219 -16.63 -1.78 -35.71
CA VAL L 219 -16.90 -1.33 -37.07
C VAL L 219 -18.22 -1.97 -37.46
N PRO L 220 -18.97 -1.32 -38.36
CA PRO L 220 -20.27 -1.86 -38.80
C PRO L 220 -20.17 -3.17 -39.58
N LYS L 221 -21.11 -4.07 -39.32
CA LYS L 221 -21.14 -5.37 -39.97
C LYS L 221 -22.59 -5.74 -40.31
N PRO L 222 -22.82 -6.20 -41.55
CA PRO L 222 -24.18 -6.58 -41.93
C PRO L 222 -24.69 -7.61 -40.93
N GLY L 223 -25.94 -7.47 -40.48
CA GLY L 223 -26.47 -8.45 -39.54
C GLY L 223 -26.25 -8.16 -38.07
N ILE L 224 -25.38 -7.21 -37.77
CA ILE L 224 -25.11 -6.82 -36.39
C ILE L 224 -25.73 -5.45 -36.19
N THR L 225 -26.82 -5.40 -35.44
CA THR L 225 -27.53 -4.14 -35.22
C THR L 225 -27.55 -3.64 -33.78
N VAL L 226 -26.80 -4.31 -32.90
CA VAL L 226 -26.72 -3.89 -31.50
C VAL L 226 -25.26 -3.99 -31.07
N ASN L 227 -24.90 -3.23 -30.03
CA ASN L 227 -23.54 -3.27 -29.51
C ASN L 227 -23.24 -4.68 -29.03
N ALA L 228 -21.98 -5.07 -29.09
CA ALA L 228 -21.59 -6.40 -28.64
C ALA L 228 -22.00 -6.54 -27.18
N LYS L 229 -22.52 -7.69 -26.81
CA LYS L 229 -22.95 -7.93 -25.44
C LYS L 229 -21.76 -7.88 -24.48
N ARG L 230 -21.96 -7.17 -23.37
CA ARG L 230 -20.95 -7.01 -22.32
C ARG L 230 -21.62 -7.17 -20.99
N PRO L 231 -20.83 -7.41 -19.95
CA PRO L 231 -21.43 -7.55 -18.62
C PRO L 231 -22.15 -6.23 -18.32
N VAL L 232 -23.28 -6.31 -17.64
CA VAL L 232 -24.04 -5.13 -17.28
C VAL L 232 -24.13 -5.07 -15.76
N LEU L 233 -23.56 -4.02 -15.17
CA LEU L 233 -23.60 -3.86 -13.72
C LEU L 233 -24.94 -3.20 -13.38
N LYS L 234 -25.71 -3.84 -12.51
CA LYS L 234 -27.02 -3.32 -12.13
C LYS L 234 -26.96 -2.19 -11.10
N ALA L 235 -27.92 -1.29 -11.20
CA ALA L 235 -28.01 -0.16 -10.28
C ALA L 235 -28.80 -0.60 -9.05
N ASN L 236 -28.59 0.10 -7.94
CA ASN L 236 -29.31 -0.22 -6.72
C ASN L 236 -30.76 0.21 -6.90
N ARG L 237 -30.96 1.37 -7.48
CA ARG L 237 -32.30 1.87 -7.74
C ARG L 237 -32.42 2.57 -9.08
N PRO L 238 -32.60 1.79 -10.16
CA PRO L 238 -32.73 2.37 -11.49
C PRO L 238 -34.17 2.83 -11.67
N VAL L 239 -34.46 3.38 -12.83
CA VAL L 239 -35.81 3.86 -13.12
C VAL L 239 -36.79 2.69 -13.03
#